data_8IUO
#
_entry.id   8IUO
#
_cell.length_a   1.00
_cell.length_b   1.00
_cell.length_c   1.00
_cell.angle_alpha   90.00
_cell.angle_beta   90.00
_cell.angle_gamma   90.00
#
_symmetry.space_group_name_H-M   'P 1'
#
loop_
_entity.id
_entity.type
_entity.pdbx_description
1 polymer Nucleoprotein
2 polymer 'RNA (35-MER)'
#
loop_
_entity_poly.entity_id
_entity_poly.type
_entity_poly.pdbx_seq_one_letter_code
_entity_poly.pdbx_strand_id
1 'polypeptide(L)'
;MALSKVKLNDTLNKDQLLSSSKYTIQRSTGDSIDTPNYDVQKHINKLCGMLLITEDANHKFTGLIGMLYAMSRLGREDTI
KILRDAGYHVKANGVDVTTHRQDINGKEMKFEVLTLASLTTEIQINIEIESRKSYKKMLKEMGEVAPEYRHDSPDCGMII
LCIAALVITKLAAGDRSGLTAVIRRANNVLKNEMKRYKGLLPKDIANSFYEVFEKHPHFIDVFVHFGIAQSSTRGGSRVE
GIFAGLFMNAYGAGQVMLRWGVLAKSVKNIMLGHASVQAEMEQVVEVYEYAQKLGGEAGFYHILNNPKASLLSLTQFPHF
SSVVLGNAAGLGIMGEYRGTPRNQDLYDAAKAYAEQLKENGV
;
C,A,B,D,E
2 'polyribonucleotide' UUUUUUUUUUUUUUUUUUUUUUUUUUUUUUUUUUU F
#
loop_
_chem_comp.id
_chem_comp.type
_chem_comp.name
_chem_comp.formula
U RNA linking URIDINE-5'-MONOPHOSPHATE 'C9 H13 N2 O9 P'
#
# COMPACT_ATOMS: atom_id res chain seq x y z
N MET A 1 20.73 -19.01 -29.04
CA MET A 1 21.81 -18.79 -30.03
C MET A 1 21.22 -18.09 -31.26
N ALA A 2 21.79 -18.32 -32.44
CA ALA A 2 21.36 -17.60 -33.65
C ALA A 2 19.91 -17.87 -33.99
N LEU A 3 19.33 -18.97 -33.53
CA LEU A 3 17.98 -19.32 -33.92
C LEU A 3 16.95 -18.37 -33.35
N SER A 4 17.28 -17.66 -32.27
CA SER A 4 16.27 -16.91 -31.54
C SER A 4 15.69 -15.77 -32.37
N LYS A 5 16.45 -15.25 -33.33
CA LYS A 5 16.00 -14.12 -34.14
C LYS A 5 15.28 -14.54 -35.42
N VAL A 6 15.12 -15.83 -35.65
CA VAL A 6 14.32 -16.30 -36.78
C VAL A 6 12.86 -16.11 -36.40
N LYS A 7 12.24 -15.05 -36.91
CA LYS A 7 10.90 -14.68 -36.49
C LYS A 7 10.17 -14.02 -37.64
N LEU A 8 8.86 -13.86 -37.45
CA LEU A 8 8.02 -13.23 -38.46
C LEU A 8 6.74 -12.76 -37.76
N ASN A 9 6.60 -11.44 -37.60
CA ASN A 9 5.47 -10.86 -36.88
C ASN A 9 4.43 -10.37 -37.87
N ASP A 10 3.72 -11.35 -38.44
CA ASP A 10 2.68 -11.04 -39.42
C ASP A 10 1.58 -10.18 -38.84
N THR A 11 1.28 -10.36 -37.55
CA THR A 11 0.22 -9.57 -36.92
C THR A 11 0.59 -8.10 -36.88
N LEU A 12 1.78 -7.80 -36.38
CA LEU A 12 2.23 -6.42 -36.34
C LEU A 12 2.31 -5.83 -37.73
N ASN A 13 2.73 -6.64 -38.70
CA ASN A 13 2.84 -6.11 -40.04
C ASN A 13 1.47 -5.79 -40.63
N LYS A 14 0.49 -6.65 -40.37
CA LYS A 14 -0.87 -6.35 -40.80
C LYS A 14 -1.40 -5.11 -40.12
N ASP A 15 -1.07 -4.95 -38.85
CA ASP A 15 -1.51 -3.78 -38.10
C ASP A 15 -0.96 -2.51 -38.73
N GLN A 16 0.35 -2.49 -38.98
CA GLN A 16 0.99 -1.36 -39.63
C GLN A 16 0.36 -1.07 -40.98
N LEU A 17 0.11 -2.13 -41.74
CA LEU A 17 -0.47 -2.00 -43.06
C LEU A 17 -1.82 -1.32 -42.99
N LEU A 18 -2.73 -1.87 -42.19
CA LEU A 18 -4.07 -1.32 -42.13
C LEU A 18 -4.07 0.06 -41.50
N SER A 19 -3.09 0.37 -40.66
CA SER A 19 -3.03 1.71 -40.08
C SER A 19 -2.65 2.72 -41.13
N SER A 20 -1.75 2.36 -42.05
CA SER A 20 -1.28 3.25 -43.11
C SER A 20 -1.55 2.60 -44.44
N SER A 21 -2.63 3.05 -45.09
CA SER A 21 -3.09 2.51 -46.36
C SER A 21 -3.16 3.53 -47.49
N LYS A 22 -3.11 4.83 -47.18
CA LYS A 22 -2.96 5.94 -48.11
C LYS A 22 -4.27 6.28 -48.83
N TYR A 23 -5.31 5.45 -48.74
CA TYR A 23 -6.51 5.64 -49.55
C TYR A 23 -7.73 5.46 -48.66
N THR A 24 -8.89 5.82 -49.21
CA THR A 24 -10.13 5.79 -48.45
C THR A 24 -11.29 5.67 -49.43
N ILE A 25 -12.34 4.98 -48.95
CA ILE A 25 -13.61 4.90 -49.64
C ILE A 25 -14.60 5.72 -48.84
N GLN A 26 -15.57 6.31 -49.54
CA GLN A 26 -16.52 7.21 -48.91
C GLN A 26 -17.93 6.96 -49.42
N ARG A 27 -18.89 7.09 -48.50
CA ARG A 27 -20.31 7.15 -48.81
C ARG A 27 -20.81 8.59 -48.78
N SER A 28 -20.58 9.27 -47.66
CA SER A 28 -20.88 10.69 -47.48
C SER A 28 -22.32 11.03 -47.85
N THR A 29 -23.27 10.44 -47.12
CA THR A 29 -24.68 10.62 -47.46
C THR A 29 -25.10 12.08 -47.34
N GLY A 30 -24.64 12.76 -46.28
CA GLY A 30 -25.03 14.13 -46.04
C GLY A 30 -26.26 14.30 -45.18
N ASP A 31 -26.48 13.41 -44.22
CA ASP A 31 -27.67 13.48 -43.38
C ASP A 31 -27.58 14.68 -42.44
N SER A 32 -28.72 15.01 -41.84
CA SER A 32 -28.89 16.18 -40.98
C SER A 32 -29.47 15.74 -39.63
N ILE A 33 -28.85 14.70 -39.07
CA ILE A 33 -29.33 14.13 -37.83
C ILE A 33 -29.28 15.17 -36.71
N ASP A 34 -30.24 15.07 -35.79
CA ASP A 34 -30.43 16.07 -34.76
C ASP A 34 -29.36 15.97 -33.69
N THR A 35 -29.28 17.02 -32.87
CA THR A 35 -28.43 17.04 -31.70
C THR A 35 -28.97 18.07 -30.70
N PRO A 36 -29.43 17.66 -29.51
CA PRO A 36 -29.82 18.65 -28.51
C PRO A 36 -28.67 19.09 -27.63
N ASN A 37 -28.96 19.93 -26.64
CA ASN A 37 -27.98 20.37 -25.66
C ASN A 37 -28.51 20.17 -24.26
N TYR A 38 -27.82 20.73 -23.26
CA TYR A 38 -28.13 20.45 -21.86
C TYR A 38 -29.51 20.92 -21.45
N ASP A 39 -30.15 21.80 -22.22
CA ASP A 39 -31.33 22.50 -21.72
C ASP A 39 -32.53 21.58 -21.64
N VAL A 40 -32.77 20.79 -22.69
CA VAL A 40 -34.04 20.09 -22.84
C VAL A 40 -34.05 18.75 -22.09
N GLN A 41 -33.00 18.49 -21.30
CA GLN A 41 -32.92 17.25 -20.56
C GLN A 41 -34.10 17.08 -19.63
N LYS A 42 -34.57 18.18 -19.04
CA LYS A 42 -35.66 18.09 -18.08
C LYS A 42 -36.95 17.70 -18.76
N HIS A 43 -37.24 18.34 -19.89
CA HIS A 43 -38.43 18.00 -20.65
C HIS A 43 -38.37 16.56 -21.11
N ILE A 44 -37.18 16.10 -21.53
CA ILE A 44 -37.07 14.75 -22.04
C ILE A 44 -37.25 13.74 -20.91
N ASN A 45 -36.71 14.05 -19.74
CA ASN A 45 -36.87 13.17 -18.60
C ASN A 45 -38.34 13.09 -18.19
N LYS A 46 -39.03 14.22 -18.21
CA LYS A 46 -40.46 14.22 -17.92
C LYS A 46 -41.21 13.36 -18.94
N LEU A 47 -40.80 13.44 -20.20
CA LEU A 47 -41.45 12.66 -21.24
C LEU A 47 -41.25 11.17 -21.00
N CYS A 48 -40.01 10.78 -20.70
CA CYS A 48 -39.73 9.38 -20.41
C CYS A 48 -40.50 8.91 -19.19
N GLY A 49 -40.65 9.80 -18.19
CA GLY A 49 -41.42 9.43 -17.02
C GLY A 49 -42.88 9.22 -17.34
N MET A 50 -43.44 10.05 -18.21
CA MET A 50 -44.80 9.84 -18.67
C MET A 50 -44.92 8.49 -19.37
N LEU A 51 -43.98 8.22 -20.27
CA LEU A 51 -44.01 6.97 -21.03
C LEU A 51 -43.74 5.76 -20.16
N LEU A 52 -43.18 5.95 -18.98
CA LEU A 52 -42.98 4.86 -18.04
C LEU A 52 -44.22 4.64 -17.18
N ILE A 53 -44.80 5.71 -16.62
CA ILE A 53 -45.96 5.54 -15.75
C ILE A 53 -47.15 5.03 -16.55
N THR A 54 -47.25 5.42 -17.82
CA THR A 54 -48.36 4.93 -18.63
C THR A 54 -48.23 3.44 -18.86
N GLU A 55 -49.37 2.77 -18.91
CA GLU A 55 -49.42 1.32 -19.03
C GLU A 55 -49.52 0.90 -20.49
N ASP A 56 -48.89 -0.23 -20.80
CA ASP A 56 -48.99 -0.92 -22.10
C ASP A 56 -48.81 0.02 -23.29
N ALA A 57 -48.00 1.05 -23.12
CA ALA A 57 -47.73 1.96 -24.24
C ALA A 57 -46.84 1.28 -25.26
N ASN A 58 -47.04 1.66 -26.52
CA ASN A 58 -46.26 1.08 -27.60
C ASN A 58 -44.82 1.60 -27.54
N HIS A 59 -43.95 0.86 -26.85
CA HIS A 59 -42.56 1.26 -26.70
C HIS A 59 -41.85 1.02 -28.03
N LYS A 60 -42.11 1.92 -28.97
CA LYS A 60 -41.57 1.83 -30.32
C LYS A 60 -40.33 2.71 -30.50
N PHE A 61 -40.47 4.00 -30.24
CA PHE A 61 -39.39 4.97 -30.41
C PHE A 61 -38.59 5.17 -29.14
N THR A 62 -38.72 4.25 -28.18
CA THR A 62 -38.09 4.43 -26.88
C THR A 62 -36.58 4.43 -27.00
N GLY A 63 -36.02 3.59 -27.86
CA GLY A 63 -34.57 3.58 -28.03
C GLY A 63 -34.07 4.88 -28.61
N LEU A 64 -34.80 5.42 -29.58
CA LEU A 64 -34.47 6.72 -30.13
C LEU A 64 -34.50 7.78 -29.05
N ILE A 65 -35.55 7.76 -28.23
CA ILE A 65 -35.71 8.76 -27.18
C ILE A 65 -34.56 8.68 -26.20
N GLY A 66 -34.14 7.46 -25.87
CA GLY A 66 -33.02 7.31 -24.97
C GLY A 66 -31.73 7.81 -25.57
N MET A 67 -31.54 7.58 -26.86
CA MET A 67 -30.35 8.12 -27.51
C MET A 67 -30.36 9.63 -27.51
N LEU A 68 -31.55 10.22 -27.62
CA LEU A 68 -31.63 11.68 -27.56
C LEU A 68 -31.30 12.18 -26.17
N TYR A 69 -31.78 11.45 -25.15
CA TYR A 69 -31.38 11.75 -23.79
C TYR A 69 -29.87 11.70 -23.64
N ALA A 70 -29.24 10.71 -24.26
CA ALA A 70 -27.80 10.56 -24.15
C ALA A 70 -27.08 11.74 -24.80
N MET A 71 -27.52 12.12 -26.00
CA MET A 71 -26.87 13.23 -26.69
C MET A 71 -27.05 14.52 -25.92
N SER A 72 -28.22 14.70 -25.30
CA SER A 72 -28.45 15.89 -24.50
C SER A 72 -27.56 15.90 -23.26
N ARG A 73 -27.38 14.74 -22.66
CA ARG A 73 -26.49 14.64 -21.49
C ARG A 73 -25.05 14.87 -21.89
N LEU A 74 -24.71 14.56 -23.14
CA LEU A 74 -23.32 14.70 -23.58
C LEU A 74 -23.00 16.14 -23.94
N GLY A 75 -23.65 16.64 -24.99
CA GLY A 75 -23.31 17.94 -25.55
C GLY A 75 -23.16 17.91 -27.06
N ARG A 76 -23.64 18.98 -27.67
CA ARG A 76 -23.63 19.11 -29.13
C ARG A 76 -22.22 18.96 -29.69
N GLU A 77 -21.31 19.79 -29.19
CA GLU A 77 -19.95 19.81 -29.73
C GLU A 77 -19.25 18.48 -29.52
N ASP A 78 -19.49 17.83 -28.39
CA ASP A 78 -18.81 16.57 -28.11
C ASP A 78 -19.32 15.47 -29.02
N THR A 79 -20.64 15.41 -29.22
CA THR A 79 -21.22 14.44 -30.14
C THR A 79 -20.63 14.64 -31.54
N ILE A 80 -20.61 15.89 -31.99
CA ILE A 80 -20.09 16.18 -33.32
C ILE A 80 -18.63 15.78 -33.40
N LYS A 81 -17.88 16.01 -32.33
CA LYS A 81 -16.46 15.68 -32.33
C LYS A 81 -16.25 14.20 -32.50
N ILE A 82 -16.96 13.39 -31.72
CA ILE A 82 -16.75 11.96 -31.81
C ILE A 82 -17.23 11.44 -33.15
N LEU A 83 -18.26 12.05 -33.72
CA LEU A 83 -18.72 11.63 -35.03
C LEU A 83 -17.68 11.93 -36.11
N ARG A 84 -17.05 13.10 -36.03
CA ARG A 84 -16.01 13.43 -37.00
C ARG A 84 -14.79 12.54 -36.82
N ASP A 85 -14.49 12.17 -35.57
CA ASP A 85 -13.42 11.21 -35.34
C ASP A 85 -13.76 9.87 -35.95
N ALA A 86 -15.03 9.50 -35.86
CA ALA A 86 -15.52 8.29 -36.51
C ALA A 86 -15.52 8.41 -38.03
N GLY A 87 -15.48 9.63 -38.55
CA GLY A 87 -15.39 9.84 -39.98
C GLY A 87 -16.72 9.90 -40.68
N TYR A 88 -17.56 10.84 -40.28
CA TYR A 88 -18.88 11.05 -40.87
C TYR A 88 -18.95 12.38 -41.60
N HIS A 89 -20.03 12.52 -42.36
CA HIS A 89 -20.28 13.66 -43.22
C HIS A 89 -21.70 14.15 -43.04
N VAL A 90 -22.10 14.32 -41.77
CA VAL A 90 -23.47 14.63 -41.40
C VAL A 90 -23.55 16.06 -40.87
N LYS A 91 -24.78 16.52 -40.59
CA LYS A 91 -25.03 17.87 -40.13
C LYS A 91 -25.81 17.83 -38.82
N ALA A 92 -25.98 19.01 -38.24
CA ALA A 92 -26.56 19.17 -36.91
C ALA A 92 -27.88 19.92 -37.05
N ASN A 93 -28.97 19.18 -37.13
CA ASN A 93 -30.31 19.76 -37.10
C ASN A 93 -30.62 20.14 -35.66
N GLY A 94 -30.40 21.42 -35.33
CA GLY A 94 -30.58 21.85 -33.96
C GLY A 94 -32.01 21.70 -33.50
N VAL A 95 -32.15 21.36 -32.22
CA VAL A 95 -33.44 21.12 -31.61
C VAL A 95 -33.91 22.40 -30.93
N ASP A 96 -35.22 22.58 -30.88
CA ASP A 96 -35.81 23.79 -30.32
C ASP A 96 -37.13 23.44 -29.67
N VAL A 97 -37.31 23.91 -28.45
CA VAL A 97 -38.55 23.70 -27.72
C VAL A 97 -39.60 24.69 -28.22
N THR A 98 -40.86 24.28 -28.14
CA THR A 98 -41.96 25.16 -28.55
C THR A 98 -43.26 24.59 -28.03
N THR A 99 -44.28 25.46 -28.04
CA THR A 99 -45.63 25.07 -27.70
C THR A 99 -46.40 24.73 -28.96
N HIS A 100 -47.34 23.80 -28.82
CA HIS A 100 -48.24 23.42 -29.90
C HIS A 100 -49.68 23.61 -29.44
N ARG A 101 -50.49 24.17 -30.33
CA ARG A 101 -51.90 24.42 -30.08
C ARG A 101 -52.72 23.34 -30.76
N GLN A 102 -53.71 22.82 -30.04
CA GLN A 102 -54.58 21.78 -30.58
C GLN A 102 -55.92 21.87 -29.86
N ASP A 103 -56.98 22.10 -30.62
CA ASP A 103 -58.32 22.12 -30.05
C ASP A 103 -58.72 20.68 -29.79
N ILE A 104 -58.17 20.09 -28.73
CA ILE A 104 -58.55 18.74 -28.32
C ILE A 104 -60.02 18.73 -27.94
N ASN A 105 -60.81 17.90 -28.65
CA ASN A 105 -62.23 17.61 -28.45
C ASN A 105 -63.01 18.79 -27.88
N GLY A 106 -62.83 19.95 -28.51
CA GLY A 106 -63.49 21.16 -28.09
C GLY A 106 -62.77 21.96 -27.03
N LYS A 107 -61.46 21.77 -26.87
CA LYS A 107 -60.68 22.49 -25.87
C LYS A 107 -59.33 22.83 -26.48
N GLU A 108 -59.03 24.12 -26.62
CA GLU A 108 -57.68 24.53 -26.98
C GLU A 108 -56.76 24.35 -25.79
N MET A 109 -55.66 23.62 -26.01
CA MET A 109 -54.71 23.33 -24.96
C MET A 109 -53.30 23.56 -25.48
N LYS A 110 -52.41 23.93 -24.57
CA LYS A 110 -51.00 24.11 -24.87
C LYS A 110 -50.29 22.77 -24.70
N PHE A 111 -49.30 22.53 -25.54
CA PHE A 111 -48.61 21.25 -25.59
C PHE A 111 -47.12 21.49 -25.79
N GLU A 112 -46.34 21.07 -24.81
CA GLU A 112 -44.90 21.17 -24.89
C GLU A 112 -44.36 20.17 -25.89
N VAL A 113 -43.69 20.66 -26.94
CA VAL A 113 -43.15 19.81 -27.99
C VAL A 113 -41.82 20.38 -28.46
N LEU A 114 -41.06 19.53 -29.15
CA LEU A 114 -39.75 19.87 -29.68
C LEU A 114 -39.74 19.62 -31.18
N THR A 115 -39.24 20.59 -31.93
CA THR A 115 -39.12 20.40 -33.37
C THR A 115 -38.02 19.39 -33.67
N LEU A 116 -38.35 18.40 -34.51
CA LEU A 116 -37.41 17.35 -34.84
C LEU A 116 -37.73 16.82 -36.23
N ALA A 117 -36.70 16.22 -36.83
CA ALA A 117 -36.76 15.60 -38.17
C ALA A 117 -37.07 14.11 -38.02
N SER A 118 -37.54 13.70 -36.84
CA SER A 118 -37.91 12.26 -36.62
C SER A 118 -39.13 12.10 -35.70
N LEU A 119 -39.55 13.17 -35.01
CA LEU A 119 -40.69 13.14 -34.13
C LEU A 119 -41.89 13.85 -34.74
N THR A 120 -43.04 13.67 -34.10
CA THR A 120 -44.27 14.33 -34.50
C THR A 120 -45.03 14.79 -33.27
N THR A 121 -45.46 16.05 -33.32
CA THR A 121 -46.18 16.63 -32.19
C THR A 121 -47.45 15.85 -31.89
N GLU A 122 -48.06 15.27 -32.93
CA GLU A 122 -49.23 14.42 -32.77
C GLU A 122 -48.96 13.28 -31.79
N ILE A 123 -47.95 12.47 -32.06
CA ILE A 123 -47.68 11.34 -31.19
C ILE A 123 -47.19 11.84 -29.84
N GLN A 124 -46.50 12.98 -29.81
CA GLN A 124 -46.08 13.56 -28.53
C GLN A 124 -47.30 13.83 -27.64
N ILE A 125 -48.31 14.51 -28.19
CA ILE A 125 -49.47 14.85 -27.38
C ILE A 125 -50.27 13.60 -27.08
N ASN A 126 -50.26 12.61 -27.97
CA ASN A 126 -50.91 11.35 -27.68
C ASN A 126 -50.31 10.71 -26.44
N ILE A 127 -48.97 10.67 -26.39
CA ILE A 127 -48.27 10.11 -25.25
C ILE A 127 -48.64 10.87 -23.99
N GLU A 128 -48.63 12.21 -24.08
CA GLU A 128 -48.92 13.02 -22.91
C GLU A 128 -50.34 12.80 -22.41
N ILE A 129 -51.28 12.65 -23.35
CA ILE A 129 -52.67 12.44 -22.98
C ILE A 129 -52.84 11.11 -22.29
N GLU A 130 -52.25 10.05 -22.85
CA GLU A 130 -52.36 8.73 -22.24
C GLU A 130 -51.74 8.72 -20.86
N SER A 131 -50.58 9.37 -20.72
CA SER A 131 -49.93 9.46 -19.42
C SER A 131 -50.84 10.17 -18.42
N ARG A 132 -51.44 11.29 -18.83
CA ARG A 132 -52.31 12.04 -17.94
C ARG A 132 -53.50 11.20 -17.52
N LYS A 133 -54.10 10.48 -18.47
CA LYS A 133 -55.29 9.68 -18.18
C LYS A 133 -54.98 8.59 -17.17
N SER A 134 -53.97 7.77 -17.45
CA SER A 134 -53.67 6.70 -16.51
C SER A 134 -53.08 7.25 -15.22
N TYR A 135 -52.52 8.45 -15.23
CA TYR A 135 -52.00 9.05 -14.01
C TYR A 135 -53.13 9.48 -13.09
N LYS A 136 -54.15 10.12 -13.63
CA LYS A 136 -55.30 10.44 -12.81
C LYS A 136 -56.03 9.18 -12.38
N LYS A 137 -56.03 8.14 -13.22
CA LYS A 137 -56.57 6.86 -12.79
C LYS A 137 -55.78 6.30 -11.61
N MET A 138 -54.46 6.42 -11.66
CA MET A 138 -53.64 5.99 -10.54
C MET A 138 -53.93 6.82 -9.30
N LEU A 139 -54.21 8.11 -9.49
CA LEU A 139 -54.60 8.94 -8.36
C LEU A 139 -55.90 8.44 -7.76
N LYS A 140 -56.80 7.93 -8.60
CA LYS A 140 -57.97 7.25 -8.07
C LYS A 140 -57.53 6.00 -7.31
N GLU A 141 -58.43 5.51 -6.48
CA GLU A 141 -58.29 4.29 -5.66
C GLU A 141 -57.14 4.33 -4.65
N MET A 142 -56.42 5.44 -4.54
CA MET A 142 -55.49 5.67 -3.45
C MET A 142 -55.52 7.09 -2.90
N GLY A 143 -56.00 8.08 -3.66
CA GLY A 143 -56.06 9.45 -3.21
C GLY A 143 -54.84 10.27 -3.60
N GLU A 144 -53.66 9.66 -3.62
CA GLU A 144 -52.45 10.38 -3.96
C GLU A 144 -51.36 9.38 -4.32
N VAL A 145 -50.48 9.80 -5.21
CA VAL A 145 -49.31 9.03 -5.61
C VAL A 145 -48.08 9.66 -4.98
N ALA A 146 -47.08 8.83 -4.71
CA ALA A 146 -45.83 9.33 -4.17
C ALA A 146 -45.04 10.06 -5.25
N PRO A 147 -44.04 10.86 -4.85
CA PRO A 147 -43.17 11.48 -5.87
C PRO A 147 -42.38 10.48 -6.68
N GLU A 148 -42.14 9.28 -6.14
CA GLU A 148 -41.44 8.22 -6.85
C GLU A 148 -42.36 7.38 -7.72
N TYR A 149 -43.56 7.89 -8.03
CA TYR A 149 -44.49 7.22 -8.93
C TYR A 149 -44.92 8.10 -10.10
N ARG A 150 -44.44 9.33 -10.17
CA ARG A 150 -44.85 10.29 -11.18
C ARG A 150 -43.73 10.53 -12.18
N HIS A 151 -44.11 11.12 -13.32
CA HIS A 151 -43.15 11.36 -14.39
C HIS A 151 -42.07 12.36 -13.99
N ASP A 152 -42.28 13.14 -12.93
CA ASP A 152 -41.37 14.21 -12.60
C ASP A 152 -40.03 13.72 -12.06
N SER A 153 -39.93 12.46 -11.66
CA SER A 153 -38.71 11.99 -11.03
C SER A 153 -37.62 11.79 -12.09
N PRO A 154 -36.35 11.80 -11.68
CA PRO A 154 -35.26 12.00 -12.65
C PRO A 154 -34.54 10.75 -13.17
N ASP A 155 -35.00 9.55 -12.86
CA ASP A 155 -34.22 8.34 -13.12
C ASP A 155 -34.68 7.58 -14.37
N CYS A 156 -35.57 8.18 -15.16
CA CYS A 156 -36.21 7.43 -16.23
C CYS A 156 -35.23 7.07 -17.34
N GLY A 157 -34.49 8.05 -17.84
CA GLY A 157 -33.55 7.78 -18.91
C GLY A 157 -32.51 6.76 -18.52
N MET A 158 -32.07 6.80 -17.27
CA MET A 158 -31.10 5.82 -16.81
C MET A 158 -31.75 4.44 -16.74
N ILE A 159 -33.03 4.39 -16.38
CA ILE A 159 -33.73 3.11 -16.35
C ILE A 159 -33.75 2.50 -17.75
N ILE A 160 -33.99 3.32 -18.76
CA ILE A 160 -34.02 2.78 -20.12
C ILE A 160 -32.62 2.36 -20.54
N LEU A 161 -31.63 3.17 -20.21
CA LEU A 161 -30.28 2.88 -20.66
C LEU A 161 -29.71 1.64 -19.99
N CYS A 162 -30.26 1.25 -18.84
CA CYS A 162 -29.86 -0.02 -18.26
C CYS A 162 -30.21 -1.17 -19.20
N ILE A 163 -31.43 -1.16 -19.73
CA ILE A 163 -31.82 -2.17 -20.71
C ILE A 163 -30.96 -2.05 -21.96
N ALA A 164 -30.62 -0.82 -22.32
CA ALA A 164 -29.74 -0.64 -23.47
C ALA A 164 -28.41 -1.34 -23.27
N ALA A 165 -27.87 -1.26 -22.05
CA ALA A 165 -26.63 -1.96 -21.75
C ALA A 165 -26.82 -3.46 -21.79
N LEU A 166 -27.97 -3.93 -21.30
CA LEU A 166 -28.24 -5.35 -21.38
C LEU A 166 -28.28 -5.84 -22.81
N VAL A 167 -28.69 -4.96 -23.73
CA VAL A 167 -28.78 -5.37 -25.13
C VAL A 167 -27.42 -5.31 -25.80
N ILE A 168 -26.66 -4.25 -25.54
CA ILE A 168 -25.35 -4.14 -26.15
C ILE A 168 -24.42 -5.21 -25.62
N THR A 169 -24.75 -5.81 -24.47
CA THR A 169 -24.06 -7.00 -24.03
C THR A 169 -24.07 -8.08 -25.12
N LYS A 170 -25.25 -8.46 -25.58
CA LYS A 170 -25.40 -9.58 -26.50
C LYS A 170 -25.42 -9.15 -27.96
N LEU A 171 -25.26 -7.87 -28.25
CA LEU A 171 -25.23 -7.46 -29.65
C LEU A 171 -24.04 -8.03 -30.42
N ALA A 172 -23.03 -8.58 -29.73
CA ALA A 172 -21.92 -9.21 -30.41
C ALA A 172 -22.40 -10.30 -31.36
N ALA A 173 -23.11 -11.29 -30.83
CA ALA A 173 -23.88 -12.18 -31.69
C ALA A 173 -24.90 -11.38 -32.48
N GLY A 174 -25.70 -10.56 -31.78
CA GLY A 174 -26.58 -9.61 -32.43
C GLY A 174 -27.54 -10.19 -33.46
N ASP A 175 -28.19 -11.30 -33.12
CA ASP A 175 -29.16 -11.94 -33.99
C ASP A 175 -30.45 -12.22 -33.24
N ARG A 176 -30.75 -11.40 -32.24
CA ARG A 176 -31.95 -11.54 -31.43
C ARG A 176 -32.03 -12.90 -30.74
N SER A 177 -30.86 -13.46 -30.40
CA SER A 177 -30.80 -14.73 -29.70
C SER A 177 -30.80 -14.58 -28.19
N GLY A 178 -30.04 -13.61 -27.67
CA GLY A 178 -29.91 -13.42 -26.24
C GLY A 178 -31.05 -12.71 -25.57
N LEU A 179 -32.15 -12.48 -26.29
CA LEU A 179 -33.28 -11.76 -25.73
C LEU A 179 -33.83 -12.45 -24.48
N THR A 180 -33.83 -13.78 -24.49
CA THR A 180 -34.38 -14.52 -23.35
C THR A 180 -33.54 -14.28 -22.10
N ALA A 181 -32.23 -14.44 -22.22
CA ALA A 181 -31.35 -14.19 -21.08
C ALA A 181 -31.42 -12.74 -20.65
N VAL A 182 -31.61 -11.84 -21.61
CA VAL A 182 -31.74 -10.43 -21.29
C VAL A 182 -32.95 -10.21 -20.40
N ILE A 183 -34.09 -10.77 -20.80
CA ILE A 183 -35.30 -10.63 -20.01
C ILE A 183 -35.11 -11.27 -18.64
N ARG A 184 -34.44 -12.42 -18.63
CA ARG A 184 -34.19 -13.13 -17.35
C ARG A 184 -33.38 -12.22 -16.43
N ARG A 185 -32.39 -11.52 -16.97
CA ARG A 185 -31.52 -10.65 -16.14
C ARG A 185 -32.24 -9.34 -15.80
N ALA A 186 -33.22 -8.94 -16.62
CA ALA A 186 -34.03 -7.73 -16.31
C ALA A 186 -35.03 -8.08 -15.20
N ASN A 187 -35.31 -9.37 -15.01
CA ASN A 187 -36.21 -9.81 -13.93
C ASN A 187 -35.35 -10.24 -12.73
N ASN A 188 -34.08 -10.56 -12.98
CA ASN A 188 -33.15 -10.92 -11.87
C ASN A 188 -33.00 -9.69 -10.97
N VAL A 189 -32.98 -8.50 -11.57
CA VAL A 189 -32.91 -7.25 -10.77
C VAL A 189 -34.07 -6.33 -11.16
N LEU A 190 -33.92 -5.01 -10.95
CA LEU A 190 -34.95 -4.02 -11.26
C LEU A 190 -36.32 -4.43 -10.75
N LYS A 191 -36.38 -5.31 -9.76
CA LYS A 191 -37.68 -5.69 -9.23
C LYS A 191 -38.33 -4.52 -8.53
N ASN A 192 -37.52 -3.75 -7.81
CA ASN A 192 -38.02 -2.52 -7.18
C ASN A 192 -38.63 -1.59 -8.22
N GLU A 193 -37.95 -1.45 -9.35
CA GLU A 193 -38.45 -0.55 -10.39
C GLU A 193 -39.69 -1.12 -11.06
N MET A 194 -39.71 -2.43 -11.26
CA MET A 194 -40.86 -3.06 -11.89
C MET A 194 -42.10 -2.95 -11.03
N LYS A 195 -41.93 -2.88 -9.71
CA LYS A 195 -43.09 -2.64 -8.85
C LYS A 195 -43.40 -1.16 -8.71
N ARG A 196 -42.39 -0.30 -8.84
CA ARG A 196 -42.63 1.14 -8.67
C ARG A 196 -43.25 1.77 -9.90
N TYR A 197 -43.06 1.17 -11.08
CA TYR A 197 -43.65 1.66 -12.31
C TYR A 197 -44.21 0.47 -13.08
N LYS A 198 -44.92 0.77 -14.17
CA LYS A 198 -45.71 -0.22 -14.88
C LYS A 198 -45.51 -0.23 -16.38
N GLY A 199 -45.07 0.88 -16.98
CA GLY A 199 -44.84 0.88 -18.41
C GLY A 199 -43.52 0.24 -18.77
N LEU A 200 -43.36 -1.03 -18.40
CA LEU A 200 -42.12 -1.78 -18.58
C LEU A 200 -42.41 -2.98 -19.45
N LEU A 201 -42.05 -2.89 -20.72
CA LEU A 201 -42.15 -3.98 -21.70
C LEU A 201 -40.73 -4.29 -22.13
N PRO A 202 -40.01 -5.15 -21.38
CA PRO A 202 -38.60 -5.39 -21.73
C PRO A 202 -38.40 -5.94 -23.12
N LYS A 203 -39.24 -6.89 -23.54
CA LYS A 203 -39.11 -7.43 -24.88
C LYS A 203 -39.32 -6.36 -25.94
N ASP A 204 -40.30 -5.49 -25.73
CA ASP A 204 -40.61 -4.48 -26.73
C ASP A 204 -39.51 -3.44 -26.81
N ILE A 205 -39.01 -3.03 -25.65
CA ILE A 205 -37.89 -2.09 -25.59
C ILE A 205 -36.69 -2.69 -26.31
N ALA A 206 -36.43 -3.97 -26.07
CA ALA A 206 -35.28 -4.61 -26.68
C ALA A 206 -35.43 -4.71 -28.19
N ASN A 207 -36.64 -5.01 -28.67
CA ASN A 207 -36.86 -5.07 -30.09
C ASN A 207 -36.67 -3.70 -30.72
N SER A 208 -37.17 -2.66 -30.05
CA SER A 208 -36.99 -1.29 -30.52
C SER A 208 -35.50 -0.97 -30.63
N PHE A 209 -34.74 -1.31 -29.59
CA PHE A 209 -33.31 -1.06 -29.61
C PHE A 209 -32.62 -1.83 -30.71
N TYR A 210 -33.05 -3.07 -30.94
CA TYR A 210 -32.47 -3.86 -32.02
C TYR A 210 -32.69 -3.20 -33.35
N GLU A 211 -33.91 -2.71 -33.60
CA GLU A 211 -34.19 -2.01 -34.84
C GLU A 211 -33.29 -0.80 -34.98
N VAL A 212 -33.17 -0.03 -33.90
CA VAL A 212 -32.40 1.22 -33.94
C VAL A 212 -30.94 0.91 -34.28
N PHE A 213 -30.37 -0.08 -33.61
CA PHE A 213 -28.97 -0.38 -33.83
C PHE A 213 -28.74 -1.03 -35.18
N GLU A 214 -29.73 -1.77 -35.67
CA GLU A 214 -29.59 -2.41 -36.98
C GLU A 214 -29.59 -1.38 -38.08
N LYS A 215 -30.41 -0.33 -37.94
CA LYS A 215 -30.48 0.70 -38.97
C LYS A 215 -29.37 1.72 -38.82
N HIS A 216 -29.48 2.57 -37.80
CA HIS A 216 -28.46 3.63 -37.57
C HIS A 216 -27.38 3.05 -36.69
N PRO A 217 -26.11 2.94 -37.14
CA PRO A 217 -25.05 2.35 -36.32
C PRO A 217 -24.30 3.35 -35.46
N HIS A 218 -24.20 4.60 -35.92
CA HIS A 218 -23.41 5.61 -35.22
C HIS A 218 -23.86 5.79 -33.78
N PHE A 219 -25.14 5.57 -33.51
CA PHE A 219 -25.63 5.57 -32.14
C PHE A 219 -24.90 4.55 -31.27
N ILE A 220 -24.32 3.51 -31.86
CA ILE A 220 -23.55 2.54 -31.10
C ILE A 220 -22.37 3.24 -30.44
N ASP A 221 -21.54 3.90 -31.26
CA ASP A 221 -20.38 4.61 -30.74
C ASP A 221 -20.81 5.68 -29.75
N VAL A 222 -21.93 6.34 -30.04
CA VAL A 222 -22.46 7.35 -29.13
C VAL A 222 -22.68 6.75 -27.75
N PHE A 223 -23.49 5.69 -27.72
CA PHE A 223 -23.86 5.05 -26.46
C PHE A 223 -22.63 4.52 -25.74
N VAL A 224 -21.66 4.02 -26.50
CA VAL A 224 -20.45 3.47 -25.91
C VAL A 224 -19.70 4.55 -25.15
N HIS A 225 -19.37 5.64 -25.85
CA HIS A 225 -18.61 6.70 -25.21
C HIS A 225 -19.40 7.31 -24.07
N PHE A 226 -20.73 7.33 -24.19
CA PHE A 226 -21.56 7.86 -23.11
C PHE A 226 -21.42 7.01 -21.86
N GLY A 227 -21.53 5.70 -22.03
CA GLY A 227 -21.40 4.81 -20.88
C GLY A 227 -20.02 4.91 -20.26
N ILE A 228 -18.99 5.05 -21.10
CA ILE A 228 -17.64 5.15 -20.58
C ILE A 228 -17.49 6.40 -19.75
N ALA A 229 -18.01 7.52 -20.24
CA ALA A 229 -17.90 8.76 -19.51
C ALA A 229 -18.69 8.70 -18.21
N GLN A 230 -19.87 8.09 -18.25
CA GLN A 230 -20.68 8.01 -17.04
C GLN A 230 -20.01 7.14 -16.01
N SER A 231 -19.33 6.09 -16.44
CA SER A 231 -18.68 5.20 -15.49
C SER A 231 -17.52 5.90 -14.80
N SER A 232 -16.77 6.71 -15.54
CA SER A 232 -15.61 7.39 -14.99
C SER A 232 -16.02 8.37 -13.91
N THR A 233 -17.16 9.00 -14.05
CA THR A 233 -17.67 9.84 -12.99
C THR A 233 -18.02 8.99 -11.78
N ARG A 234 -18.25 9.66 -10.69
CA ARG A 234 -18.62 9.04 -9.42
C ARG A 234 -19.91 9.61 -8.86
N GLY A 235 -20.20 10.88 -9.10
CA GLY A 235 -21.39 11.48 -8.56
C GLY A 235 -22.63 10.87 -9.17
N GLY A 236 -23.34 10.04 -8.40
CA GLY A 236 -24.50 9.33 -8.97
C GLY A 236 -25.41 8.73 -7.92
N SER A 237 -26.39 7.94 -8.36
CA SER A 237 -27.34 7.28 -7.41
C SER A 237 -27.22 5.76 -7.53
N ARG A 238 -28.18 5.03 -7.01
CA ARG A 238 -28.18 3.55 -7.13
C ARG A 238 -28.28 3.18 -8.61
N VAL A 239 -29.24 3.76 -9.33
CA VAL A 239 -29.45 3.44 -10.78
C VAL A 239 -28.16 3.70 -11.55
N GLU A 240 -27.46 4.80 -11.25
CA GLU A 240 -26.21 5.14 -11.96
C GLU A 240 -25.16 4.04 -11.71
N GLY A 241 -25.02 3.59 -10.46
CA GLY A 241 -24.10 2.47 -10.16
C GLY A 241 -24.51 1.21 -10.90
N ILE A 242 -25.75 0.77 -10.70
CA ILE A 242 -26.31 -0.37 -11.43
C ILE A 242 -25.92 -0.30 -12.90
N PHE A 243 -26.15 0.86 -13.51
CA PHE A 243 -25.90 1.02 -14.93
C PHE A 243 -24.42 0.80 -15.24
N ALA A 244 -23.55 1.31 -14.39
CA ALA A 244 -22.12 1.18 -14.66
C ALA A 244 -21.68 -0.26 -14.54
N GLY A 245 -22.15 -0.97 -13.51
CA GLY A 245 -21.82 -2.37 -13.40
C GLY A 245 -22.30 -3.16 -14.60
N LEU A 246 -23.51 -2.85 -15.07
CA LEU A 246 -24.06 -3.56 -16.22
C LEU A 246 -23.24 -3.29 -17.47
N PHE A 247 -22.90 -2.02 -17.69
CA PHE A 247 -22.14 -1.65 -18.87
C PHE A 247 -20.78 -2.32 -18.87
N MET A 248 -20.08 -2.26 -17.74
CA MET A 248 -18.77 -2.86 -17.67
C MET A 248 -18.84 -4.38 -17.75
N ASN A 249 -19.97 -4.98 -17.41
CA ASN A 249 -20.07 -6.43 -17.54
C ASN A 249 -19.97 -6.88 -18.99
N ALA A 250 -20.27 -5.99 -19.94
CA ALA A 250 -20.19 -6.30 -21.35
C ALA A 250 -18.82 -5.99 -21.94
N TYR A 251 -17.81 -5.81 -21.10
CA TYR A 251 -16.45 -5.64 -21.59
C TYR A 251 -15.91 -6.95 -22.10
N GLY A 252 -15.17 -6.89 -23.20
CA GLY A 252 -14.54 -8.07 -23.74
C GLY A 252 -15.52 -9.10 -24.26
N ALA A 253 -16.22 -8.76 -25.33
CA ALA A 253 -17.07 -9.68 -26.05
C ALA A 253 -16.36 -10.20 -27.29
N GLY A 254 -16.71 -11.40 -27.70
CA GLY A 254 -16.01 -12.03 -28.81
C GLY A 254 -14.55 -12.27 -28.52
N GLN A 255 -14.19 -12.45 -27.24
CA GLN A 255 -12.83 -12.70 -26.84
C GLN A 255 -12.76 -13.77 -25.76
N VAL A 256 -13.84 -14.50 -25.55
CA VAL A 256 -13.96 -15.43 -24.42
C VAL A 256 -12.91 -16.53 -24.51
N MET A 257 -12.52 -16.89 -25.73
CA MET A 257 -11.62 -18.03 -25.90
C MET A 257 -10.26 -17.77 -25.29
N LEU A 258 -9.83 -16.52 -25.29
CA LEU A 258 -8.55 -16.19 -24.67
C LEU A 258 -8.57 -16.50 -23.19
N ARG A 259 -9.63 -16.06 -22.53
CA ARG A 259 -9.73 -16.25 -21.09
C ARG A 259 -9.91 -17.71 -20.75
N TRP A 260 -10.66 -18.44 -21.57
CA TRP A 260 -10.78 -19.87 -21.34
C TRP A 260 -9.46 -20.58 -21.54
N GLY A 261 -8.64 -20.08 -22.46
CA GLY A 261 -7.32 -20.67 -22.64
C GLY A 261 -6.43 -20.41 -21.44
N VAL A 262 -6.51 -19.20 -20.89
CA VAL A 262 -5.79 -18.90 -19.66
C VAL A 262 -6.26 -19.82 -18.55
N LEU A 263 -7.55 -20.12 -18.53
CA LEU A 263 -8.10 -21.03 -17.54
C LEU A 263 -7.47 -22.40 -17.65
N ALA A 264 -7.51 -22.97 -18.85
CA ALA A 264 -6.94 -24.30 -19.06
C ALA A 264 -5.45 -24.31 -18.76
N LYS A 265 -4.78 -23.18 -18.97
CA LYS A 265 -3.38 -23.08 -18.57
C LYS A 265 -3.25 -23.18 -17.06
N SER A 266 -4.02 -22.38 -16.34
CA SER A 266 -3.92 -22.36 -14.89
C SER A 266 -4.30 -23.70 -14.27
N VAL A 267 -5.08 -24.52 -14.99
CA VAL A 267 -5.39 -25.86 -14.50
C VAL A 267 -4.30 -26.87 -14.82
N LYS A 268 -3.35 -26.51 -15.68
CA LYS A 268 -2.27 -27.41 -16.10
C LYS A 268 -2.83 -28.65 -16.77
N ASN A 269 -3.48 -28.44 -17.90
CA ASN A 269 -3.95 -29.55 -18.71
C ASN A 269 -2.76 -30.20 -19.39
N ILE A 270 -2.66 -31.53 -19.20
CA ILE A 270 -1.50 -32.28 -19.67
C ILE A 270 -1.33 -32.21 -21.17
N MET A 271 -2.44 -32.05 -21.90
CA MET A 271 -2.40 -32.23 -23.35
C MET A 271 -1.58 -31.17 -24.07
N LEU A 272 -1.22 -30.08 -23.40
CA LEU A 272 -0.47 -29.02 -24.06
C LEU A 272 1.00 -29.39 -24.29
N GLY A 273 1.46 -30.52 -23.77
CA GLY A 273 2.76 -31.03 -24.15
C GLY A 273 2.82 -31.55 -25.57
N HIS A 274 1.66 -31.69 -26.22
CA HIS A 274 1.63 -32.17 -27.59
C HIS A 274 2.37 -31.23 -28.53
N ALA A 275 3.16 -31.83 -29.43
CA ALA A 275 3.94 -31.04 -30.36
C ALA A 275 3.06 -30.18 -31.25
N SER A 276 1.87 -30.67 -31.58
CA SER A 276 0.98 -29.98 -32.50
C SER A 276 0.47 -28.64 -31.96
N VAL A 277 0.72 -28.34 -30.69
CA VAL A 277 0.36 -27.05 -30.10
C VAL A 277 1.62 -26.36 -29.59
N GLN A 278 2.63 -27.15 -29.23
CA GLN A 278 3.93 -26.57 -28.91
C GLN A 278 4.48 -25.81 -30.10
N ALA A 279 4.13 -26.22 -31.30
CA ALA A 279 4.50 -25.47 -32.49
C ALA A 279 3.85 -24.08 -32.49
N GLU A 280 2.52 -24.04 -32.43
CA GLU A 280 1.77 -22.80 -32.55
C GLU A 280 1.94 -21.86 -31.34
N MET A 281 2.56 -22.36 -30.27
CA MET A 281 2.91 -21.58 -29.09
C MET A 281 3.44 -20.19 -29.41
N GLU A 282 4.33 -20.11 -30.40
CA GLU A 282 4.98 -18.83 -30.72
C GLU A 282 3.96 -17.79 -31.17
N GLN A 283 3.15 -18.13 -32.18
CA GLN A 283 2.19 -17.18 -32.70
C GLN A 283 1.14 -16.81 -31.67
N VAL A 284 0.70 -17.78 -30.87
CA VAL A 284 -0.31 -17.45 -29.88
C VAL A 284 0.27 -16.52 -28.83
N VAL A 285 1.54 -16.72 -28.48
CA VAL A 285 2.22 -15.80 -27.58
C VAL A 285 2.25 -14.41 -28.18
N GLU A 286 2.52 -14.33 -29.48
CA GLU A 286 2.67 -13.02 -30.11
C GLU A 286 1.36 -12.26 -30.09
N VAL A 287 0.26 -12.95 -30.39
CA VAL A 287 -1.02 -12.26 -30.36
C VAL A 287 -1.38 -11.86 -28.94
N TYR A 288 -1.03 -12.68 -27.95
CA TYR A 288 -1.29 -12.29 -26.58
C TYR A 288 -0.51 -11.03 -26.22
N GLU A 289 0.72 -10.94 -26.69
CA GLU A 289 1.52 -9.74 -26.43
C GLU A 289 0.89 -8.53 -27.12
N TYR A 290 0.35 -8.74 -28.31
CA TYR A 290 -0.30 -7.64 -29.03
C TYR A 290 -1.49 -7.13 -28.22
N ALA A 291 -2.29 -8.05 -27.69
CA ALA A 291 -3.43 -7.64 -26.90
C ALA A 291 -3.01 -6.93 -25.64
N GLN A 292 -1.96 -7.43 -24.99
CA GLN A 292 -1.45 -6.77 -23.79
C GLN A 292 -0.96 -5.37 -24.11
N LYS A 293 -0.39 -5.19 -25.31
CA LYS A 293 0.10 -3.87 -25.69
C LYS A 293 -1.06 -2.92 -25.91
N LEU A 294 -2.10 -3.39 -26.62
CA LEU A 294 -3.25 -2.53 -26.84
C LEU A 294 -3.94 -2.19 -25.53
N GLY A 295 -3.93 -3.12 -24.59
CA GLY A 295 -4.45 -2.86 -23.28
C GLY A 295 -5.93 -2.54 -23.23
N GLY A 296 -6.24 -1.29 -22.92
CA GLY A 296 -7.60 -0.89 -22.62
C GLY A 296 -8.57 -1.08 -23.74
N GLU A 297 -8.41 -0.32 -24.81
CA GLU A 297 -9.34 -0.36 -25.93
C GLU A 297 -9.10 -1.62 -26.74
N ALA A 298 -9.56 -2.73 -26.16
CA ALA A 298 -9.41 -4.04 -26.78
C ALA A 298 -10.71 -4.82 -26.75
N GLY A 299 -11.53 -4.61 -25.72
CA GLY A 299 -12.71 -5.42 -25.55
C GLY A 299 -13.89 -4.98 -26.36
N PHE A 300 -13.90 -3.72 -26.80
CA PHE A 300 -15.03 -3.15 -27.51
C PHE A 300 -14.89 -3.26 -29.02
N TYR A 301 -13.88 -3.96 -29.52
CA TYR A 301 -13.69 -4.03 -30.96
C TYR A 301 -14.79 -4.83 -31.62
N HIS A 302 -15.02 -6.06 -31.15
CA HIS A 302 -16.04 -6.91 -31.75
C HIS A 302 -17.43 -6.33 -31.63
N ILE A 303 -17.62 -5.39 -30.71
CA ILE A 303 -18.90 -4.68 -30.65
C ILE A 303 -19.13 -3.95 -31.96
N LEU A 304 -18.07 -3.41 -32.52
CA LEU A 304 -18.12 -2.63 -33.73
C LEU A 304 -17.72 -3.49 -34.92
N ASN A 305 -17.76 -2.88 -36.10
CA ASN A 305 -17.22 -3.46 -37.31
C ASN A 305 -15.76 -3.10 -37.51
N ASN A 306 -15.05 -2.83 -36.42
CA ASN A 306 -13.65 -2.46 -36.54
C ASN A 306 -12.87 -3.62 -37.16
N PRO A 307 -12.11 -3.38 -38.23
CA PRO A 307 -11.58 -4.50 -38.99
C PRO A 307 -10.44 -5.21 -38.32
N LYS A 308 -9.86 -4.64 -37.26
CA LYS A 308 -8.69 -5.20 -36.63
C LYS A 308 -9.01 -6.29 -35.64
N ALA A 309 -10.29 -6.65 -35.49
CA ALA A 309 -10.66 -7.65 -34.51
C ALA A 309 -10.38 -9.06 -35.00
N SER A 310 -10.35 -9.26 -36.31
CA SER A 310 -10.13 -10.59 -36.86
C SER A 310 -8.81 -11.18 -36.44
N LEU A 311 -7.84 -10.34 -36.07
CA LEU A 311 -6.56 -10.84 -35.59
C LEU A 311 -6.75 -11.68 -34.33
N LEU A 312 -7.62 -11.23 -33.44
CA LEU A 312 -7.77 -11.83 -32.12
C LEU A 312 -8.77 -12.97 -32.14
N SER A 313 -8.54 -13.93 -33.03
CA SER A 313 -9.35 -15.14 -33.10
C SER A 313 -8.40 -16.31 -33.25
N LEU A 314 -8.44 -17.22 -32.29
CA LEU A 314 -7.62 -18.41 -32.31
C LEU A 314 -8.26 -19.55 -33.06
N THR A 315 -9.33 -19.28 -33.82
CA THR A 315 -9.91 -20.29 -34.68
C THR A 315 -8.92 -20.77 -35.72
N GLN A 316 -8.01 -19.89 -36.14
CA GLN A 316 -6.98 -20.29 -37.07
C GLN A 316 -5.92 -21.20 -36.46
N PHE A 317 -5.92 -21.35 -35.14
CA PHE A 317 -5.04 -22.29 -34.45
C PHE A 317 -5.88 -23.47 -33.99
N PRO A 318 -6.13 -24.46 -34.87
CA PRO A 318 -7.19 -25.43 -34.58
C PRO A 318 -6.89 -26.31 -33.39
N HIS A 319 -5.64 -26.76 -33.24
CA HIS A 319 -5.31 -27.65 -32.15
C HIS A 319 -5.50 -26.97 -30.80
N PHE A 320 -4.98 -25.75 -30.68
CA PHE A 320 -5.14 -24.98 -29.46
C PHE A 320 -6.61 -24.73 -29.15
N SER A 321 -7.36 -24.32 -30.16
CA SER A 321 -8.77 -24.04 -29.95
C SER A 321 -9.50 -25.29 -29.47
N SER A 322 -9.22 -26.43 -30.09
CA SER A 322 -9.93 -27.65 -29.76
C SER A 322 -9.60 -28.12 -28.35
N VAL A 323 -8.32 -28.03 -27.96
CA VAL A 323 -7.97 -28.49 -26.62
C VAL A 323 -8.58 -27.58 -25.58
N VAL A 324 -8.62 -26.28 -25.83
CA VAL A 324 -9.22 -25.38 -24.85
C VAL A 324 -10.71 -25.66 -24.74
N LEU A 325 -11.37 -25.89 -25.86
CA LEU A 325 -12.79 -26.21 -25.84
C LEU A 325 -13.05 -27.46 -25.04
N GLY A 326 -12.26 -28.50 -25.29
CA GLY A 326 -12.46 -29.75 -24.58
C GLY A 326 -12.24 -29.59 -23.09
N ASN A 327 -11.25 -28.78 -22.72
CA ASN A 327 -10.99 -28.55 -21.30
C ASN A 327 -12.16 -27.85 -20.65
N ALA A 328 -12.62 -26.76 -21.26
CA ALA A 328 -13.72 -26.00 -20.67
C ALA A 328 -14.99 -26.82 -20.59
N ALA A 329 -15.22 -27.68 -21.59
CA ALA A 329 -16.42 -28.51 -21.55
C ALA A 329 -16.29 -29.59 -20.49
N GLY A 330 -15.07 -30.12 -20.30
CA GLY A 330 -14.87 -31.07 -19.22
C GLY A 330 -15.07 -30.43 -17.86
N LEU A 331 -14.83 -29.13 -17.76
CA LEU A 331 -15.15 -28.42 -16.53
C LEU A 331 -16.63 -28.18 -16.36
N GLY A 332 -17.44 -28.43 -17.38
CA GLY A 332 -18.87 -28.28 -17.27
C GLY A 332 -19.30 -26.85 -17.06
N ILE A 333 -18.77 -25.95 -17.88
CA ILE A 333 -19.17 -24.54 -17.85
C ILE A 333 -19.55 -24.01 -19.22
N MET A 334 -19.10 -24.63 -20.31
CA MET A 334 -19.50 -24.22 -21.64
C MET A 334 -20.94 -24.65 -21.84
N GLY A 335 -21.85 -23.79 -21.39
CA GLY A 335 -23.25 -24.11 -21.38
C GLY A 335 -23.82 -24.39 -22.76
N GLU A 336 -23.89 -23.35 -23.60
CA GLU A 336 -24.49 -23.47 -24.92
C GLU A 336 -23.68 -22.72 -25.97
N TYR A 337 -22.39 -22.56 -25.74
CA TYR A 337 -21.55 -21.85 -26.69
C TYR A 337 -21.49 -22.63 -27.98
N ARG A 338 -22.16 -22.12 -29.01
CA ARG A 338 -22.26 -22.80 -30.29
C ARG A 338 -20.95 -22.64 -31.07
N GLY A 339 -19.92 -23.29 -30.53
CA GLY A 339 -18.64 -23.40 -31.20
C GLY A 339 -18.41 -24.79 -31.74
N THR A 340 -17.19 -25.01 -32.24
CA THR A 340 -16.82 -26.28 -32.76
C THR A 340 -15.31 -26.43 -32.68
N PRO A 341 -14.78 -27.61 -32.35
CA PRO A 341 -13.33 -27.82 -32.47
C PRO A 341 -12.94 -28.33 -33.84
N ARG A 342 -11.66 -28.62 -34.03
CA ARG A 342 -11.16 -29.25 -35.24
C ARG A 342 -10.63 -30.66 -34.96
N ASN A 343 -9.69 -30.78 -34.04
CA ASN A 343 -9.17 -32.08 -33.64
C ASN A 343 -10.10 -32.65 -32.58
N GLN A 344 -11.11 -33.39 -33.05
CA GLN A 344 -12.07 -34.00 -32.16
C GLN A 344 -11.40 -34.93 -31.17
N ASP A 345 -10.32 -35.58 -31.58
CA ASP A 345 -9.62 -36.49 -30.69
C ASP A 345 -9.03 -35.73 -29.51
N LEU A 346 -8.33 -34.63 -29.79
CA LEU A 346 -7.76 -33.83 -28.72
C LEU A 346 -8.85 -33.26 -27.84
N TYR A 347 -9.96 -32.84 -28.44
CA TYR A 347 -11.08 -32.31 -27.68
C TYR A 347 -11.58 -33.34 -26.68
N ASP A 348 -11.89 -34.54 -27.16
CA ASP A 348 -12.40 -35.58 -26.29
C ASP A 348 -11.38 -35.98 -25.24
N ALA A 349 -10.11 -36.00 -25.61
CA ALA A 349 -9.07 -36.40 -24.68
C ALA A 349 -8.98 -35.41 -23.53
N ALA A 350 -8.95 -34.13 -23.85
CA ALA A 350 -8.87 -33.11 -22.80
C ALA A 350 -10.11 -33.14 -21.93
N LYS A 351 -11.28 -33.35 -22.53
CA LYS A 351 -12.50 -33.41 -21.74
C LYS A 351 -12.44 -34.58 -20.76
N ALA A 352 -12.02 -35.74 -21.25
CA ALA A 352 -11.91 -36.91 -20.39
C ALA A 352 -10.92 -36.66 -19.27
N TYR A 353 -9.79 -36.03 -19.57
CA TYR A 353 -8.81 -35.74 -18.55
C TYR A 353 -9.39 -34.84 -17.48
N ALA A 354 -10.10 -33.79 -17.91
CA ALA A 354 -10.63 -32.83 -16.94
C ALA A 354 -11.67 -33.47 -16.04
N GLU A 355 -12.63 -34.19 -16.63
CA GLU A 355 -13.67 -34.80 -15.81
C GLU A 355 -13.09 -35.87 -14.91
N GLN A 356 -12.04 -36.56 -15.35
CA GLN A 356 -11.33 -37.48 -14.47
C GLN A 356 -10.69 -36.73 -13.32
N LEU A 357 -10.14 -35.55 -13.61
CA LEU A 357 -9.39 -34.80 -12.63
C LEU A 357 -10.27 -34.11 -11.61
N LYS A 358 -11.53 -33.83 -11.96
CA LYS A 358 -12.40 -33.12 -11.03
C LYS A 358 -12.99 -34.06 -9.98
N GLU A 359 -13.48 -35.22 -10.41
CA GLU A 359 -14.18 -36.11 -9.49
C GLU A 359 -13.28 -36.58 -8.37
N ASN A 360 -12.01 -36.83 -8.67
CA ASN A 360 -11.02 -37.20 -7.68
C ASN A 360 -10.37 -36.00 -7.02
N GLY A 361 -10.95 -34.82 -7.16
CA GLY A 361 -10.37 -33.63 -6.57
C GLY A 361 -10.44 -33.69 -5.06
N VAL A 362 -9.30 -33.58 -4.40
CA VAL A 362 -9.24 -33.60 -2.95
C VAL A 362 -9.94 -32.37 -2.40
N MET B 1 7.83 -23.90 13.02
CA MET B 1 6.77 -23.41 12.09
C MET B 1 6.65 -21.89 12.25
N ALA B 2 5.45 -21.33 12.00
CA ALA B 2 5.28 -19.88 12.03
C ALA B 2 5.61 -19.27 13.37
N LEU B 3 5.54 -20.04 14.45
CA LEU B 3 5.75 -19.47 15.77
C LEU B 3 7.18 -19.00 16.00
N SER B 4 8.13 -19.52 15.24
CA SER B 4 9.54 -19.29 15.54
C SER B 4 9.92 -17.82 15.40
N LYS B 5 9.21 -17.08 14.56
CA LYS B 5 9.54 -15.68 14.30
C LYS B 5 8.81 -14.72 15.22
N VAL B 6 7.98 -15.21 16.14
CA VAL B 6 7.36 -14.36 17.14
C VAL B 6 8.43 -14.02 18.18
N LYS B 7 9.00 -12.83 18.08
CA LYS B 7 10.14 -12.46 18.90
C LYS B 7 10.11 -10.97 19.20
N LEU B 8 10.97 -10.57 20.14
CA LEU B 8 11.07 -9.17 20.52
C LEU B 8 12.42 -8.98 21.21
N ASN B 9 13.34 -8.30 20.53
CA ASN B 9 14.70 -8.12 21.05
C ASN B 9 14.82 -6.73 21.67
N ASP B 10 14.24 -6.61 22.85
CA ASP B 10 14.27 -5.35 23.58
C ASP B 10 15.68 -4.92 23.90
N THR B 11 16.57 -5.87 24.16
CA THR B 11 17.95 -5.53 24.49
C THR B 11 18.64 -4.85 23.33
N LEU B 12 18.57 -5.47 22.15
CA LEU B 12 19.18 -4.88 20.97
C LEU B 12 18.55 -3.54 20.67
N ASN B 13 17.25 -3.41 20.89
CA ASN B 13 16.61 -2.14 20.58
C ASN B 13 17.07 -1.05 21.54
N LYS B 14 17.22 -1.39 22.81
CA LYS B 14 17.76 -0.43 23.77
C LYS B 14 19.18 -0.05 23.40
N ASP B 15 19.96 -1.02 22.95
CA ASP B 15 21.33 -0.76 22.55
C ASP B 15 21.37 0.24 21.40
N GLN B 16 20.58 -0.01 20.36
CA GLN B 16 20.50 0.89 19.23
C GLN B 16 20.07 2.28 19.67
N LEU B 17 19.08 2.33 20.55
CA LEU B 17 18.55 3.59 21.04
C LEU B 17 19.64 4.40 21.72
N LEU B 18 20.31 3.80 22.70
CA LEU B 18 21.31 4.53 23.45
C LEU B 18 22.52 4.85 22.59
N SER B 19 22.78 4.05 21.56
CA SER B 19 23.89 4.35 20.68
C SER B 19 23.60 5.59 19.85
N SER B 20 22.35 5.75 19.42
CA SER B 20 21.93 6.88 18.59
C SER B 20 20.81 7.62 19.30
N SER B 21 21.16 8.73 19.94
CA SER B 21 20.23 9.53 20.72
C SER B 21 20.11 10.97 20.27
N LYS B 22 21.03 11.46 19.44
CA LYS B 22 20.98 12.73 18.73
C LYS B 22 21.32 13.91 19.64
N TYR B 23 21.41 13.74 20.95
CA TYR B 23 21.57 14.87 21.87
C TYR B 23 22.65 14.53 22.88
N THR B 24 23.06 15.55 23.64
CA THR B 24 24.13 15.40 24.59
C THR B 24 23.99 16.45 25.67
N ILE B 25 24.41 16.08 26.89
CA ILE B 25 24.52 16.99 28.00
C ILE B 25 26.00 17.20 28.26
N GLN B 26 26.35 18.39 28.75
CA GLN B 26 27.74 18.78 28.92
C GLN B 26 27.94 19.49 30.25
N ARG B 27 29.09 19.21 30.87
CA ARG B 27 29.61 19.97 31.99
C ARG B 27 30.69 20.94 31.54
N SER B 28 31.72 20.42 30.87
CA SER B 28 32.79 21.19 30.25
C SER B 28 33.43 22.16 31.25
N THR B 29 34.05 21.61 32.30
CA THR B 29 34.61 22.45 33.35
C THR B 29 35.73 23.33 32.81
N GLY B 30 36.59 22.77 31.96
CA GLY B 30 37.72 23.51 31.45
C GLY B 30 38.99 23.39 32.26
N ASP B 31 39.22 22.25 32.90
CA ASP B 31 40.39 22.07 33.74
C ASP B 31 41.66 22.02 32.89
N SER B 32 42.79 22.16 33.57
CA SER B 32 44.11 22.24 32.95
C SER B 32 45.03 21.18 33.58
N ILE B 33 44.51 19.96 33.64
CA ILE B 33 45.24 18.87 34.28
C ILE B 33 46.55 18.61 33.53
N ASP B 34 47.56 18.20 34.30
CA ASP B 34 48.91 18.07 33.78
C ASP B 34 49.05 16.85 32.90
N THR B 35 50.14 16.80 32.15
CA THR B 35 50.53 15.63 31.37
C THR B 35 52.03 15.67 31.11
N PRO B 36 52.81 14.71 31.64
CA PRO B 36 54.23 14.66 31.29
C PRO B 36 54.50 13.86 30.03
N ASN B 37 55.78 13.68 29.70
CA ASN B 37 56.20 12.87 28.58
C ASN B 37 57.28 11.89 29.01
N TYR B 38 57.93 11.23 28.06
CA TYR B 38 58.84 10.13 28.36
C TYR B 38 60.06 10.57 29.16
N ASP B 39 60.36 11.86 29.21
CA ASP B 39 61.65 12.30 29.71
C ASP B 39 61.76 12.14 31.21
N VAL B 40 60.73 12.55 31.94
CA VAL B 40 60.84 12.71 33.40
C VAL B 40 60.58 11.40 34.14
N GLN B 41 60.45 10.30 33.39
CA GLN B 41 60.18 9.01 34.00
C GLN B 41 61.27 8.62 34.98
N LYS B 42 62.52 8.97 34.67
CA LYS B 42 63.63 8.58 35.51
C LYS B 42 63.58 9.32 36.84
N HIS B 43 63.35 10.63 36.77
CA HIS B 43 63.22 11.43 37.98
C HIS B 43 62.06 10.92 38.83
N ILE B 44 60.95 10.57 38.18
CA ILE B 44 59.78 10.14 38.93
C ILE B 44 60.03 8.78 39.58
N ASN B 45 60.74 7.90 38.88
CA ASN B 45 61.07 6.60 39.44
C ASN B 45 61.99 6.76 40.63
N LYS B 46 62.97 7.66 40.52
CA LYS B 46 63.84 7.94 41.65
C LYS B 46 63.05 8.47 42.84
N LEU B 47 62.06 9.31 42.56
CA LEU B 47 61.24 9.87 43.62
C LEU B 47 60.44 8.78 44.32
N CYS B 48 59.83 7.90 43.53
CA CYS B 48 59.07 6.80 44.11
C CYS B 48 59.99 5.88 44.90
N GLY B 49 61.22 5.70 44.45
CA GLY B 49 62.16 4.88 45.17
C GLY B 49 62.54 5.50 46.51
N MET B 50 62.72 6.82 46.53
CA MET B 50 62.94 7.52 47.79
C MET B 50 61.76 7.32 48.73
N LEU B 51 60.55 7.50 48.20
CA LEU B 51 59.36 7.37 49.02
C LEU B 51 59.11 5.95 49.46
N LEU B 52 59.73 4.97 48.79
CA LEU B 52 59.64 3.59 49.22
C LEU B 52 60.67 3.25 50.29
N ILE B 53 61.93 3.64 50.07
CA ILE B 53 62.97 3.30 51.03
C ILE B 53 62.72 4.03 52.35
N THR B 54 62.16 5.22 52.30
CA THR B 54 61.89 5.94 53.53
C THR B 54 60.81 5.22 54.33
N GLU B 55 60.95 5.27 55.66
CA GLU B 55 60.07 4.55 56.55
C GLU B 55 58.92 5.44 56.99
N ASP B 56 57.75 4.82 57.18
CA ASP B 56 56.55 5.43 57.77
C ASP B 56 56.20 6.78 57.16
N ALA B 57 56.52 6.97 55.87
CA ALA B 57 56.17 8.21 55.22
C ALA B 57 54.67 8.29 54.98
N ASN B 58 54.15 9.52 55.00
CA ASN B 58 52.73 9.72 54.81
C ASN B 58 52.38 9.47 53.35
N HIS B 59 51.99 8.24 53.03
CA HIS B 59 51.64 7.87 51.66
C HIS B 59 50.27 8.47 51.34
N LYS B 60 50.29 9.78 51.08
CA LYS B 60 49.09 10.55 50.81
C LYS B 60 48.86 10.75 49.30
N PHE B 61 49.84 11.34 48.64
CA PHE B 61 49.77 11.64 47.21
C PHE B 61 50.34 10.52 46.36
N THR B 62 50.50 9.33 46.93
CA THR B 62 51.16 8.24 46.22
C THR B 62 50.36 7.80 45.00
N GLY B 63 49.04 7.78 45.12
CA GLY B 63 48.23 7.40 43.98
C GLY B 63 48.34 8.39 42.85
N LEU B 64 48.35 9.68 43.19
CA LEU B 64 48.57 10.71 42.20
C LEU B 64 49.91 10.51 41.51
N ILE B 65 50.95 10.26 42.31
CA ILE B 65 52.30 10.10 41.76
C ILE B 65 52.33 8.92 40.80
N GLY B 66 51.66 7.84 41.17
CA GLY B 66 51.62 6.68 40.30
C GLY B 66 50.90 6.97 39.00
N MET B 67 49.81 7.74 39.09
CA MET B 67 49.11 8.12 37.86
C MET B 67 49.99 8.98 36.98
N LEU B 68 50.82 9.82 37.59
CA LEU B 68 51.74 10.62 36.79
C LEU B 68 52.79 9.74 36.14
N TYR B 69 53.26 8.74 36.87
CA TYR B 69 54.16 7.76 36.26
C TYR B 69 53.49 7.10 35.06
N ALA B 70 52.21 6.78 35.19
CA ALA B 70 51.50 6.11 34.12
C ALA B 70 51.39 7.01 32.89
N MET B 71 51.04 8.27 33.12
CA MET B 71 50.91 9.19 31.99
C MET B 71 52.24 9.42 31.31
N SER B 72 53.32 9.46 32.09
CA SER B 72 54.64 9.62 31.52
C SER B 72 55.03 8.40 30.71
N ARG B 73 54.68 7.21 31.20
CA ARG B 73 54.97 6.00 30.46
C ARG B 73 54.13 5.92 29.19
N LEU B 74 52.96 6.55 29.19
CA LEU B 74 52.08 6.48 28.04
C LEU B 74 52.50 7.46 26.95
N GLY B 75 52.42 8.75 27.26
CA GLY B 75 52.62 9.78 26.26
C GLY B 75 51.54 10.83 26.27
N ARG B 76 51.98 12.08 26.07
CA ARG B 76 51.08 13.23 26.10
C ARG B 76 49.94 13.07 25.10
N GLU B 77 50.31 12.85 23.83
CA GLU B 77 49.30 12.80 22.77
C GLU B 77 48.34 11.64 22.99
N ASP B 78 48.84 10.51 23.46
CA ASP B 78 47.98 9.36 23.65
C ASP B 78 46.99 9.58 24.78
N THR B 79 47.46 10.16 25.89
CA THR B 79 46.57 10.50 26.99
C THR B 79 45.49 11.45 26.51
N ILE B 80 45.88 12.48 25.79
CA ILE B 80 44.93 13.46 25.30
C ILE B 80 43.92 12.79 24.37
N LYS B 81 44.40 11.85 23.55
CA LYS B 81 43.54 11.18 22.61
C LYS B 81 42.46 10.39 23.33
N ILE B 82 42.87 9.60 24.32
CA ILE B 82 41.88 8.78 25.01
C ILE B 82 40.93 9.65 25.80
N LEU B 83 41.40 10.78 26.31
CA LEU B 83 40.51 11.68 27.02
C LEU B 83 39.48 12.29 26.09
N ARG B 84 39.89 12.69 24.88
CA ARG B 84 38.93 13.23 23.94
C ARG B 84 37.96 12.17 23.46
N ASP B 85 38.42 10.93 23.35
CA ASP B 85 37.50 9.83 23.03
C ASP B 85 36.50 9.65 24.16
N ALA B 86 36.96 9.81 25.39
CA ALA B 86 36.07 9.77 26.54
C ALA B 86 35.15 10.98 26.59
N GLY B 87 35.49 12.06 25.88
CA GLY B 87 34.61 13.20 25.78
C GLY B 87 34.82 14.22 26.87
N TYR B 88 36.04 14.75 26.96
CA TYR B 88 36.40 15.76 27.94
C TYR B 88 36.71 17.08 27.27
N HIS B 89 36.82 18.11 28.10
CA HIS B 89 37.01 19.50 27.70
C HIS B 89 38.11 20.12 28.53
N VAL B 90 39.23 19.41 28.65
CA VAL B 90 40.33 19.80 29.54
C VAL B 90 41.54 20.23 28.73
N LYS B 91 42.57 20.71 29.41
CA LYS B 91 43.78 21.22 28.79
C LYS B 91 45.00 20.50 29.34
N ALA B 92 46.14 20.78 28.74
CA ALA B 92 47.39 20.09 28.99
C ALA B 92 48.37 21.08 29.62
N ASN B 93 48.42 21.09 30.95
CA ASN B 93 49.42 21.87 31.68
C ASN B 93 50.74 21.12 31.59
N GLY B 94 51.58 21.52 30.64
CA GLY B 94 52.82 20.81 30.42
C GLY B 94 53.74 20.87 31.63
N VAL B 95 54.45 19.77 31.85
CA VAL B 95 55.35 19.63 32.98
C VAL B 95 56.75 20.01 32.54
N ASP B 96 57.53 20.54 33.48
CA ASP B 96 58.87 21.02 33.20
C ASP B 96 59.75 20.78 34.41
N VAL B 97 60.92 20.21 34.19
CA VAL B 97 61.87 19.97 35.26
C VAL B 97 62.62 21.26 35.55
N THR B 98 63.05 21.42 36.79
CA THR B 98 63.80 22.60 37.19
C THR B 98 64.46 22.35 38.53
N THR B 99 65.44 23.19 38.84
CA THR B 99 66.10 23.20 40.13
C THR B 99 65.44 24.21 41.05
N HIS B 100 65.46 23.91 42.33
CA HIS B 100 64.96 24.80 43.37
C HIS B 100 66.07 25.07 44.36
N ARG B 101 66.20 26.33 44.76
CA ARG B 101 67.19 26.77 45.73
C ARG B 101 66.52 26.96 47.08
N GLN B 102 67.17 26.47 48.12
CA GLN B 102 66.65 26.59 49.46
C GLN B 102 67.82 26.56 50.43
N ASP B 103 67.96 27.63 51.21
CA ASP B 103 69.00 27.69 52.24
C ASP B 103 68.54 26.81 53.39
N ILE B 104 68.64 25.49 53.22
CA ILE B 104 68.32 24.55 54.28
C ILE B 104 69.28 24.77 55.44
N ASN B 105 68.72 25.11 56.62
CA ASN B 105 69.37 25.28 57.92
C ASN B 105 70.79 25.80 57.80
N GLY B 106 70.95 26.87 57.02
CA GLY B 106 72.25 27.47 56.81
C GLY B 106 73.06 26.89 55.68
N LYS B 107 72.42 26.21 54.72
CA LYS B 107 73.11 25.60 53.59
C LYS B 107 72.26 25.77 52.35
N GLU B 108 72.76 26.50 51.36
CA GLU B 108 72.10 26.55 50.06
C GLU B 108 72.34 25.23 49.35
N MET B 109 71.25 24.60 48.92
CA MET B 109 71.30 23.32 48.24
C MET B 109 70.41 23.34 47.00
N LYS B 110 70.80 22.56 46.01
CA LYS B 110 70.02 22.40 44.80
C LYS B 110 69.02 21.27 44.99
N PHE B 111 67.84 21.42 44.41
CA PHE B 111 66.75 20.49 44.62
C PHE B 111 66.03 20.25 43.30
N GLU B 112 66.06 19.00 42.84
CA GLU B 112 65.37 18.62 41.63
C GLU B 112 63.86 18.63 41.87
N VAL B 113 63.13 19.45 41.11
CA VAL B 113 61.69 19.56 41.26
C VAL B 113 61.06 19.77 39.90
N LEU B 114 59.75 19.54 39.84
CA LEU B 114 58.97 19.68 38.63
C LEU B 114 57.82 20.65 38.89
N THR B 115 57.64 21.58 37.97
CA THR B 115 56.52 22.52 38.08
C THR B 115 55.21 21.78 37.84
N LEU B 116 54.26 21.96 38.73
CA LEU B 116 52.97 21.29 38.62
C LEU B 116 51.91 22.13 39.32
N ALA B 117 50.66 21.93 38.91
CA ALA B 117 49.53 22.68 39.52
C ALA B 117 49.02 21.92 40.76
N SER B 118 49.63 20.77 41.09
CA SER B 118 49.12 19.98 42.24
C SER B 118 50.24 19.67 43.24
N LEU B 119 51.50 19.79 42.83
CA LEU B 119 52.61 19.49 43.70
C LEU B 119 53.20 20.78 44.29
N THR B 120 54.08 20.60 45.27
CA THR B 120 54.78 21.70 45.90
C THR B 120 56.23 21.31 46.14
N THR B 121 57.14 22.20 45.74
CA THR B 121 58.56 21.94 45.89
C THR B 121 58.92 21.72 47.35
N GLU B 122 58.21 22.38 48.27
CA GLU B 122 58.40 22.18 49.69
C GLU B 122 58.27 20.71 50.08
N ILE B 123 57.12 20.11 49.77
CA ILE B 123 56.93 18.71 50.15
C ILE B 123 57.86 17.81 49.36
N GLN B 124 58.20 18.21 48.12
CA GLN B 124 59.18 17.43 47.36
C GLN B 124 60.51 17.35 48.11
N ILE B 125 61.02 18.50 48.54
CA ILE B 125 62.31 18.48 49.23
C ILE B 125 62.19 17.83 50.59
N ASN B 126 61.03 17.94 51.23
CA ASN B 126 60.81 17.22 52.49
C ASN B 126 60.97 15.72 52.28
N ILE B 127 60.33 15.21 51.22
CA ILE B 127 60.43 13.79 50.90
C ILE B 127 61.88 13.42 50.65
N GLU B 128 62.58 14.23 49.86
CA GLU B 128 63.96 13.92 49.52
C GLU B 128 64.83 13.92 50.76
N ILE B 129 64.59 14.86 51.67
CA ILE B 129 65.40 14.96 52.89
C ILE B 129 65.17 13.73 53.77
N GLU B 130 63.91 13.35 53.95
CA GLU B 130 63.61 12.18 54.78
C GLU B 130 64.21 10.93 54.18
N SER B 131 64.13 10.79 52.85
CA SER B 131 64.72 9.65 52.18
C SER B 131 66.22 9.62 52.40
N ARG B 132 66.88 10.78 52.26
CA ARG B 132 68.33 10.83 52.45
C ARG B 132 68.70 10.46 53.87
N LYS B 133 67.95 10.96 54.84
CA LYS B 133 68.25 10.71 56.25
C LYS B 133 68.15 9.23 56.58
N SER B 134 67.01 8.62 56.28
CA SER B 134 66.88 7.21 56.59
C SER B 134 67.75 6.35 55.70
N TYR B 135 68.17 6.85 54.54
CA TYR B 135 69.06 6.09 53.67
C TYR B 135 70.46 6.04 54.25
N LYS B 136 70.96 7.17 54.74
CA LYS B 136 72.25 7.14 55.41
C LYS B 136 72.16 6.35 56.70
N LYS B 137 71.01 6.39 57.39
CA LYS B 137 70.83 5.53 58.55
C LYS B 137 70.91 4.06 58.16
N MET B 138 70.30 3.71 57.02
CA MET B 138 70.40 2.33 56.54
C MET B 138 71.83 1.99 56.19
N LEU B 139 72.58 2.95 55.66
CA LEU B 139 73.99 2.73 55.39
C LEU B 139 74.73 2.44 56.69
N LYS B 140 74.32 3.09 57.78
CA LYS B 140 74.85 2.71 59.08
C LYS B 140 74.43 1.28 59.40
N GLU B 141 75.13 0.70 60.36
CA GLU B 141 74.90 -0.65 60.91
C GLU B 141 75.04 -1.79 59.88
N MET B 142 75.40 -1.48 58.64
CA MET B 142 75.80 -2.49 57.67
C MET B 142 77.00 -2.08 56.82
N GLY B 143 77.30 -0.79 56.68
CA GLY B 143 78.40 -0.33 55.87
C GLY B 143 78.02 0.01 54.44
N GLU B 144 77.09 -0.74 53.85
CA GLU B 144 76.69 -0.49 52.48
C GLU B 144 75.35 -1.17 52.23
N VAL B 145 74.56 -0.57 51.34
CA VAL B 145 73.30 -1.12 50.89
C VAL B 145 73.49 -1.67 49.49
N ALA B 146 72.69 -2.68 49.15
CA ALA B 146 72.74 -3.23 47.81
C ALA B 146 72.06 -2.29 46.82
N PRO B 147 72.29 -2.48 45.52
CA PRO B 147 71.56 -1.67 44.52
C PRO B 147 70.07 -1.91 44.55
N GLU B 148 69.63 -3.07 45.03
CA GLU B 148 68.21 -3.38 45.14
C GLU B 148 67.60 -2.90 46.45
N TYR B 149 68.26 -1.96 47.14
CA TYR B 149 67.73 -1.35 48.34
C TYR B 149 67.67 0.17 48.25
N ARG B 150 68.11 0.76 47.15
CA ARG B 150 68.18 2.21 46.99
C ARG B 150 67.11 2.69 46.03
N HIS B 151 66.88 4.01 46.06
CA HIS B 151 65.85 4.61 45.23
C HIS B 151 66.16 4.51 43.74
N ASP B 152 67.41 4.25 43.38
CA ASP B 152 67.80 4.27 41.97
C ASP B 152 67.23 3.13 41.16
N SER B 153 66.72 2.09 41.79
CA SER B 153 66.27 0.92 41.04
C SER B 153 64.94 1.22 40.37
N PRO B 154 64.59 0.49 39.31
CA PRO B 154 63.54 0.94 38.38
C PRO B 154 62.14 0.37 38.59
N ASP B 155 61.88 -0.39 39.64
CA ASP B 155 60.63 -1.15 39.75
C ASP B 155 59.59 -0.48 40.66
N CYS B 156 59.83 0.75 41.08
CA CYS B 156 59.01 1.36 42.13
C CYS B 156 57.61 1.63 41.63
N GLY B 157 57.47 2.30 40.50
CA GLY B 157 56.16 2.62 39.97
C GLY B 157 55.33 1.39 39.72
N MET B 158 55.97 0.32 39.25
CA MET B 158 55.25 -0.92 39.03
C MET B 158 54.81 -1.53 40.35
N ILE B 159 55.64 -1.38 41.38
CA ILE B 159 55.26 -1.87 42.69
C ILE B 159 54.00 -1.18 43.18
N ILE B 160 53.92 0.13 42.96
CA ILE B 160 52.72 0.85 43.40
C ILE B 160 51.52 0.43 42.56
N LEU B 161 51.73 0.30 41.26
CA LEU B 161 50.61 0.00 40.39
C LEU B 161 50.07 -1.40 40.61
N CYS B 162 50.87 -2.28 41.19
CA CYS B 162 50.32 -3.58 41.59
C CYS B 162 49.21 -3.41 42.62
N ILE B 163 49.46 -2.58 43.63
CA ILE B 163 48.42 -2.28 44.61
C ILE B 163 47.26 -1.59 43.95
N ALA B 164 47.55 -0.74 42.98
CA ALA B 164 46.47 -0.07 42.24
C ALA B 164 45.56 -1.09 41.58
N ALA B 165 46.15 -2.14 41.01
CA ALA B 165 45.35 -3.19 40.40
C ALA B 165 44.56 -3.95 41.44
N LEU B 166 45.17 -4.18 42.60
CA LEU B 166 44.43 -4.84 43.67
C LEU B 166 43.22 -4.02 44.10
N VAL B 167 43.32 -2.70 43.98
CA VAL B 167 42.21 -1.86 44.40
C VAL B 167 41.13 -1.81 43.33
N ILE B 168 41.55 -1.65 42.07
CA ILE B 168 40.57 -1.59 41.00
C ILE B 168 39.85 -2.93 40.85
N THR B 169 40.43 -4.00 41.37
CA THR B 169 39.70 -5.25 41.50
C THR B 169 38.37 -5.05 42.22
N LYS B 170 38.42 -4.51 43.43
CA LYS B 170 37.25 -4.40 44.29
C LYS B 170 36.53 -3.07 44.16
N LEU B 171 37.00 -2.18 43.29
CA LEU B 171 36.30 -0.91 43.13
C LEU B 171 34.89 -1.08 42.57
N ALA B 172 34.54 -2.24 42.03
CA ALA B 172 33.18 -2.48 41.56
C ALA B 172 32.16 -2.23 42.66
N ALA B 173 32.31 -2.94 43.78
CA ALA B 173 31.59 -2.54 44.99
C ALA B 173 32.02 -1.14 45.40
N GLY B 174 33.33 -0.91 45.50
CA GLY B 174 33.87 0.42 45.69
C GLY B 174 33.34 1.19 46.88
N ASP B 175 33.24 0.53 48.03
CA ASP B 175 32.76 1.16 49.27
C ASP B 175 33.73 0.88 50.41
N ARG B 176 35.00 0.70 50.08
CA ARG B 176 36.04 0.45 51.08
C ARG B 176 35.75 -0.82 51.88
N SER B 177 35.10 -1.80 51.26
CA SER B 177 34.80 -3.07 51.90
C SER B 177 35.89 -4.10 51.69
N GLY B 178 36.42 -4.21 50.49
CA GLY B 178 37.40 -5.22 50.16
C GLY B 178 38.81 -4.92 50.60
N LEU B 179 38.99 -3.87 51.40
CA LEU B 179 40.33 -3.48 51.84
C LEU B 179 41.02 -4.61 52.59
N THR B 180 40.25 -5.37 53.37
CA THR B 180 40.84 -6.44 54.17
C THR B 180 41.40 -7.53 53.26
N ALA B 181 40.60 -7.99 52.32
CA ALA B 181 41.07 -9.00 51.38
C ALA B 181 42.22 -8.47 50.54
N VAL B 182 42.19 -7.18 50.23
CA VAL B 182 43.28 -6.57 49.47
C VAL B 182 44.58 -6.69 50.25
N ILE B 183 44.54 -6.32 51.54
CA ILE B 183 45.73 -6.40 52.36
C ILE B 183 46.18 -7.85 52.48
N ARG B 184 45.22 -8.75 52.59
CA ARG B 184 45.53 -10.17 52.73
C ARG B 184 46.29 -10.68 51.52
N ARG B 185 45.83 -10.32 50.33
CA ARG B 185 46.52 -10.76 49.12
C ARG B 185 47.86 -10.06 48.96
N ALA B 186 47.91 -8.77 49.31
CA ALA B 186 49.14 -8.02 49.16
C ALA B 186 50.22 -8.51 50.11
N ASN B 187 49.84 -9.17 51.20
CA ASN B 187 50.80 -9.83 52.05
C ASN B 187 51.05 -11.26 51.62
N ASN B 188 50.06 -11.91 51.00
CA ASN B 188 50.26 -13.25 50.47
C ASN B 188 51.30 -13.25 49.38
N VAL B 189 51.36 -12.17 48.60
CA VAL B 189 52.41 -11.97 47.60
C VAL B 189 53.25 -10.78 48.03
N LEU B 190 54.27 -10.45 47.24
CA LEU B 190 55.13 -9.31 47.51
C LEU B 190 55.90 -9.44 48.80
N LYS B 191 56.08 -10.66 49.31
CA LYS B 191 56.85 -10.82 50.53
C LYS B 191 58.29 -10.45 50.30
N ASN B 192 58.83 -10.83 49.14
CA ASN B 192 60.18 -10.43 48.77
C ASN B 192 60.31 -8.92 48.79
N GLU B 193 59.32 -8.22 48.26
CA GLU B 193 59.40 -6.77 48.19
C GLU B 193 59.24 -6.16 49.57
N MET B 194 58.35 -6.75 50.38
CA MET B 194 58.13 -6.23 51.73
C MET B 194 59.36 -6.39 52.59
N LYS B 195 60.20 -7.38 52.32
CA LYS B 195 61.46 -7.49 53.04
C LYS B 195 62.55 -6.64 52.41
N ARG B 196 62.48 -6.40 51.10
CA ARG B 196 63.52 -5.64 50.43
C ARG B 196 63.37 -4.14 50.65
N TYR B 197 62.16 -3.68 50.94
CA TYR B 197 61.91 -2.27 51.21
C TYR B 197 60.99 -2.17 52.41
N LYS B 198 60.78 -0.95 52.90
CA LYS B 198 60.13 -0.71 54.17
C LYS B 198 59.03 0.34 54.13
N GLY B 199 59.06 1.27 53.18
CA GLY B 199 58.00 2.26 53.09
C GLY B 199 56.77 1.69 52.43
N LEU B 200 56.20 0.65 53.02
CA LEU B 200 55.05 -0.08 52.48
C LEU B 200 53.93 -0.01 53.51
N LEU B 201 52.96 0.87 53.25
CA LEU B 201 51.74 1.01 54.05
C LEU B 201 50.58 0.66 53.13
N PRO B 202 50.25 -0.63 53.00
CA PRO B 202 49.20 -0.99 52.04
C PRO B 202 47.87 -0.34 52.31
N LYS B 203 47.44 -0.28 53.58
CA LYS B 203 46.19 0.37 53.89
C LYS B 203 46.20 1.84 53.51
N ASP B 204 47.33 2.52 53.76
CA ASP B 204 47.38 3.95 53.50
C ASP B 204 47.39 4.21 52.00
N ILE B 205 48.16 3.40 51.26
CA ILE B 205 48.18 3.51 49.81
C ILE B 205 46.78 3.29 49.26
N ALA B 206 46.08 2.29 49.79
CA ALA B 206 44.75 1.98 49.29
C ALA B 206 43.78 3.10 49.58
N ASN B 207 43.88 3.70 50.77
CA ASN B 207 43.00 4.82 51.08
C ASN B 207 43.29 6.00 50.17
N SER B 208 44.57 6.26 49.91
CA SER B 208 44.94 7.32 48.99
C SER B 208 44.34 7.08 47.61
N PHE B 209 44.46 5.85 47.12
CA PHE B 209 43.91 5.51 45.82
C PHE B 209 42.39 5.65 45.82
N TYR B 210 41.74 5.26 46.91
CA TYR B 210 40.30 5.40 46.99
C TYR B 210 39.90 6.86 46.88
N GLU B 211 40.61 7.75 47.59
CA GLU B 211 40.32 9.17 47.49
C GLU B 211 40.49 9.65 46.07
N VAL B 212 41.59 9.24 45.43
CA VAL B 212 41.89 9.71 44.08
C VAL B 212 40.80 9.29 43.12
N PHE B 213 40.39 8.02 43.19
CA PHE B 213 39.39 7.53 42.26
C PHE B 213 38.02 8.08 42.58
N GLU B 214 37.75 8.38 43.84
CA GLU B 214 36.45 8.94 44.20
C GLU B 214 36.32 10.36 43.67
N LYS B 215 37.41 11.12 43.70
CA LYS B 215 37.34 12.50 43.23
C LYS B 215 37.50 12.58 41.71
N HIS B 216 38.71 12.31 41.22
CA HIS B 216 38.99 12.42 39.76
C HIS B 216 38.76 11.07 39.11
N PRO B 217 37.73 10.89 38.25
CA PRO B 217 37.42 9.58 37.69
C PRO B 217 38.20 9.24 36.43
N HIS B 218 38.56 10.26 35.65
CA HIS B 218 39.22 10.04 34.37
C HIS B 218 40.49 9.22 34.50
N PHE B 219 41.16 9.33 35.65
CA PHE B 219 42.31 8.48 35.94
C PHE B 219 41.95 7.00 35.88
N ILE B 220 40.67 6.66 36.09
CA ILE B 220 40.25 5.27 35.97
C ILE B 220 40.51 4.76 34.56
N ASP B 221 39.95 5.46 33.58
CA ASP B 221 40.14 5.07 32.18
C ASP B 221 41.62 5.08 31.82
N VAL B 222 42.34 6.07 32.34
CA VAL B 222 43.79 6.14 32.10
C VAL B 222 44.46 4.85 32.55
N PHE B 223 44.27 4.51 33.82
CA PHE B 223 44.91 3.33 34.39
C PHE B 223 44.49 2.07 33.67
N VAL B 224 43.23 2.02 33.24
CA VAL B 224 42.71 0.84 32.55
C VAL B 224 43.47 0.63 31.24
N HIS B 225 43.47 1.65 30.39
CA HIS B 225 44.14 1.50 29.11
C HIS B 225 45.63 1.28 29.29
N PHE B 226 46.20 1.85 30.36
CA PHE B 226 47.61 1.63 30.63
C PHE B 226 47.88 0.18 30.92
N GLY B 227 47.08 -0.41 31.79
CA GLY B 227 47.27 -1.81 32.13
C GLY B 227 47.07 -2.70 30.92
N ILE B 228 46.10 -2.35 30.08
CA ILE B 228 45.83 -3.16 28.89
C ILE B 228 47.04 -3.12 27.96
N ALA B 229 47.60 -1.93 27.77
CA ALA B 229 48.75 -1.83 26.88
C ALA B 229 49.95 -2.54 27.45
N GLN B 230 50.14 -2.45 28.76
CA GLN B 230 51.29 -3.11 29.37
C GLN B 230 51.15 -4.61 29.27
N SER B 231 49.94 -5.12 29.38
CA SER B 231 49.73 -6.56 29.31
C SER B 231 50.04 -7.08 27.91
N SER B 232 49.64 -6.33 26.89
CA SER B 232 49.83 -6.76 25.51
C SER B 232 51.31 -6.88 25.18
N THR B 233 52.13 -6.00 25.74
CA THR B 233 53.57 -6.14 25.57
C THR B 233 54.04 -7.42 26.26
N ARG B 234 55.28 -7.80 25.96
CA ARG B 234 55.89 -9.01 26.59
C ARG B 234 57.14 -8.57 27.34
N GLY B 235 57.43 -7.27 27.33
CA GLY B 235 58.65 -6.76 28.00
C GLY B 235 58.37 -6.30 29.41
N GLY B 236 59.43 -6.14 30.22
CA GLY B 236 59.26 -5.69 31.62
C GLY B 236 60.01 -6.59 32.59
N SER B 237 60.01 -6.23 33.88
CA SER B 237 60.71 -7.05 34.91
C SER B 237 59.75 -8.05 35.54
N ARG B 238 60.17 -8.71 36.62
CA ARG B 238 59.28 -9.68 37.32
C ARG B 238 58.02 -8.95 37.78
N VAL B 239 58.17 -7.77 38.40
CA VAL B 239 57.00 -6.99 38.90
C VAL B 239 55.99 -6.78 37.78
N GLU B 240 56.45 -6.40 36.58
CA GLU B 240 55.53 -6.15 35.43
C GLU B 240 54.76 -7.44 35.09
N GLY B 241 55.43 -8.60 35.15
CA GLY B 241 54.75 -9.89 34.89
C GLY B 241 53.65 -10.14 35.91
N ILE B 242 53.96 -10.00 37.21
CA ILE B 242 52.93 -10.19 38.27
C ILE B 242 51.82 -9.15 38.04
N PHE B 243 52.19 -7.91 37.73
CA PHE B 243 51.21 -6.85 37.54
C PHE B 243 50.16 -7.26 36.51
N ALA B 244 50.60 -7.91 35.43
CA ALA B 244 49.66 -8.27 34.39
C ALA B 244 48.68 -9.33 34.88
N GLY B 245 49.19 -10.33 35.60
CA GLY B 245 48.31 -11.33 36.16
C GLY B 245 47.29 -10.71 37.10
N LEU B 246 47.74 -9.77 37.92
CA LEU B 246 46.84 -9.12 38.87
C LEU B 246 45.78 -8.33 38.14
N PHE B 247 46.19 -7.57 37.14
CA PHE B 247 45.26 -6.72 36.40
C PHE B 247 44.21 -7.58 35.71
N MET B 248 44.66 -8.63 35.02
CA MET B 248 43.73 -9.49 34.33
C MET B 248 42.84 -10.26 35.27
N ASN B 249 43.27 -10.47 36.52
CA ASN B 249 42.40 -11.16 37.46
C ASN B 249 41.14 -10.36 37.75
N ALA B 250 41.16 -9.05 37.55
CA ALA B 250 40.00 -8.20 37.77
C ALA B 250 39.14 -8.06 36.53
N TYR B 251 39.30 -8.94 35.55
CA TYR B 251 38.42 -8.94 34.39
C TYR B 251 37.06 -9.50 34.78
N GLY B 252 36.02 -8.90 34.23
CA GLY B 252 34.67 -9.38 34.46
C GLY B 252 34.21 -9.24 35.89
N ALA B 253 34.04 -8.00 36.33
CA ALA B 253 33.45 -7.70 37.62
C ALA B 253 31.99 -7.30 37.44
N GLY B 254 31.19 -7.57 38.47
CA GLY B 254 29.77 -7.35 38.37
C GLY B 254 29.11 -8.20 37.31
N GLN B 255 29.69 -9.37 37.03
CA GLN B 255 29.14 -10.30 36.06
C GLN B 255 29.22 -11.73 36.56
N VAL B 256 29.46 -11.93 37.84
CA VAL B 256 29.73 -13.25 38.39
C VAL B 256 28.53 -14.18 38.22
N MET B 257 27.33 -13.61 38.20
CA MET B 257 26.13 -14.44 38.17
C MET B 257 26.03 -15.22 36.88
N LEU B 258 26.53 -14.66 35.79
CA LEU B 258 26.51 -15.37 34.52
C LEU B 258 27.33 -16.65 34.61
N ARG B 259 28.53 -16.53 35.15
CA ARG B 259 29.42 -17.67 35.23
C ARG B 259 28.89 -18.70 36.21
N TRP B 260 28.30 -18.24 37.31
CA TRP B 260 27.69 -19.18 38.23
C TRP B 260 26.50 -19.89 37.60
N GLY B 261 25.78 -19.21 36.72
CA GLY B 261 24.69 -19.87 36.02
C GLY B 261 25.21 -20.92 35.07
N VAL B 262 26.29 -20.62 34.37
CA VAL B 262 26.93 -21.61 33.53
C VAL B 262 27.37 -22.80 34.37
N LEU B 263 27.83 -22.53 35.57
CA LEU B 263 28.25 -23.60 36.48
C LEU B 263 27.08 -24.52 36.80
N ALA B 264 25.97 -23.94 37.25
CA ALA B 264 24.80 -24.73 37.59
C ALA B 264 24.27 -25.47 36.38
N LYS B 265 24.45 -24.92 35.19
CA LYS B 265 24.09 -25.63 33.98
C LYS B 265 24.96 -26.87 33.83
N SER B 266 26.28 -26.69 33.92
CA SER B 266 27.21 -27.79 33.72
C SER B 266 27.03 -28.88 34.76
N VAL B 267 26.46 -28.54 35.92
CA VAL B 267 26.17 -29.55 36.93
C VAL B 267 24.85 -30.27 36.67
N LYS B 268 24.02 -29.75 35.77
CA LYS B 268 22.71 -30.33 35.46
C LYS B 268 21.82 -30.35 36.70
N ASN B 269 21.52 -29.15 37.18
CA ASN B 269 20.57 -29.02 38.27
C ASN B 269 19.17 -29.29 37.77
N ILE B 270 18.49 -30.21 38.44
CA ILE B 270 17.19 -30.70 37.99
C ILE B 270 16.15 -29.59 37.94
N MET B 271 16.30 -28.57 38.78
CA MET B 271 15.22 -27.60 38.97
C MET B 271 14.95 -26.75 37.73
N LEU B 272 15.85 -26.76 36.75
CA LEU B 272 15.65 -25.93 35.57
C LEU B 272 14.58 -26.47 34.64
N GLY B 273 14.05 -27.67 34.90
CA GLY B 273 12.88 -28.11 34.18
C GLY B 273 11.61 -27.39 34.55
N HIS B 274 11.66 -26.57 35.59
CA HIS B 274 10.50 -25.82 36.02
C HIS B 274 10.06 -24.83 34.94
N ALA B 275 8.75 -24.78 34.72
CA ALA B 275 8.19 -23.90 33.70
C ALA B 275 8.52 -22.44 33.96
N SER B 276 8.60 -22.07 35.24
CA SER B 276 8.82 -20.67 35.62
C SER B 276 10.19 -20.14 35.19
N VAL B 277 11.08 -21.01 34.72
CA VAL B 277 12.38 -20.60 34.20
C VAL B 277 12.50 -21.02 32.75
N GLN B 278 11.80 -22.10 32.38
CA GLN B 278 11.72 -22.45 30.96
C GLN B 278 11.10 -21.33 30.15
N ALA B 279 10.24 -20.54 30.78
CA ALA B 279 9.70 -19.35 30.13
C ALA B 279 10.82 -18.34 29.82
N GLU B 280 11.52 -17.89 30.86
CA GLU B 280 12.52 -16.84 30.74
C GLU B 280 13.77 -17.27 29.96
N MET B 281 13.89 -18.58 29.67
CA MET B 281 14.95 -19.13 28.85
C MET B 281 15.27 -18.28 27.61
N GLU B 282 14.24 -17.79 26.93
CA GLU B 282 14.44 -17.06 25.69
C GLU B 282 15.23 -15.79 25.93
N GLN B 283 14.77 -14.95 26.85
CA GLN B 283 15.43 -13.68 27.09
C GLN B 283 16.83 -13.88 27.64
N VAL B 284 17.01 -14.88 28.50
CA VAL B 284 18.35 -15.08 29.05
C VAL B 284 19.30 -15.53 27.95
N VAL B 285 18.80 -16.34 27.03
CA VAL B 285 19.59 -16.73 25.87
C VAL B 285 19.98 -15.51 25.06
N GLU B 286 19.04 -14.58 24.91
CA GLU B 286 19.29 -13.43 24.06
C GLU B 286 20.37 -12.55 24.65
N VAL B 287 20.31 -12.32 25.96
CA VAL B 287 21.36 -11.51 26.58
C VAL B 287 22.70 -12.22 26.53
N TYR B 288 22.70 -13.55 26.65
CA TYR B 288 23.96 -14.27 26.54
C TYR B 288 24.55 -14.09 25.14
N GLU B 289 23.69 -14.12 24.12
CA GLU B 289 24.16 -13.90 22.76
C GLU B 289 24.71 -12.49 22.60
N TYR B 290 24.06 -11.52 23.24
CA TYR B 290 24.53 -10.15 23.17
C TYR B 290 25.93 -10.04 23.76
N ALA B 291 26.13 -10.68 24.90
CA ALA B 291 27.45 -10.64 25.53
C ALA B 291 28.49 -11.32 24.66
N GLN B 292 28.13 -12.47 24.07
CA GLN B 292 29.05 -13.14 23.18
C GLN B 292 29.40 -12.29 21.98
N LYS B 293 28.44 -11.50 21.51
CA LYS B 293 28.70 -10.63 20.38
C LYS B 293 29.66 -9.51 20.76
N LEU B 294 29.43 -8.89 21.91
CA LEU B 294 30.34 -7.85 22.35
C LEU B 294 31.72 -8.39 22.61
N GLY B 295 31.81 -9.63 23.09
CA GLY B 295 33.09 -10.28 23.26
C GLY B 295 34.01 -9.62 24.24
N GLY B 296 35.09 -9.03 23.72
CA GLY B 296 36.18 -8.57 24.55
C GLY B 296 35.79 -7.49 25.54
N GLU B 297 35.43 -6.31 25.03
CA GLU B 297 35.13 -5.17 25.89
C GLU B 297 33.75 -5.38 26.51
N ALA B 298 33.72 -6.28 27.48
CA ALA B 298 32.49 -6.61 28.19
C ALA B 298 32.69 -6.62 29.69
N GLY B 299 33.89 -6.98 30.15
CA GLY B 299 34.11 -7.17 31.56
C GLY B 299 34.40 -5.89 32.31
N PHE B 300 34.83 -4.85 31.62
CA PHE B 300 35.24 -3.60 32.23
C PHE B 300 34.12 -2.58 32.30
N TYR B 301 32.89 -2.96 31.93
CA TYR B 301 31.80 -2.00 31.94
C TYR B 301 31.44 -1.57 33.35
N HIS B 302 31.16 -2.55 34.22
CA HIS B 302 30.76 -2.23 35.58
C HIS B 302 31.85 -1.50 36.34
N ILE B 303 33.10 -1.59 35.88
CA ILE B 303 34.15 -0.79 36.48
C ILE B 303 33.82 0.68 36.34
N LEU B 304 33.25 1.04 35.21
CA LEU B 304 32.92 2.41 34.88
C LEU B 304 31.45 2.67 35.15
N ASN B 305 31.04 3.91 34.91
CA ASN B 305 29.64 4.29 34.92
C ASN B 305 29.01 4.14 33.54
N ASN B 306 29.54 3.23 32.74
CA ASN B 306 29.00 3.05 31.40
C ASN B 306 27.55 2.58 31.50
N PRO B 307 26.61 3.25 30.83
CA PRO B 307 25.20 3.00 31.12
C PRO B 307 24.69 1.68 30.58
N LYS B 308 25.44 1.04 29.70
CA LYS B 308 24.96 -0.16 29.03
C LYS B 308 25.15 -1.42 29.88
N ALA B 309 25.66 -1.28 31.09
CA ALA B 309 25.91 -2.46 31.91
C ALA B 309 24.65 -2.99 32.55
N SER B 310 23.65 -2.14 32.75
CA SER B 310 22.43 -2.55 33.41
C SER B 310 21.72 -3.67 32.65
N LEU B 311 21.98 -3.80 31.36
CA LEU B 311 21.40 -4.89 30.59
C LEU B 311 21.83 -6.23 31.15
N LEU B 312 23.10 -6.34 31.51
CA LEU B 312 23.70 -7.61 31.88
C LEU B 312 23.53 -7.91 33.36
N SER B 313 22.27 -7.86 33.82
CA SER B 313 21.92 -8.21 35.18
C SER B 313 20.69 -9.09 35.13
N LEU B 314 20.83 -10.32 35.61
CA LEU B 314 19.73 -11.27 35.67
C LEU B 314 18.90 -11.12 36.93
N THR B 315 19.08 -10.03 37.67
CA THR B 315 18.20 -9.77 38.80
C THR B 315 16.76 -9.61 38.37
N GLN B 316 16.54 -9.12 37.15
CA GLN B 316 15.19 -9.00 36.62
C GLN B 316 14.57 -10.34 36.27
N PHE B 317 15.35 -11.41 36.25
CA PHE B 317 14.85 -12.77 36.06
C PHE B 317 14.89 -13.49 37.40
N PRO B 318 13.87 -13.31 38.24
CA PRO B 318 14.00 -13.71 39.64
C PRO B 318 14.14 -15.20 39.83
N HIS B 319 13.38 -15.99 39.08
CA HIS B 319 13.43 -17.44 39.27
C HIS B 319 14.81 -17.98 38.91
N PHE B 320 15.34 -17.56 37.77
CA PHE B 320 16.66 -17.99 37.35
C PHE B 320 17.72 -17.57 38.34
N SER B 321 17.65 -16.31 38.79
CA SER B 321 18.64 -15.82 39.74
C SER B 321 18.58 -16.63 41.03
N SER B 322 17.39 -16.92 41.51
CA SER B 322 17.25 -17.60 42.79
C SER B 322 17.75 -19.04 42.69
N VAL B 323 17.45 -19.72 41.59
CA VAL B 323 17.89 -21.10 41.47
C VAL B 323 19.40 -21.16 41.35
N VAL B 324 19.99 -20.21 40.63
CA VAL B 324 21.45 -20.22 40.50
C VAL B 324 22.09 -19.96 41.85
N LEU B 325 21.52 -19.02 42.61
CA LEU B 325 22.06 -18.72 43.93
C LEU B 325 21.98 -19.94 44.83
N GLY B 326 20.84 -20.62 44.83
CA GLY B 326 20.70 -21.79 45.67
C GLY B 326 21.66 -22.89 45.29
N ASN B 327 21.90 -23.05 43.99
CA ASN B 327 22.84 -24.06 43.52
C ASN B 327 24.24 -23.74 44.02
N ALA B 328 24.68 -22.51 43.78
CA ALA B 328 26.04 -22.15 44.17
C ALA B 328 26.23 -22.22 45.67
N ALA B 329 25.19 -21.89 46.44
CA ALA B 329 25.33 -21.97 47.89
C ALA B 329 25.35 -23.42 48.34
N GLY B 330 24.59 -24.28 47.67
CA GLY B 330 24.65 -25.70 47.97
C GLY B 330 26.01 -26.28 47.66
N LEU B 331 26.71 -25.71 46.68
CA LEU B 331 28.08 -26.11 46.44
C LEU B 331 29.06 -25.58 47.47
N GLY B 332 28.61 -24.68 48.35
CA GLY B 332 29.47 -24.18 49.40
C GLY B 332 30.65 -23.38 48.88
N ILE B 333 30.36 -22.44 47.99
CA ILE B 333 31.37 -21.52 47.47
C ILE B 333 30.96 -20.07 47.56
N MET B 334 29.68 -19.76 47.65
CA MET B 334 29.21 -18.39 47.83
C MET B 334 29.54 -17.99 49.25
N GLY B 335 30.77 -17.52 49.44
CA GLY B 335 31.27 -17.22 50.76
C GLY B 335 30.47 -16.15 51.48
N GLU B 336 30.54 -14.91 51.00
CA GLU B 336 29.90 -13.78 51.65
C GLU B 336 29.25 -12.86 50.63
N TYR B 337 28.86 -13.39 49.49
CA TYR B 337 28.23 -12.57 48.46
C TYR B 337 26.90 -12.07 48.97
N ARG B 338 26.84 -10.78 49.28
CA ARG B 338 25.64 -10.17 49.87
C ARG B 338 24.60 -9.95 48.78
N GLY B 339 24.07 -11.08 48.30
CA GLY B 339 22.96 -11.10 47.37
C GLY B 339 21.69 -11.57 48.06
N THR B 340 20.64 -11.74 47.25
CA THR B 340 19.37 -12.20 47.74
C THR B 340 18.62 -12.87 46.60
N PRO B 341 17.90 -13.97 46.86
CA PRO B 341 17.01 -14.51 45.83
C PRO B 341 15.62 -13.91 45.93
N ARG B 342 14.70 -14.37 45.07
CA ARG B 342 13.30 -14.00 45.14
C ARG B 342 12.43 -15.18 45.53
N ASN B 343 12.51 -16.28 44.77
CA ASN B 343 11.78 -17.50 45.10
C ASN B 343 12.60 -18.29 46.09
N GLN B 344 12.36 -18.00 47.37
CA GLN B 344 13.07 -18.68 48.45
C GLN B 344 12.86 -20.18 48.39
N ASP B 345 11.69 -20.61 47.94
CA ASP B 345 11.42 -22.05 47.83
C ASP B 345 12.35 -22.70 46.83
N LEU B 346 12.45 -22.11 45.64
CA LEU B 346 13.35 -22.64 44.62
C LEU B 346 14.79 -22.60 45.10
N TYR B 347 15.16 -21.53 45.78
CA TYR B 347 16.51 -21.40 46.32
C TYR B 347 16.84 -22.56 47.25
N ASP B 348 15.97 -22.77 48.24
CA ASP B 348 16.20 -23.84 49.20
C ASP B 348 16.17 -25.20 48.54
N ALA B 349 15.29 -25.38 47.55
CA ALA B 349 15.18 -26.67 46.89
C ALA B 349 16.45 -27.00 46.14
N ALA B 350 16.98 -26.04 45.38
CA ALA B 350 18.20 -26.27 44.64
C ALA B 350 19.37 -26.51 45.58
N LYS B 351 19.42 -25.77 46.69
CA LYS B 351 20.50 -25.97 47.66
C LYS B 351 20.45 -27.38 48.23
N ALA B 352 19.26 -27.83 48.60
CA ALA B 352 19.10 -29.17 49.14
C ALA B 352 19.51 -30.22 48.12
N TYR B 353 19.11 -30.01 46.86
CA TYR B 353 19.48 -30.95 45.82
C TYR B 353 20.99 -31.04 45.67
N ALA B 354 21.65 -29.89 45.66
CA ALA B 354 23.10 -29.87 45.45
C ALA B 354 23.83 -30.54 46.60
N GLU B 355 23.50 -30.17 47.84
CA GLU B 355 24.18 -30.77 48.97
C GLU B 355 23.89 -32.26 49.06
N GLN B 356 22.69 -32.68 48.65
CA GLN B 356 22.41 -34.11 48.57
C GLN B 356 23.28 -34.77 47.52
N LEU B 357 23.51 -34.07 46.41
CA LEU B 357 24.23 -34.64 45.29
C LEU B 357 25.73 -34.69 45.51
N LYS B 358 26.26 -33.85 46.39
CA LYS B 358 27.70 -33.83 46.59
C LYS B 358 28.15 -34.94 47.54
N GLU B 359 27.43 -35.11 48.65
CA GLU B 359 27.86 -36.06 49.67
C GLU B 359 27.90 -37.48 49.14
N ASN B 360 26.95 -37.83 48.29
CA ASN B 360 26.91 -39.14 47.64
C ASN B 360 27.72 -39.16 46.36
N GLY B 361 28.59 -38.18 46.13
CA GLY B 361 29.38 -38.15 44.92
C GLY B 361 30.37 -39.29 44.90
N VAL B 362 30.31 -40.11 43.87
CA VAL B 362 31.24 -41.23 43.72
C VAL B 362 32.65 -40.70 43.51
N MET D 1 8.40 -22.00 -18.44
CA MET D 1 8.77 -21.99 -19.88
C MET D 1 7.93 -20.95 -20.61
N ALA D 2 7.65 -21.16 -21.90
CA ALA D 2 6.94 -20.16 -22.69
C ALA D 2 5.54 -19.87 -22.17
N LEU D 3 4.95 -20.79 -21.42
CA LEU D 3 3.58 -20.61 -20.97
C LEU D 3 3.43 -19.48 -19.97
N SER D 4 4.52 -19.10 -19.29
CA SER D 4 4.40 -18.19 -18.17
C SER D 4 3.92 -16.80 -18.59
N LYS D 5 4.19 -16.41 -19.83
CA LYS D 5 3.82 -15.09 -20.32
C LYS D 5 2.45 -15.04 -20.96
N VAL D 6 1.72 -16.15 -21.01
CA VAL D 6 0.35 -16.14 -21.48
C VAL D 6 -0.51 -15.55 -20.37
N LYS D 7 -0.87 -14.28 -20.50
CA LYS D 7 -1.53 -13.56 -19.43
C LYS D 7 -2.49 -12.53 -20.01
N LEU D 8 -3.33 -11.98 -19.14
CA LEU D 8 -4.28 -10.96 -19.54
C LEU D 8 -4.71 -10.21 -18.28
N ASN D 9 -4.26 -8.97 -18.14
CA ASN D 9 -4.53 -8.17 -16.94
C ASN D 9 -5.69 -7.22 -17.22
N ASP D 10 -6.89 -7.80 -17.24
CA ASP D 10 -8.09 -7.03 -17.50
C ASP D 10 -8.32 -5.95 -16.45
N THR D 11 -7.93 -6.23 -15.21
CA THR D 11 -8.12 -5.26 -14.14
C THR D 11 -7.29 -4.01 -14.39
N LEU D 12 -6.00 -4.20 -14.64
CA LEU D 12 -5.13 -3.06 -14.92
C LEU D 12 -5.61 -2.32 -16.15
N ASN D 13 -6.09 -3.05 -17.15
CA ASN D 13 -6.53 -2.38 -18.36
C ASN D 13 -7.77 -1.54 -18.11
N LYS D 14 -8.70 -2.06 -17.31
CA LYS D 14 -9.86 -1.28 -16.93
C LYS D 14 -9.46 -0.06 -16.13
N ASP D 15 -8.47 -0.21 -15.26
CA ASP D 15 -7.99 0.90 -14.46
C ASP D 15 -7.45 2.00 -15.35
N GLN D 16 -6.58 1.63 -16.29
CA GLN D 16 -6.01 2.58 -17.22
C GLN D 16 -7.12 3.27 -18.02
N LEU D 17 -8.09 2.47 -18.47
CA LEU D 17 -9.19 3.01 -19.25
C LEU D 17 -9.95 4.07 -18.48
N LEU D 18 -10.41 3.73 -17.29
CA LEU D 18 -11.20 4.67 -16.52
C LEU D 18 -10.38 5.86 -16.06
N SER D 19 -9.08 5.69 -15.91
CA SER D 19 -8.24 6.82 -15.54
C SER D 19 -8.14 7.81 -16.68
N SER D 20 -8.07 7.32 -17.92
CA SER D 20 -7.94 8.17 -19.11
C SER D 20 -9.10 7.88 -20.03
N SER D 21 -10.10 8.75 -20.00
CA SER D 21 -11.33 8.60 -20.77
C SER D 21 -11.61 9.75 -21.72
N LYS D 22 -10.94 10.89 -21.56
CA LYS D 22 -10.92 12.03 -22.47
C LYS D 22 -12.20 12.88 -22.37
N TYR D 23 -13.24 12.44 -21.68
CA TYR D 23 -14.52 13.13 -21.68
C TYR D 23 -15.05 13.23 -20.27
N THR D 24 -16.09 14.03 -20.10
CA THR D 24 -16.65 14.29 -18.79
C THR D 24 -18.11 14.70 -18.94
N ILE D 25 -18.91 14.34 -17.95
CA ILE D 25 -20.28 14.78 -17.82
C ILE D 25 -20.32 15.75 -16.64
N GLN D 26 -21.23 16.72 -16.71
CA GLN D 26 -21.29 17.77 -15.71
C GLN D 26 -22.74 18.07 -15.34
N ARG D 27 -22.93 18.36 -14.06
CA ARG D 27 -24.16 18.93 -13.53
C ARG D 27 -24.02 20.43 -13.30
N SER D 28 -23.00 20.81 -12.53
CA SER D 28 -22.62 22.20 -12.28
C SER D 28 -23.80 23.04 -11.81
N THR D 29 -24.36 22.69 -10.65
CA THR D 29 -25.55 23.37 -10.17
C THR D 29 -25.28 24.85 -9.90
N GLY D 30 -24.13 25.17 -9.31
CA GLY D 30 -23.80 26.53 -8.97
C GLY D 30 -24.23 26.94 -7.58
N ASP D 31 -24.20 26.04 -6.61
CA ASP D 31 -24.64 26.36 -5.26
C ASP D 31 -23.64 27.29 -4.58
N SER D 32 -24.08 27.87 -3.48
CA SER D 32 -23.34 28.88 -2.73
C SER D 32 -23.23 28.45 -1.27
N ILE D 33 -22.82 27.18 -1.09
CA ILE D 33 -22.74 26.62 0.25
C ILE D 33 -21.73 27.38 1.10
N ASP D 34 -22.02 27.46 2.40
CA ASP D 34 -21.26 28.29 3.31
C ASP D 34 -19.89 27.67 3.61
N THR D 35 -19.02 28.49 4.19
CA THR D 35 -17.74 28.05 4.70
C THR D 35 -17.25 29.02 5.77
N PRO D 36 -17.12 28.60 7.04
CA PRO D 36 -16.54 29.49 8.04
C PRO D 36 -15.02 29.38 8.11
N ASN D 37 -14.42 30.09 9.06
CA ASN D 37 -12.99 30.04 9.30
C ASN D 37 -12.72 29.79 10.78
N TYR D 38 -11.46 29.94 11.19
CA TYR D 38 -11.06 29.55 12.55
C TYR D 38 -11.72 30.37 13.63
N ASP D 39 -12.30 31.52 13.30
CA ASP D 39 -12.69 32.48 14.33
C ASP D 39 -13.91 32.00 15.10
N VAL D 40 -14.92 31.52 14.41
CA VAL D 40 -16.24 31.29 15.01
C VAL D 40 -16.33 29.94 15.71
N GLN D 41 -15.20 29.23 15.80
CA GLN D 41 -15.19 27.92 16.44
C GLN D 41 -15.66 27.99 17.87
N LYS D 42 -15.31 29.08 18.57
CA LYS D 42 -15.67 29.19 19.97
C LYS D 42 -17.17 29.37 20.14
N HIS D 43 -17.76 30.25 19.32
CA HIS D 43 -19.19 30.43 19.36
C HIS D 43 -19.91 29.14 19.02
N ILE D 44 -19.39 28.40 18.04
CA ILE D 44 -20.07 27.18 17.61
C ILE D 44 -19.97 26.12 18.71
N ASN D 45 -18.81 26.05 19.37
CA ASN D 45 -18.65 25.10 20.46
C ASN D 45 -19.59 25.43 21.61
N LYS D 46 -19.72 26.72 21.92
CA LYS D 46 -20.66 27.13 22.95
C LYS D 46 -22.08 26.74 22.56
N LEU D 47 -22.41 26.89 21.28
CA LEU D 47 -23.75 26.54 20.81
C LEU D 47 -24.00 25.05 20.98
N CYS D 48 -23.03 24.22 20.57
CA CYS D 48 -23.17 22.79 20.71
C CYS D 48 -23.27 22.41 22.19
N GLY D 49 -22.54 23.12 23.05
CA GLY D 49 -22.63 22.85 24.47
C GLY D 49 -24.01 23.16 25.03
N MET D 50 -24.60 24.27 24.56
CA MET D 50 -25.97 24.59 24.94
C MET D 50 -26.91 23.48 24.50
N LEU D 51 -26.77 23.07 23.25
CA LEU D 51 -27.64 22.04 22.69
C LEU D 51 -27.41 20.68 23.32
N LEU D 52 -26.28 20.48 23.99
CA LEU D 52 -26.03 19.26 24.73
C LEU D 52 -26.60 19.32 26.14
N ILE D 53 -26.36 20.41 26.86
CA ILE D 53 -26.85 20.49 28.23
C ILE D 53 -28.37 20.54 28.24
N THR D 54 -28.98 21.13 27.24
CA THR D 54 -30.44 21.17 27.20
C THR D 54 -31.00 19.78 27.01
N GLU D 55 -32.14 19.53 27.63
CA GLU D 55 -32.76 18.22 27.63
C GLU D 55 -33.77 18.10 26.49
N ASP D 56 -33.86 16.89 25.94
CA ASP D 56 -34.87 16.48 24.95
C ASP D 56 -35.03 17.49 23.81
N ALA D 57 -33.95 18.17 23.45
CA ALA D 57 -34.01 19.10 22.33
C ALA D 57 -34.11 18.34 21.03
N ASN D 58 -34.79 18.96 20.06
CA ASN D 58 -34.98 18.34 18.76
C ASN D 58 -33.66 18.35 18.00
N HIS D 59 -32.90 17.27 18.13
CA HIS D 59 -31.60 17.16 17.46
C HIS D 59 -31.85 16.92 15.97
N LYS D 60 -32.22 17.98 15.28
CA LYS D 60 -32.56 17.94 13.87
C LYS D 60 -31.39 18.39 12.99
N PHE D 61 -30.90 19.59 13.22
CA PHE D 61 -29.82 20.17 12.43
C PHE D 61 -28.44 19.89 13.04
N THR D 62 -28.36 18.92 13.96
CA THR D 62 -27.13 18.68 14.68
C THR D 62 -26.02 18.21 13.75
N GLY D 63 -26.36 17.38 12.76
CA GLY D 63 -25.35 16.93 11.83
C GLY D 63 -24.80 18.06 11.00
N LEU D 64 -25.69 18.96 10.56
CA LEU D 64 -25.25 20.16 9.86
C LEU D 64 -24.32 20.97 10.73
N ILE D 65 -24.70 21.17 11.99
CA ILE D 65 -23.90 21.98 12.90
C ILE D 65 -22.52 21.37 13.08
N GLY D 66 -22.47 20.05 13.18
CA GLY D 66 -21.19 19.39 13.33
C GLY D 66 -20.33 19.54 12.09
N MET D 67 -20.95 19.48 10.91
CA MET D 67 -20.19 19.68 9.69
C MET D 67 -19.66 21.10 9.62
N LEU D 68 -20.41 22.06 10.15
CA LEU D 68 -19.92 23.44 10.18
C LEU D 68 -18.76 23.56 11.13
N TYR D 69 -18.84 22.88 12.28
CA TYR D 69 -17.69 22.81 13.18
C TYR D 69 -16.48 22.25 12.46
N ALA D 70 -16.69 21.22 11.65
CA ALA D 70 -15.58 20.60 10.95
C ALA D 70 -14.94 21.56 9.96
N MET D 71 -15.78 22.25 9.18
CA MET D 71 -15.26 23.18 8.19
C MET D 71 -14.51 24.33 8.87
N SER D 72 -15.02 24.78 10.03
CA SER D 72 -14.35 25.84 10.76
C SER D 72 -13.00 25.35 11.29
N ARG D 73 -12.95 24.10 11.76
CA ARG D 73 -11.70 23.55 12.24
C ARG D 73 -10.72 23.35 11.10
N LEU D 74 -11.22 23.15 9.89
CA LEU D 74 -10.35 22.90 8.75
C LEU D 74 -9.78 24.19 8.19
N GLY D 75 -10.65 25.04 7.66
CA GLY D 75 -10.22 26.23 6.94
C GLY D 75 -10.92 26.39 5.61
N ARG D 76 -11.23 27.65 5.30
CA ARG D 76 -11.95 28.00 4.08
C ARG D 76 -11.22 27.48 2.84
N GLU D 77 -9.96 27.88 2.70
CA GLU D 77 -9.20 27.54 1.51
C GLU D 77 -9.03 26.04 1.36
N ASP D 78 -8.84 25.33 2.47
CA ASP D 78 -8.63 23.90 2.39
C ASP D 78 -9.90 23.18 1.97
N THR D 79 -11.04 23.59 2.55
CA THR D 79 -12.32 23.02 2.13
C THR D 79 -12.54 23.24 0.64
N ILE D 80 -12.31 24.47 0.18
CA ILE D 80 -12.51 24.79 -1.22
C ILE D 80 -11.58 23.95 -2.08
N LYS D 81 -10.36 23.75 -1.61
CA LYS D 81 -9.39 22.99 -2.38
C LYS D 81 -9.84 21.55 -2.56
N ILE D 82 -10.27 20.91 -1.47
CA ILE D 82 -10.67 19.52 -1.60
C ILE D 82 -11.94 19.40 -2.42
N LEU D 83 -12.81 20.41 -2.36
CA LEU D 83 -14.01 20.37 -3.18
C LEU D 83 -13.68 20.48 -4.65
N ARG D 84 -12.73 21.36 -5.00
CA ARG D 84 -12.34 21.48 -6.39
C ARG D 84 -11.62 20.23 -6.87
N ASP D 85 -10.86 19.59 -5.99
CA ASP D 85 -10.26 18.30 -6.34
C ASP D 85 -11.33 17.26 -6.58
N ALA D 86 -12.39 17.32 -5.79
CA ALA D 86 -13.55 16.45 -6.00
C ALA D 86 -14.31 16.81 -7.26
N GLY D 87 -14.12 18.03 -7.78
CA GLY D 87 -14.73 18.41 -9.03
C GLY D 87 -16.11 19.02 -8.88
N TYR D 88 -16.20 20.10 -8.13
CA TYR D 88 -17.44 20.81 -7.90
C TYR D 88 -17.41 22.19 -8.54
N HIS D 89 -18.58 22.80 -8.59
CA HIS D 89 -18.83 24.09 -9.23
C HIS D 89 -19.64 24.99 -8.30
N VAL D 90 -19.21 25.07 -7.05
CA VAL D 90 -19.96 25.74 -5.99
C VAL D 90 -19.23 27.01 -5.58
N LYS D 91 -19.85 27.79 -4.69
CA LYS D 91 -19.32 29.06 -4.23
C LYS D 91 -19.24 29.07 -2.72
N ALA D 92 -18.63 30.13 -2.20
CA ALA D 92 -18.31 30.27 -0.78
C ALA D 92 -19.12 31.41 -0.19
N ASN D 93 -20.27 31.09 0.38
CA ASN D 93 -21.07 32.06 1.10
C ASN D 93 -20.41 32.29 2.45
N GLY D 94 -19.61 33.35 2.54
CA GLY D 94 -18.86 33.60 3.76
C GLY D 94 -19.76 33.84 4.95
N VAL D 95 -19.32 33.36 6.10
CA VAL D 95 -20.07 33.47 7.34
C VAL D 95 -19.61 34.70 8.09
N ASP D 96 -20.52 35.30 8.85
CA ASP D 96 -20.24 36.52 9.57
C ASP D 96 -21.03 36.52 10.87
N VAL D 97 -20.35 36.83 11.97
CA VAL D 97 -20.99 36.92 13.27
C VAL D 97 -21.70 38.26 13.39
N THR D 98 -22.77 38.29 14.17
CA THR D 98 -23.52 39.52 14.38
C THR D 98 -24.45 39.33 15.56
N THR D 99 -24.92 40.47 16.08
CA THR D 99 -25.92 40.49 17.13
C THR D 99 -27.30 40.63 16.52
N HIS D 100 -28.28 40.05 17.20
CA HIS D 100 -29.68 40.16 16.83
C HIS D 100 -30.47 40.74 17.99
N ARG D 101 -31.36 41.66 17.67
CA ARG D 101 -32.22 42.31 18.65
C ARG D 101 -33.60 41.69 18.58
N GLN D 102 -34.17 41.42 19.76
CA GLN D 102 -35.49 40.82 19.84
C GLN D 102 -36.10 41.22 21.18
N ASP D 103 -37.24 41.91 21.12
CA ASP D 103 -37.96 42.27 22.33
C ASP D 103 -38.65 41.01 22.84
N ILE D 104 -37.87 40.12 23.45
CA ILE D 104 -38.43 38.91 24.07
C ILE D 104 -39.36 39.33 25.21
N ASN D 105 -40.64 38.92 25.09
CA ASN D 105 -41.73 39.08 26.05
C ASN D 105 -41.60 40.34 26.89
N GLY D 106 -41.38 41.47 26.22
CA GLY D 106 -41.22 42.75 26.87
C GLY D 106 -39.82 43.08 27.32
N LYS D 107 -38.81 42.45 26.72
CA LYS D 107 -37.42 42.72 27.09
C LYS D 107 -36.57 42.69 25.82
N GLU D 108 -35.96 43.81 25.49
CA GLU D 108 -34.98 43.81 24.41
C GLU D 108 -33.70 43.15 24.90
N MET D 109 -33.24 42.15 24.15
CA MET D 109 -32.05 41.39 24.50
C MET D 109 -31.16 41.24 23.28
N LYS D 110 -29.86 41.14 23.54
CA LYS D 110 -28.87 40.90 22.50
C LYS D 110 -28.72 39.40 22.32
N PHE D 111 -28.50 38.99 21.07
CA PHE D 111 -28.46 37.58 20.72
C PHE D 111 -27.34 37.34 19.72
N GLU D 112 -26.37 36.54 20.12
CA GLU D 112 -25.26 36.18 19.25
C GLU D 112 -25.75 35.23 18.17
N VAL D 113 -25.61 35.63 16.91
CA VAL D 113 -26.06 34.84 15.78
C VAL D 113 -25.09 35.01 14.62
N LEU D 114 -25.17 34.08 13.68
CA LEU D 114 -24.33 34.05 12.49
C LEU D 114 -25.21 34.05 11.26
N THR D 115 -24.88 34.91 10.30
CA THR D 115 -25.61 34.94 9.04
C THR D 115 -25.30 33.68 8.25
N LEU D 116 -26.35 33.01 7.78
CA LEU D 116 -26.19 31.78 7.02
C LEU D 116 -27.36 31.59 6.09
N ALA D 117 -27.12 30.86 5.01
CA ALA D 117 -28.17 30.53 4.04
C ALA D 117 -28.94 29.28 4.43
N SER D 118 -28.65 28.69 5.60
CA SER D 118 -29.34 27.50 6.09
C SER D 118 -29.96 27.69 7.46
N LEU D 119 -29.42 28.60 8.27
CA LEU D 119 -29.84 28.80 9.65
C LEU D 119 -30.83 29.95 9.76
N THR D 120 -31.43 30.06 10.94
CA THR D 120 -32.35 31.14 11.25
C THR D 120 -32.11 31.62 12.67
N THR D 121 -32.01 32.94 12.81
CA THR D 121 -31.76 33.53 14.12
C THR D 121 -32.86 33.17 15.10
N GLU D 122 -34.08 33.00 14.61
CA GLU D 122 -35.20 32.56 15.44
C GLU D 122 -34.89 31.26 16.16
N ILE D 123 -34.55 30.22 15.41
CA ILE D 123 -34.28 28.95 16.06
C ILE D 123 -33.01 29.02 16.87
N GLN D 124 -32.05 29.86 16.46
CA GLN D 124 -30.85 30.06 17.27
C GLN D 124 -31.21 30.56 18.66
N ILE D 125 -32.02 31.62 18.73
CA ILE D 125 -32.37 32.18 20.03
C ILE D 125 -33.27 31.22 20.79
N ASN D 126 -34.10 30.45 20.09
CA ASN D 126 -34.90 29.43 20.75
C ASN D 126 -34.00 28.45 21.48
N ILE D 127 -32.97 27.97 20.79
CA ILE D 127 -32.02 27.04 21.37
C ILE D 127 -31.36 27.66 22.59
N GLU D 128 -30.92 28.91 22.45
CA GLU D 128 -30.23 29.58 23.54
C GLU D 128 -31.14 29.75 24.74
N ILE D 129 -32.41 30.08 24.49
CA ILE D 129 -33.36 30.27 25.58
C ILE D 129 -33.60 28.97 26.32
N GLU D 130 -33.81 27.89 25.58
CA GLU D 130 -34.06 26.60 26.21
C GLU D 130 -32.85 26.15 27.02
N SER D 131 -31.66 26.38 26.46
CA SER D 131 -30.43 26.04 27.18
C SER D 131 -30.33 26.84 28.47
N ARG D 132 -30.61 28.13 28.40
CA ARG D 132 -30.54 28.97 29.59
C ARG D 132 -31.54 28.52 30.65
N LYS D 133 -32.75 28.19 30.22
CA LYS D 133 -33.80 27.79 31.15
C LYS D 133 -33.43 26.51 31.88
N SER D 134 -33.10 25.46 31.13
CA SER D 134 -32.74 24.21 31.81
C SER D 134 -31.41 24.32 32.52
N TYR D 135 -30.56 25.27 32.13
CA TYR D 135 -29.29 25.45 32.84
C TYR D 135 -29.52 26.07 34.21
N LYS D 136 -30.36 27.09 34.28
CA LYS D 136 -30.68 27.64 35.59
C LYS D 136 -31.47 26.63 36.42
N LYS D 137 -32.30 25.80 35.77
CA LYS D 137 -32.95 24.71 36.50
C LYS D 137 -31.91 23.74 37.07
N MET D 138 -30.88 23.44 36.29
CA MET D 138 -29.81 22.58 36.79
C MET D 138 -29.07 23.25 37.94
N LEU D 139 -28.93 24.57 37.87
CA LEU D 139 -28.33 25.30 38.98
C LEU D 139 -29.19 25.16 40.22
N LYS D 140 -30.51 25.12 40.05
CA LYS D 140 -31.36 24.77 41.17
C LYS D 140 -31.07 23.35 41.63
N GLU D 141 -31.50 23.04 42.85
CA GLU D 141 -31.40 21.73 43.50
C GLU D 141 -29.96 21.24 43.70
N MET D 142 -28.95 22.03 43.34
CA MET D 142 -27.57 21.76 43.72
C MET D 142 -26.79 23.00 44.13
N GLY D 143 -27.20 24.20 43.72
CA GLY D 143 -26.52 25.42 44.05
C GLY D 143 -25.51 25.85 43.02
N GLU D 144 -24.82 24.90 42.38
CA GLU D 144 -23.82 25.23 41.38
C GLU D 144 -23.53 24.00 40.54
N VAL D 145 -23.18 24.25 39.28
CA VAL D 145 -22.78 23.21 38.34
C VAL D 145 -21.27 23.30 38.17
N ALA D 146 -20.66 22.15 37.86
CA ALA D 146 -19.23 22.13 37.61
C ALA D 146 -18.93 22.72 36.23
N PRO D 147 -17.67 23.08 35.97
CA PRO D 147 -17.32 23.53 34.62
C PRO D 147 -17.50 22.47 33.55
N GLU D 148 -17.47 21.20 33.93
CA GLU D 148 -17.69 20.09 33.00
C GLU D 148 -19.16 19.74 32.84
N TYR D 149 -20.06 20.66 33.21
CA TYR D 149 -21.49 20.49 33.01
C TYR D 149 -22.12 21.63 32.23
N ARG D 150 -21.35 22.64 31.85
CA ARG D 150 -21.87 23.83 31.18
C ARG D 150 -21.45 23.84 29.72
N HIS D 151 -22.13 24.70 28.96
CA HIS D 151 -21.87 24.78 27.52
C HIS D 151 -20.49 25.31 27.20
N ASP D 152 -19.81 25.93 28.16
CA ASP D 152 -18.53 26.57 27.87
C ASP D 152 -17.40 25.59 27.62
N SER D 153 -17.57 24.32 27.96
CA SER D 153 -16.47 23.38 27.81
C SER D 153 -16.26 23.01 26.35
N PRO D 154 -15.07 22.54 25.99
CA PRO D 154 -14.67 22.53 24.56
C PRO D 154 -14.84 21.22 23.81
N ASP D 155 -15.46 20.19 24.38
CA ASP D 155 -15.44 18.85 23.79
C ASP D 155 -16.72 18.50 23.04
N CYS D 156 -17.62 19.47 22.84
CA CYS D 156 -18.95 19.16 22.34
C CYS D 156 -18.92 18.67 20.90
N GLY D 157 -18.25 19.43 20.03
CA GLY D 157 -18.20 19.05 18.63
C GLY D 157 -17.57 17.68 18.44
N MET D 158 -16.55 17.38 19.23
CA MET D 158 -15.92 16.08 19.14
C MET D 158 -16.87 14.99 19.61
N ILE D 159 -17.68 15.30 20.62
CA ILE D 159 -18.66 14.33 21.10
C ILE D 159 -19.64 14.00 19.97
N ILE D 160 -20.08 15.01 19.23
CA ILE D 160 -21.00 14.73 18.13
C ILE D 160 -20.31 13.95 17.04
N LEU D 161 -19.08 14.32 16.72
CA LEU D 161 -18.39 13.69 15.62
C LEU D 161 -18.04 12.25 15.92
N CYS D 162 -17.99 11.87 17.19
CA CYS D 162 -17.85 10.46 17.52
C CYS D 162 -19.02 9.65 16.99
N ILE D 163 -20.23 10.15 17.23
CA ILE D 163 -21.42 9.49 16.68
C ILE D 163 -21.37 9.53 15.17
N ALA D 164 -20.87 10.62 14.60
CA ALA D 164 -20.74 10.69 13.15
C ALA D 164 -19.86 9.57 12.62
N ALA D 165 -18.77 9.27 13.34
CA ALA D 165 -17.91 8.18 12.93
C ALA D 165 -18.63 6.83 13.08
N LEU D 166 -19.40 6.70 14.15
CA LEU D 166 -20.17 5.47 14.30
C LEU D 166 -21.14 5.27 13.16
N VAL D 167 -21.63 6.36 12.58
CA VAL D 167 -22.58 6.24 11.48
C VAL D 167 -21.87 5.95 10.17
N ILE D 168 -20.77 6.65 9.91
CA ILE D 168 -20.05 6.42 8.67
C ILE D 168 -19.45 5.03 8.66
N THR D 169 -19.30 4.41 9.83
CA THR D 169 -18.97 2.99 9.88
C THR D 169 -19.94 2.17 9.03
N LYS D 170 -21.23 2.27 9.32
CA LYS D 170 -22.25 1.42 8.69
C LYS D 170 -22.88 2.07 7.46
N LEU D 171 -22.44 3.26 7.07
CA LEU D 171 -23.02 3.85 5.87
C LEU D 171 -22.73 3.05 4.60
N ALA D 172 -21.77 2.10 4.64
CA ALA D 172 -21.51 1.26 3.49
C ALA D 172 -22.77 0.56 3.02
N ALA D 173 -23.40 -0.21 3.92
CA ALA D 173 -24.76 -0.65 3.66
C ALA D 173 -25.68 0.55 3.53
N GLY D 174 -25.62 1.45 4.50
CA GLY D 174 -26.31 2.74 4.40
C GLY D 174 -27.79 2.68 4.11
N ASP D 175 -28.50 1.80 4.80
CA ASP D 175 -29.94 1.65 4.66
C ASP D 175 -30.64 1.70 6.00
N ARG D 176 -30.04 2.40 6.96
CA ARG D 176 -30.59 2.53 8.31
C ARG D 176 -30.76 1.17 8.99
N SER D 177 -29.89 0.23 8.66
CA SER D 177 -29.93 -1.10 9.26
C SER D 177 -29.08 -1.19 10.52
N GLY D 178 -27.87 -0.63 10.49
CA GLY D 178 -26.95 -0.73 11.59
C GLY D 178 -27.20 0.20 12.74
N LEU D 179 -28.34 0.89 12.75
CA LEU D 179 -28.65 1.84 13.80
C LEU D 179 -28.66 1.18 15.17
N THR D 180 -29.14 -0.06 15.24
CA THR D 180 -29.22 -0.75 16.51
C THR D 180 -27.83 -1.00 17.08
N ALA D 181 -26.94 -1.56 16.28
CA ALA D 181 -25.58 -1.80 16.72
C ALA D 181 -24.88 -0.49 17.04
N VAL D 182 -25.21 0.56 16.30
CA VAL D 182 -24.63 1.86 16.57
C VAL D 182 -25.01 2.33 17.97
N ILE D 183 -26.30 2.23 18.29
CA ILE D 183 -26.76 2.64 19.61
C ILE D 183 -26.11 1.76 20.68
N ARG D 184 -25.98 0.48 20.38
CA ARG D 184 -25.40 -0.46 21.33
C ARG D 184 -23.97 -0.06 21.67
N ARG D 185 -23.18 0.28 20.65
CA ARG D 185 -21.81 0.68 20.90
C ARG D 185 -21.74 2.04 21.57
N ALA D 186 -22.62 2.95 21.16
CA ALA D 186 -22.62 4.28 21.73
C ALA D 186 -23.00 4.29 23.19
N ASN D 187 -23.72 3.26 23.63
CA ASN D 187 -23.98 3.07 25.05
C ASN D 187 -22.90 2.26 25.72
N ASN D 188 -22.26 1.35 24.99
CA ASN D 188 -21.14 0.60 25.55
C ASN D 188 -19.99 1.51 25.91
N VAL D 189 -19.80 2.57 25.14
CA VAL D 189 -18.83 3.62 25.47
C VAL D 189 -19.59 4.90 25.77
N LEU D 190 -18.87 5.96 26.10
CA LEU D 190 -19.46 7.27 26.37
C LEU D 190 -20.38 7.26 27.56
N LYS D 191 -20.23 6.30 28.46
CA LYS D 191 -21.08 6.28 29.65
C LYS D 191 -20.79 7.48 30.53
N ASN D 192 -19.50 7.82 30.64
CA ASN D 192 -19.11 9.02 31.38
C ASN D 192 -19.79 10.25 30.80
N GLU D 193 -19.83 10.35 29.48
CA GLU D 193 -20.43 11.51 28.85
C GLU D 193 -21.94 11.50 29.01
N MET D 194 -22.54 10.31 28.92
CA MET D 194 -23.98 10.20 29.05
C MET D 194 -24.44 10.56 30.45
N LYS D 195 -23.58 10.37 31.46
CA LYS D 195 -23.93 10.83 32.80
C LYS D 195 -23.56 12.29 33.01
N ARG D 196 -22.55 12.79 32.31
CA ARG D 196 -22.12 14.17 32.51
C ARG D 196 -23.03 15.17 31.80
N TYR D 197 -23.71 14.73 30.74
CA TYR D 197 -24.65 15.57 30.02
C TYR D 197 -25.91 14.78 29.74
N LYS D 198 -26.93 15.46 29.21
CA LYS D 198 -28.27 14.91 29.11
C LYS D 198 -28.91 15.08 27.76
N GLY D 199 -28.50 16.05 26.96
CA GLY D 199 -29.09 16.21 25.64
C GLY D 199 -28.49 15.24 24.65
N LEU D 200 -28.62 13.95 24.92
CA LEU D 200 -28.04 12.88 24.12
C LEU D 200 -29.17 11.98 23.63
N LEU D 201 -29.52 12.16 22.35
CA LEU D 201 -30.51 11.34 21.66
C LEU D 201 -29.77 10.65 20.53
N PRO D 202 -29.13 9.50 20.80
CA PRO D 202 -28.32 8.87 19.74
C PRO D 202 -29.11 8.52 18.50
N LYS D 203 -30.31 7.97 18.66
CA LYS D 203 -31.12 7.63 17.50
C LYS D 203 -31.46 8.87 16.69
N ASP D 204 -31.77 9.98 17.36
CA ASP D 204 -32.19 11.18 16.65
C ASP D 204 -31.01 11.79 15.92
N ILE D 205 -29.86 11.83 16.59
CA ILE D 205 -28.64 12.33 15.97
C ILE D 205 -28.31 11.49 14.74
N ALA D 206 -28.45 10.18 14.86
CA ALA D 206 -28.13 9.30 13.75
C ALA D 206 -29.08 9.50 12.59
N ASN D 207 -30.36 9.68 12.87
CA ASN D 207 -31.31 9.94 11.80
C ASN D 207 -31.01 11.26 11.11
N SER D 208 -30.65 12.28 11.90
CA SER D 208 -30.28 13.56 11.33
C SER D 208 -29.08 13.40 10.40
N PHE D 209 -28.07 12.68 10.86
CA PHE D 209 -26.88 12.45 10.04
C PHE D 209 -27.22 11.68 8.78
N TYR D 210 -28.12 10.69 8.90
CA TYR D 210 -28.53 9.94 7.73
C TYR D 210 -29.17 10.85 6.70
N GLU D 211 -30.06 11.74 7.15
CA GLU D 211 -30.68 12.68 6.22
C GLU D 211 -29.63 13.55 5.55
N VAL D 212 -28.69 14.05 6.35
CA VAL D 212 -27.67 14.95 5.83
C VAL D 212 -26.85 14.26 4.76
N PHE D 213 -26.41 13.04 5.04
CA PHE D 213 -25.55 12.34 4.10
C PHE D 213 -26.34 11.86 2.88
N GLU D 214 -27.63 11.58 3.06
CA GLU D 214 -28.44 11.15 1.93
C GLU D 214 -28.65 12.30 0.96
N LYS D 215 -28.83 13.51 1.47
CA LYS D 215 -29.06 14.65 0.61
C LYS D 215 -27.75 15.21 0.07
N HIS D 216 -26.99 15.86 0.95
CA HIS D 216 -25.71 16.50 0.55
C HIS D 216 -24.60 15.46 0.68
N PRO D 217 -23.93 15.03 -0.40
CA PRO D 217 -22.89 14.01 -0.28
C PRO D 217 -21.49 14.55 -0.02
N HIS D 218 -21.23 15.76 -0.53
CA HIS D 218 -19.87 16.34 -0.43
C HIS D 218 -19.39 16.41 1.01
N PHE D 219 -20.31 16.58 1.95
CA PHE D 219 -19.95 16.51 3.36
C PHE D 219 -19.30 15.20 3.74
N ILE D 220 -19.56 14.13 2.97
CA ILE D 220 -18.90 12.85 3.23
C ILE D 220 -17.39 13.01 3.09
N ASP D 221 -16.96 13.49 1.92
CA ASP D 221 -15.54 13.69 1.68
C ASP D 221 -14.95 14.66 2.68
N VAL D 222 -15.73 15.69 3.02
CA VAL D 222 -15.28 16.67 4.02
C VAL D 222 -14.94 15.95 5.32
N PHE D 223 -15.93 15.22 5.86
CA PHE D 223 -15.77 14.55 7.13
C PHE D 223 -14.64 13.53 7.08
N VAL D 224 -14.48 12.88 5.94
CA VAL D 224 -13.43 11.88 5.78
C VAL D 224 -12.07 12.52 5.95
N HIS D 225 -11.79 13.53 5.13
CA HIS D 225 -10.48 14.16 5.20
C HIS D 225 -10.27 14.82 6.54
N PHE D 226 -11.34 15.28 7.18
CA PHE D 226 -11.21 15.87 8.50
C PHE D 226 -10.75 14.84 9.51
N GLY D 227 -11.39 13.68 9.50
CA GLY D 227 -11.00 12.63 10.43
C GLY D 227 -9.58 12.16 10.17
N ILE D 228 -9.19 12.10 8.91
CA ILE D 228 -7.84 11.66 8.58
C ILE D 228 -6.83 12.65 9.13
N ALA D 229 -7.09 13.94 8.95
CA ALA D 229 -6.16 14.94 9.44
C ALA D 229 -6.10 14.94 10.95
N GLN D 230 -7.25 14.76 11.60
CA GLN D 230 -7.26 14.75 13.06
C GLN D 230 -6.51 13.56 13.60
N SER D 231 -6.60 12.43 12.92
CA SER D 231 -5.92 11.24 13.38
C SER D 231 -4.41 11.40 13.29
N SER D 232 -3.93 12.03 12.20
CA SER D 232 -2.50 12.19 12.01
C SER D 232 -1.88 13.06 13.07
N THR D 233 -2.62 14.06 13.55
CA THR D 233 -2.15 14.84 14.68
C THR D 233 -2.07 13.96 15.92
N ARG D 234 -1.42 14.48 16.93
CA ARG D 234 -1.26 13.82 18.21
C ARG D 234 -1.75 14.68 19.37
N GLY D 235 -1.63 16.00 19.26
CA GLY D 235 -2.05 16.87 20.33
C GLY D 235 -3.54 16.80 20.54
N GLY D 236 -3.99 16.12 21.61
CA GLY D 236 -5.44 15.93 21.78
C GLY D 236 -5.85 15.56 23.20
N SER D 237 -7.15 15.35 23.42
CA SER D 237 -7.65 14.96 24.77
C SER D 237 -8.18 13.52 24.70
N ARG D 238 -8.90 13.09 25.74
CA ARG D 238 -9.51 11.73 25.75
C ARG D 238 -10.48 11.61 24.57
N VAL D 239 -11.48 12.49 24.49
CA VAL D 239 -12.51 12.42 23.41
C VAL D 239 -11.83 12.33 22.04
N GLU D 240 -10.83 13.18 21.80
CA GLU D 240 -10.12 13.20 20.48
C GLU D 240 -9.47 11.84 20.22
N GLY D 241 -8.84 11.25 21.23
CA GLY D 241 -8.22 9.92 21.09
C GLY D 241 -9.25 8.85 20.78
N ILE D 242 -10.37 8.84 21.52
CA ILE D 242 -11.47 7.87 21.25
C ILE D 242 -11.94 8.06 19.80
N PHE D 243 -12.15 9.32 19.39
CA PHE D 243 -12.65 9.61 18.05
C PHE D 243 -11.77 8.97 17.00
N ALA D 244 -10.46 9.03 17.19
CA ALA D 244 -9.55 8.48 16.19
C ALA D 244 -9.68 6.98 16.10
N GLY D 245 -9.75 6.31 17.26
CA GLY D 245 -9.94 4.87 17.25
C GLY D 245 -11.23 4.49 16.55
N LEU D 246 -12.29 5.25 16.81
CA LEU D 246 -13.58 4.95 16.20
C LEU D 246 -13.52 5.13 14.69
N PHE D 247 -12.92 6.23 14.26
CA PHE D 247 -12.84 6.53 12.84
C PHE D 247 -12.03 5.46 12.12
N MET D 248 -10.88 5.11 12.67
CA MET D 248 -10.04 4.11 12.03
C MET D 248 -10.68 2.72 12.08
N ASN D 249 -11.59 2.48 13.02
CA ASN D 249 -12.26 1.19 13.04
C ASN D 249 -13.11 0.97 11.80
N ALA D 250 -13.52 2.04 11.14
CA ALA D 250 -14.32 1.95 9.93
C ALA D 250 -13.47 1.90 8.67
N TYR D 251 -12.19 1.59 8.80
CA TYR D 251 -11.36 1.39 7.63
C TYR D 251 -11.69 0.07 6.97
N GLY D 252 -11.68 0.07 5.65
CA GLY D 252 -11.90 -1.15 4.90
C GLY D 252 -13.29 -1.71 5.06
N ALA D 253 -14.28 -0.98 4.55
CA ALA D 253 -15.65 -1.46 4.46
C ALA D 253 -15.94 -1.97 3.06
N GLY D 254 -16.87 -2.92 2.98
CA GLY D 254 -17.14 -3.56 1.70
C GLY D 254 -15.96 -4.30 1.15
N GLN D 255 -15.07 -4.78 2.02
CA GLN D 255 -13.89 -5.53 1.61
C GLN D 255 -13.66 -6.72 2.53
N VAL D 256 -14.64 -7.09 3.35
CA VAL D 256 -14.46 -8.09 4.39
C VAL D 256 -14.11 -9.44 3.79
N MET D 257 -14.58 -9.72 2.58
CA MET D 257 -14.40 -11.04 2.00
C MET D 257 -12.94 -11.34 1.75
N LEU D 258 -12.15 -10.32 1.44
CA LEU D 258 -10.72 -10.52 1.23
C LEU D 258 -10.06 -11.03 2.49
N ARG D 259 -10.37 -10.39 3.61
CA ARG D 259 -9.74 -10.76 4.86
C ARG D 259 -10.23 -12.12 5.32
N TRP D 260 -11.50 -12.42 5.09
CA TRP D 260 -11.99 -13.76 5.42
C TRP D 260 -11.33 -14.82 4.55
N GLY D 261 -11.01 -14.48 3.31
CA GLY D 261 -10.31 -15.42 2.46
C GLY D 261 -8.90 -15.67 2.96
N VAL D 262 -8.23 -14.60 3.39
CA VAL D 262 -6.92 -14.74 4.02
C VAL D 262 -7.02 -15.64 5.24
N LEU D 263 -8.11 -15.49 5.98
CA LEU D 263 -8.33 -16.32 7.16
C LEU D 263 -8.40 -17.78 6.79
N ALA D 264 -9.28 -18.11 5.83
CA ALA D 264 -9.42 -19.50 5.42
C ALA D 264 -8.13 -20.05 4.84
N LYS D 265 -7.32 -19.17 4.24
CA LYS D 265 -6.01 -19.60 3.79
C LYS D 265 -5.13 -19.99 4.98
N SER D 266 -5.05 -19.10 5.97
CA SER D 266 -4.20 -19.35 7.12
C SER D 266 -4.65 -20.57 7.91
N VAL D 267 -5.91 -20.96 7.78
CA VAL D 267 -6.38 -22.19 8.43
C VAL D 267 -6.07 -23.44 7.62
N LYS D 268 -5.68 -23.28 6.35
CA LYS D 268 -5.38 -24.40 5.46
C LYS D 268 -6.62 -25.27 5.27
N ASN D 269 -7.65 -24.67 4.68
CA ASN D 269 -8.84 -25.43 4.32
C ASN D 269 -8.54 -26.32 3.14
N ILE D 270 -8.82 -27.61 3.30
CA ILE D 270 -8.44 -28.61 2.30
C ILE D 270 -9.10 -28.36 0.96
N MET D 271 -10.27 -27.73 0.95
CA MET D 271 -11.08 -27.68 -0.26
C MET D 271 -10.45 -26.84 -1.37
N LEU D 272 -9.42 -26.05 -1.06
CA LEU D 272 -8.82 -25.21 -2.08
C LEU D 272 -7.95 -25.99 -3.06
N GLY D 273 -7.73 -27.28 -2.82
CA GLY D 273 -7.11 -28.11 -3.84
C GLY D 273 -8.01 -28.40 -5.02
N HIS D 274 -9.29 -28.04 -4.93
CA HIS D 274 -10.22 -28.26 -6.02
C HIS D 274 -9.80 -27.48 -7.26
N ALA D 275 -9.89 -28.14 -8.41
CA ALA D 275 -9.50 -27.51 -9.66
C ALA D 275 -10.35 -26.28 -9.95
N SER D 276 -11.62 -26.30 -9.55
CA SER D 276 -12.54 -25.22 -9.85
C SER D 276 -12.16 -23.90 -9.20
N VAL D 277 -11.18 -23.89 -8.29
CA VAL D 277 -10.68 -22.68 -7.67
C VAL D 277 -9.20 -22.53 -7.97
N GLN D 278 -8.51 -23.66 -8.18
CA GLN D 278 -7.14 -23.58 -8.66
C GLN D 278 -7.06 -22.86 -10.00
N ALA D 279 -8.14 -22.95 -10.78
CA ALA D 279 -8.21 -22.17 -12.02
C ALA D 279 -8.21 -20.67 -11.72
N GLU D 280 -9.18 -20.20 -10.95
CA GLU D 280 -9.37 -18.78 -10.69
C GLU D 280 -8.26 -18.16 -9.84
N MET D 281 -7.40 -19.00 -9.26
CA MET D 281 -6.22 -18.57 -8.51
C MET D 281 -5.48 -17.40 -9.14
N GLU D 282 -5.30 -17.45 -10.46
CA GLU D 282 -4.52 -16.43 -11.14
C GLU D 282 -5.16 -15.05 -11.01
N GLN D 283 -6.43 -14.95 -11.38
CA GLN D 283 -7.10 -13.66 -11.34
C GLN D 283 -7.22 -13.14 -9.92
N VAL D 284 -7.50 -14.04 -8.97
CA VAL D 284 -7.62 -13.56 -7.60
C VAL D 284 -6.28 -13.04 -7.08
N VAL D 285 -5.20 -13.70 -7.49
CA VAL D 285 -3.87 -13.21 -7.16
C VAL D 285 -3.67 -11.82 -7.74
N GLU D 286 -4.12 -11.63 -8.97
CA GLU D 286 -3.87 -10.37 -9.65
C GLU D 286 -4.59 -9.22 -8.95
N VAL D 287 -5.84 -9.45 -8.56
CA VAL D 287 -6.56 -8.40 -7.87
C VAL D 287 -5.93 -8.13 -6.50
N TYR D 288 -5.43 -9.18 -5.83
CA TYR D 288 -4.76 -8.96 -4.56
C TYR D 288 -3.53 -8.10 -4.76
N GLU D 289 -2.80 -8.33 -5.84
CA GLU D 289 -1.62 -7.52 -6.12
C GLU D 289 -2.02 -6.08 -6.41
N TYR D 290 -3.14 -5.90 -7.10
CA TYR D 290 -3.63 -4.56 -7.38
C TYR D 290 -3.93 -3.81 -6.09
N ALA D 291 -4.60 -4.50 -5.15
CA ALA D 291 -4.91 -3.87 -3.88
C ALA D 291 -3.65 -3.55 -3.11
N GLN D 292 -2.68 -4.45 -3.12
CA GLN D 292 -1.42 -4.19 -2.44
C GLN D 292 -0.71 -3.01 -3.05
N LYS D 293 -0.84 -2.84 -4.36
CA LYS D 293 -0.20 -1.71 -5.02
C LYS D 293 -0.87 -0.40 -4.61
N LEU D 294 -2.19 -0.38 -4.61
CA LEU D 294 -2.90 0.83 -4.19
C LEU D 294 -2.61 1.16 -2.74
N GLY D 295 -2.43 0.13 -1.91
CA GLY D 295 -2.05 0.33 -0.54
C GLY D 295 -3.03 1.11 0.30
N GLY D 296 -2.65 2.32 0.66
CA GLY D 296 -3.38 3.09 1.65
C GLY D 296 -4.81 3.41 1.26
N GLU D 297 -4.97 4.24 0.24
CA GLU D 297 -6.30 4.69 -0.18
C GLU D 297 -7.00 3.56 -0.92
N ALA D 298 -7.44 2.59 -0.13
CA ALA D 298 -8.13 1.41 -0.66
C ALA D 298 -9.40 1.11 0.11
N GLY D 299 -9.40 1.41 1.41
CA GLY D 299 -10.51 1.00 2.26
C GLY D 299 -11.69 1.94 2.21
N PHE D 300 -11.47 3.19 1.80
CA PHE D 300 -12.50 4.20 1.79
C PHE D 300 -13.25 4.29 0.47
N TYR D 301 -12.98 3.39 -0.47
CA TYR D 301 -13.63 3.49 -1.77
C TYR D 301 -15.12 3.20 -1.68
N HIS D 302 -15.48 2.06 -1.10
CA HIS D 302 -16.89 1.70 -0.99
C HIS D 302 -17.67 2.67 -0.15
N ILE D 303 -17.01 3.47 0.68
CA ILE D 303 -17.68 4.53 1.39
C ILE D 303 -18.30 5.49 0.40
N LEU D 304 -17.59 5.75 -0.68
CA LEU D 304 -18.00 6.69 -1.71
C LEU D 304 -18.63 5.94 -2.86
N ASN D 305 -19.07 6.71 -3.86
CA ASN D 305 -19.51 6.18 -5.14
C ASN D 305 -18.36 6.09 -6.13
N ASN D 306 -17.14 5.93 -5.63
CA ASN D 306 -16.00 5.83 -6.51
C ASN D 306 -16.14 4.61 -7.40
N PRO D 307 -16.04 4.75 -8.72
CA PRO D 307 -16.45 3.65 -9.61
C PRO D 307 -15.46 2.50 -9.63
N LYS D 308 -14.27 2.69 -9.10
CA LYS D 308 -13.23 1.69 -9.20
C LYS D 308 -13.34 0.61 -8.13
N ALA D 309 -14.37 0.67 -7.28
CA ALA D 309 -14.50 -0.30 -6.22
C ALA D 309 -15.04 -1.63 -6.71
N SER D 310 -15.79 -1.61 -7.81
CA SER D 310 -16.40 -2.83 -8.31
C SER D 310 -15.37 -3.89 -8.67
N LEU D 311 -14.13 -3.48 -8.94
CA LEU D 311 -13.07 -4.44 -9.21
C LEU D 311 -12.86 -5.36 -8.04
N LEU D 312 -12.89 -4.80 -6.83
CA LEU D 312 -12.51 -5.51 -5.62
C LEU D 312 -13.70 -6.25 -5.02
N SER D 313 -14.35 -7.07 -5.84
CA SER D 313 -15.44 -7.93 -5.39
C SER D 313 -15.22 -9.31 -5.99
N LEU D 314 -15.05 -10.30 -5.12
CA LEU D 314 -14.86 -11.68 -5.53
C LEU D 314 -16.18 -12.40 -5.74
N THR D 315 -17.29 -11.67 -5.79
CA THR D 315 -18.56 -12.29 -6.13
C THR D 315 -18.53 -12.89 -7.52
N GLN D 316 -17.73 -12.32 -8.42
CA GLN D 316 -17.58 -12.87 -9.75
C GLN D 316 -16.78 -14.16 -9.78
N PHE D 317 -16.12 -14.51 -8.68
CA PHE D 317 -15.43 -15.78 -8.54
C PHE D 317 -16.25 -16.68 -7.62
N PRO D 318 -17.26 -17.38 -8.17
CA PRO D 318 -18.27 -17.99 -7.30
C PRO D 318 -17.73 -19.09 -6.43
N HIS D 319 -16.85 -19.94 -6.97
CA HIS D 319 -16.34 -21.06 -6.20
C HIS D 319 -15.53 -20.57 -5.01
N PHE D 320 -14.62 -19.62 -5.26
CA PHE D 320 -13.81 -19.06 -4.18
C PHE D 320 -14.68 -18.39 -3.14
N SER D 321 -15.66 -17.60 -3.59
CA SER D 321 -16.52 -16.92 -2.64
C SER D 321 -17.28 -17.91 -1.78
N SER D 322 -17.79 -18.97 -2.40
CA SER D 322 -18.61 -19.93 -1.66
C SER D 322 -17.77 -20.70 -0.65
N VAL D 323 -16.57 -21.09 -1.04
CA VAL D 323 -15.74 -21.86 -0.10
C VAL D 323 -15.34 -20.98 1.07
N VAL D 324 -15.02 -19.71 0.81
CA VAL D 324 -14.65 -18.83 1.91
C VAL D 324 -15.82 -18.63 2.84
N LEU D 325 -17.01 -18.45 2.29
CA LEU D 325 -18.20 -18.28 3.11
C LEU D 325 -18.43 -19.50 3.98
N GLY D 326 -18.34 -20.69 3.38
CA GLY D 326 -18.55 -21.89 4.14
C GLY D 326 -17.54 -22.06 5.25
N ASN D 327 -16.29 -21.68 4.98
CA ASN D 327 -15.25 -21.79 6.00
C ASN D 327 -15.56 -20.85 7.15
N ALA D 328 -15.83 -19.59 6.86
CA ALA D 328 -16.09 -18.62 7.91
C ALA D 328 -17.33 -18.98 8.71
N ALA D 329 -18.34 -19.54 8.07
CA ALA D 329 -19.53 -19.94 8.80
C ALA D 329 -19.26 -21.16 9.66
N GLY D 330 -18.42 -22.07 9.18
CA GLY D 330 -18.03 -23.19 10.01
C GLY D 330 -17.23 -22.75 11.21
N LEU D 331 -16.52 -21.64 11.10
CA LEU D 331 -15.86 -21.07 12.27
C LEU D 331 -16.82 -20.38 13.22
N GLY D 332 -18.08 -20.21 12.83
CA GLY D 332 -19.06 -19.61 13.71
C GLY D 332 -18.76 -18.16 14.04
N ILE D 333 -18.46 -17.37 13.02
CA ILE D 333 -18.25 -15.94 13.19
C ILE D 333 -19.08 -15.10 12.24
N MET D 334 -19.53 -15.64 11.12
CA MET D 334 -20.40 -14.92 10.21
C MET D 334 -21.77 -14.82 10.85
N GLY D 335 -21.91 -13.80 11.69
CA GLY D 335 -23.10 -13.63 12.49
C GLY D 335 -24.37 -13.48 11.67
N GLU D 336 -24.50 -12.37 10.96
CA GLU D 336 -25.71 -12.07 10.20
C GLU D 336 -25.37 -11.45 8.85
N TYR D 337 -24.19 -11.77 8.31
CA TYR D 337 -23.79 -11.23 7.03
C TYR D 337 -24.72 -11.77 5.95
N ARG D 338 -25.60 -10.91 5.44
CA ARG D 338 -26.60 -11.30 4.46
C ARG D 338 -25.96 -11.46 3.09
N GLY D 339 -25.11 -12.48 3.00
CA GLY D 339 -24.52 -12.90 1.74
C GLY D 339 -25.13 -14.18 1.23
N THR D 340 -24.54 -14.70 0.16
CA THR D 340 -25.00 -15.94 -0.43
C THR D 340 -23.84 -16.57 -1.18
N PRO D 341 -23.69 -17.90 -1.15
CA PRO D 341 -22.72 -18.55 -2.03
C PRO D 341 -23.33 -18.93 -3.35
N ARG D 342 -22.56 -19.59 -4.21
CA ARG D 342 -23.04 -20.15 -5.47
C ARG D 342 -22.99 -21.67 -5.45
N ASN D 343 -21.83 -22.24 -5.19
CA ASN D 343 -21.68 -23.69 -5.08
C ASN D 343 -22.04 -24.09 -3.67
N GLN D 344 -23.32 -24.36 -3.46
CA GLN D 344 -23.81 -24.76 -2.15
C GLN D 344 -23.12 -26.01 -1.65
N ASP D 345 -22.74 -26.90 -2.56
CA ASP D 345 -22.05 -28.13 -2.16
C ASP D 345 -20.69 -27.80 -1.55
N LEU D 346 -19.91 -26.95 -2.22
CA LEU D 346 -18.63 -26.56 -1.69
C LEU D 346 -18.78 -25.82 -0.37
N TYR D 347 -19.80 -24.97 -0.30
CA TYR D 347 -20.07 -24.23 0.94
C TYR D 347 -20.29 -25.18 2.10
N ASP D 348 -21.21 -26.13 1.92
CA ASP D 348 -21.53 -27.07 2.99
C ASP D 348 -20.32 -27.94 3.32
N ALA D 349 -19.54 -28.31 2.30
CA ALA D 349 -18.40 -29.18 2.52
C ALA D 349 -17.35 -28.48 3.38
N ALA D 350 -17.05 -27.23 3.04
CA ALA D 350 -16.07 -26.48 3.82
C ALA D 350 -16.55 -26.25 5.23
N LYS D 351 -17.85 -25.96 5.39
CA LYS D 351 -18.40 -25.75 6.72
C LYS D 351 -18.25 -27.01 7.56
N ALA D 352 -18.60 -28.16 6.98
CA ALA D 352 -18.48 -29.41 7.69
C ALA D 352 -17.04 -29.69 8.07
N TYR D 353 -16.11 -29.41 7.15
CA TYR D 353 -14.70 -29.63 7.44
C TYR D 353 -14.25 -28.77 8.61
N ALA D 354 -14.65 -27.50 8.61
CA ALA D 354 -14.20 -26.59 9.65
C ALA D 354 -14.76 -27.00 11.00
N GLU D 355 -16.06 -27.24 11.08
CA GLU D 355 -16.64 -27.61 12.36
C GLU D 355 -16.10 -28.94 12.85
N GLN D 356 -15.77 -29.85 11.93
CA GLN D 356 -15.10 -31.08 12.32
C GLN D 356 -13.73 -30.77 12.89
N LEU D 357 -13.04 -29.81 12.29
CA LEU D 357 -11.67 -29.51 12.65
C LEU D 357 -11.56 -28.74 13.96
N LYS D 358 -12.61 -28.02 14.34
CA LYS D 358 -12.52 -27.22 15.56
C LYS D 358 -12.75 -28.07 16.81
N GLU D 359 -13.78 -28.93 16.78
CA GLU D 359 -14.16 -29.68 17.98
C GLU D 359 -13.03 -30.59 18.44
N ASN D 360 -12.31 -31.19 17.50
CA ASN D 360 -11.16 -32.02 17.79
C ASN D 360 -9.86 -31.22 17.91
N GLY D 361 -9.97 -29.90 18.06
CA GLY D 361 -8.79 -29.07 18.17
C GLY D 361 -8.06 -29.35 19.47
N VAL D 362 -6.78 -29.72 19.37
CA VAL D 362 -5.98 -30.00 20.55
C VAL D 362 -5.78 -28.71 21.35
N MET E 1 3.34 -22.38 -2.75
CA MET E 1 2.88 -22.27 -4.16
C MET E 1 2.22 -20.90 -4.35
N ALA E 2 1.25 -20.78 -5.27
CA ALA E 2 0.65 -19.49 -5.58
C ALA E 2 -0.03 -18.85 -4.39
N LEU E 3 -0.43 -19.63 -3.39
CA LEU E 3 -1.18 -19.10 -2.27
C LEU E 3 -0.36 -18.17 -1.40
N SER E 4 0.97 -18.28 -1.46
CA SER E 4 1.81 -17.58 -0.50
C SER E 4 1.72 -16.06 -0.65
N LYS E 5 1.40 -15.58 -1.84
CA LYS E 5 1.36 -14.15 -2.11
C LYS E 5 -0.02 -13.54 -1.88
N VAL E 6 -1.01 -14.34 -1.48
CA VAL E 6 -2.31 -13.80 -1.11
C VAL E 6 -2.16 -13.15 0.26
N LYS E 7 -2.04 -11.83 0.29
CA LYS E 7 -1.73 -11.13 1.52
C LYS E 7 -2.39 -9.76 1.51
N LEU E 8 -2.37 -9.12 2.68
CA LEU E 8 -2.94 -7.79 2.83
C LEU E 8 -2.34 -7.17 4.08
N ASN E 9 -1.47 -6.18 3.90
CA ASN E 9 -0.76 -5.55 5.02
C ASN E 9 -1.44 -4.24 5.38
N ASP E 10 -2.59 -4.38 6.04
CA ASP E 10 -3.36 -3.22 6.45
C ASP E 10 -2.59 -2.34 7.40
N THR E 11 -1.74 -2.93 8.24
CA THR E 11 -0.97 -2.14 9.20
C THR E 11 -0.01 -1.21 8.49
N LEU E 12 0.78 -1.76 7.57
CA LEU E 12 1.71 -0.94 6.81
C LEU E 12 0.98 0.11 6.01
N ASN E 13 -0.19 -0.25 5.47
CA ASN E 13 -0.92 0.72 4.67
C ASN E 13 -1.43 1.87 5.54
N LYS E 14 -1.92 1.55 6.74
CA LYS E 14 -2.33 2.59 7.66
C LYS E 14 -1.15 3.47 8.05
N ASP E 15 0.01 2.85 8.24
CA ASP E 15 1.21 3.60 8.59
C ASP E 15 1.56 4.60 7.50
N GLN E 16 1.60 4.12 6.26
CA GLN E 16 1.88 4.99 5.13
C GLN E 16 0.87 6.11 5.04
N LEU E 17 -0.41 5.77 5.24
CA LEU E 17 -1.47 6.76 5.16
C LEU E 17 -1.25 7.87 6.17
N LEU E 18 -1.11 7.50 7.44
CA LEU E 18 -0.97 8.50 8.48
C LEU E 18 0.34 9.27 8.36
N SER E 19 1.36 8.65 7.76
CA SER E 19 2.61 9.36 7.57
C SER E 19 2.45 10.45 6.52
N SER E 20 1.67 10.18 5.47
CA SER E 20 1.46 11.12 4.37
C SER E 20 -0.04 11.39 4.26
N SER E 21 -0.47 12.52 4.79
CA SER E 21 -1.87 12.91 4.84
C SER E 21 -2.16 14.23 4.14
N LYS E 22 -1.15 15.04 3.87
CA LYS E 22 -1.20 16.25 3.05
C LYS E 22 -1.81 17.45 3.79
N TYR E 23 -2.41 17.26 4.97
CA TYR E 23 -3.14 18.33 5.63
C TYR E 23 -2.78 18.34 7.10
N THR E 24 -3.20 19.41 7.78
CA THR E 24 -2.85 19.61 9.17
C THR E 24 -3.89 20.50 9.82
N ILE E 25 -4.11 20.25 11.11
CA ILE E 25 -4.93 21.09 11.96
C ILE E 25 -4.00 21.80 12.92
N GLN E 26 -4.37 23.02 13.31
CA GLN E 26 -3.52 23.85 14.14
C GLN E 26 -4.32 24.54 15.24
N ARG E 27 -3.69 24.66 16.40
CA ARG E 27 -4.14 25.50 17.49
C ARG E 27 -3.37 26.81 17.53
N SER E 28 -2.04 26.70 17.60
CA SER E 28 -1.11 27.82 17.53
C SER E 28 -1.47 28.92 18.54
N THR E 29 -1.41 28.57 19.83
CA THR E 29 -1.82 29.52 20.87
C THR E 29 -0.93 30.76 20.88
N GLY E 30 0.38 30.57 20.72
CA GLY E 30 1.31 31.68 20.76
C GLY E 30 1.87 31.99 22.13
N ASP E 31 2.06 30.97 22.97
CA ASP E 31 2.54 31.18 24.32
C ASP E 31 4.01 31.61 24.30
N SER E 32 4.47 32.11 25.44
CA SER E 32 5.80 32.68 25.61
C SER E 32 6.50 31.99 26.79
N ILE E 33 6.45 30.66 26.77
CA ILE E 33 7.00 29.87 27.86
C ILE E 33 8.51 30.11 27.98
N ASP E 34 8.99 30.05 29.21
CA ASP E 34 10.36 30.43 29.53
C ASP E 34 11.34 29.37 29.06
N THR E 35 12.61 29.75 29.01
CA THR E 35 13.70 28.82 28.76
C THR E 35 15.00 29.39 29.33
N PRO E 36 15.61 28.74 30.34
CA PRO E 36 16.92 29.21 30.82
C PRO E 36 18.07 28.60 30.04
N ASN E 37 19.29 28.91 30.47
CA ASN E 37 20.50 28.34 29.89
C ASN E 37 21.39 27.79 30.99
N TYR E 38 22.63 27.44 30.63
CA TYR E 38 23.52 26.72 31.55
C TYR E 38 23.87 27.52 32.80
N ASP E 39 23.67 28.84 32.78
CA ASP E 39 24.26 29.68 33.81
C ASP E 39 23.56 29.50 35.15
N VAL E 40 22.24 29.50 35.15
CA VAL E 40 21.46 29.62 36.38
C VAL E 40 21.27 28.27 37.07
N GLN E 41 21.93 27.23 36.56
CA GLN E 41 21.79 25.90 37.14
C GLN E 41 22.21 25.88 38.60
N LYS E 42 23.23 26.66 38.94
CA LYS E 42 23.75 26.65 40.30
C LYS E 42 22.75 27.28 41.25
N HIS E 43 22.19 28.42 40.86
CA HIS E 43 21.18 29.06 41.67
C HIS E 43 19.97 28.16 41.84
N ILE E 44 19.58 27.46 40.77
CA ILE E 44 18.40 26.61 40.84
C ILE E 44 18.67 25.41 41.74
N ASN E 45 19.87 24.85 41.67
CA ASN E 45 20.23 23.73 42.53
C ASN E 45 20.23 24.16 43.99
N LYS E 46 20.76 25.35 44.26
CA LYS E 46 20.72 25.87 45.62
C LYS E 46 19.29 26.04 46.10
N LEU E 47 18.41 26.49 45.21
CA LEU E 47 17.02 26.68 45.56
C LEU E 47 16.37 25.36 45.91
N CYS E 48 16.59 24.35 45.06
CA CYS E 48 16.04 23.02 45.33
C CYS E 48 16.59 22.45 46.63
N GLY E 49 17.86 22.74 46.92
CA GLY E 49 18.44 22.27 48.16
C GLY E 49 17.80 22.93 49.36
N MET E 50 17.51 24.23 49.26
CA MET E 50 16.78 24.90 50.32
C MET E 50 15.41 24.25 50.51
N LEU E 51 14.71 24.03 49.40
CA LEU E 51 13.37 23.46 49.46
C LEU E 51 13.38 22.01 49.93
N LEU E 52 14.53 21.35 49.87
CA LEU E 52 14.66 20.00 50.39
C LEU E 52 14.99 20.01 51.88
N ILE E 53 15.95 20.82 52.31
CA ILE E 53 16.32 20.83 53.71
C ILE E 53 15.18 21.37 54.56
N THR E 54 14.40 22.30 54.03
CA THR E 54 13.28 22.81 54.80
C THR E 54 12.24 21.73 55.01
N GLU E 55 11.60 21.76 56.17
CA GLU E 55 10.64 20.75 56.57
C GLU E 55 9.23 21.16 56.18
N ASP E 56 8.42 20.16 55.83
CA ASP E 56 6.98 20.28 55.57
C ASP E 56 6.63 21.45 54.67
N ALA E 57 7.52 21.80 53.74
CA ALA E 57 7.22 22.86 52.80
C ALA E 57 6.17 22.41 51.80
N ASN E 58 5.37 23.37 51.34
CA ASN E 58 4.31 23.07 50.39
C ASN E 58 4.93 22.77 49.03
N HIS E 59 5.19 21.50 48.76
CA HIS E 59 5.79 21.09 47.50
C HIS E 59 4.73 21.20 46.41
N LYS E 60 4.48 22.43 45.98
CA LYS E 60 3.45 22.73 45.00
C LYS E 60 4.05 22.91 43.61
N PHE E 61 5.00 23.84 43.47
CA PHE E 61 5.62 24.14 42.20
C PHE E 61 6.89 23.34 41.96
N THR E 62 7.08 22.26 42.71
CA THR E 62 8.32 21.51 42.65
C THR E 62 8.51 20.86 41.29
N GLY E 63 7.43 20.37 40.69
CA GLY E 63 7.55 19.77 39.37
C GLY E 63 7.96 20.79 38.32
N LEU E 64 7.37 21.98 38.41
CA LEU E 64 7.76 23.07 37.54
C LEU E 64 9.24 23.39 37.71
N ILE E 65 9.68 23.48 38.96
CA ILE E 65 11.07 23.83 39.25
C ILE E 65 12.00 22.77 38.66
N GLY E 66 11.62 21.52 38.78
CA GLY E 66 12.44 20.46 38.22
C GLY E 66 12.50 20.53 36.71
N MET E 67 11.38 20.86 36.07
CA MET E 67 11.39 21.02 34.63
C MET E 67 12.29 22.17 34.22
N LEU E 68 12.33 23.21 35.03
CA LEU E 68 13.23 24.33 34.73
C LEU E 68 14.68 23.91 34.87
N TYR E 69 14.96 23.10 35.90
CA TYR E 69 16.28 22.52 36.03
C TYR E 69 16.64 21.72 34.79
N ALA E 70 15.68 20.97 34.27
CA ALA E 70 15.94 20.14 33.10
C ALA E 70 16.25 21.00 31.88
N MET E 71 15.46 22.04 31.66
CA MET E 71 15.68 22.90 30.51
C MET E 71 17.02 23.61 30.63
N SER E 72 17.40 23.99 31.84
CA SER E 72 18.69 24.63 32.03
C SER E 72 19.83 23.66 31.76
N ARG E 73 19.65 22.41 32.18
CA ARG E 73 20.67 21.40 31.91
C ARG E 73 20.75 21.08 30.43
N LEU E 74 19.65 21.26 29.71
CA LEU E 74 19.62 20.94 28.28
C LEU E 74 20.25 22.05 27.45
N GLY E 75 19.61 23.21 27.45
CA GLY E 75 19.99 24.29 26.56
C GLY E 75 18.82 24.90 25.83
N ARG E 76 18.87 26.22 25.69
CA ARG E 76 17.80 26.98 25.06
C ARG E 76 17.53 26.49 23.65
N GLU E 77 18.57 26.46 22.82
CA GLU E 77 18.40 26.09 21.42
C GLU E 77 17.90 24.67 21.26
N ASP E 78 18.38 23.76 22.12
CA ASP E 78 17.98 22.37 22.00
C ASP E 78 16.51 22.19 22.38
N THR E 79 16.09 22.85 23.46
CA THR E 79 14.69 22.80 23.85
C THR E 79 13.81 23.33 22.73
N ILE E 80 14.20 24.48 22.16
CA ILE E 80 13.41 25.07 21.09
C ILE E 80 13.37 24.14 19.89
N LYS E 81 14.49 23.46 19.61
CA LYS E 81 14.56 22.57 18.48
C LYS E 81 13.57 21.42 18.64
N ILE E 82 13.59 20.77 19.81
CA ILE E 82 12.71 19.64 19.99
C ILE E 82 11.26 20.09 20.00
N LEU E 83 10.99 21.29 20.49
CA LEU E 83 9.62 21.78 20.47
C LEU E 83 9.15 22.03 19.05
N ARG E 84 10.01 22.60 18.21
CA ARG E 84 9.62 22.81 16.81
C ARG E 84 9.47 21.49 16.08
N ASP E 85 10.28 20.49 16.43
CA ASP E 85 10.08 19.17 15.86
C ASP E 85 8.75 18.59 16.29
N ALA E 86 8.38 18.86 17.53
CA ALA E 86 7.07 18.47 18.03
C ALA E 86 5.94 19.26 17.39
N GLY E 87 6.26 20.41 16.80
CA GLY E 87 5.28 21.18 16.07
C GLY E 87 4.52 22.17 16.93
N TYR E 88 5.24 23.09 17.56
CA TYR E 88 4.67 24.11 18.40
C TYR E 88 4.85 25.49 17.78
N HIS E 89 4.15 26.45 18.37
CA HIS E 89 4.09 27.83 17.92
C HIS E 89 4.29 28.77 19.09
N VAL E 90 5.31 28.50 19.90
CA VAL E 90 5.54 29.21 21.16
C VAL E 90 6.77 30.07 21.05
N LYS E 91 7.04 30.85 22.10
CA LYS E 91 8.17 31.79 22.13
C LYS E 91 9.03 31.51 23.35
N ALA E 92 10.16 32.20 23.40
CA ALA E 92 11.20 31.99 24.41
C ALA E 92 11.30 33.22 25.28
N ASN E 93 10.59 33.20 26.41
CA ASN E 93 10.72 34.25 27.43
C ASN E 93 12.02 34.02 28.17
N GLY E 94 13.07 34.72 27.76
CA GLY E 94 14.38 34.51 28.35
C GLY E 94 14.39 34.84 29.83
N VAL E 95 15.17 34.05 30.56
CA VAL E 95 15.28 34.18 32.01
C VAL E 95 16.49 35.06 32.32
N ASP E 96 16.40 35.78 33.44
CA ASP E 96 17.44 36.70 33.83
C ASP E 96 17.51 36.75 35.35
N VAL E 97 18.73 36.62 35.87
CA VAL E 97 18.95 36.70 37.31
C VAL E 97 18.96 38.16 37.73
N THR E 98 18.55 38.40 38.98
CA THR E 98 18.55 39.75 39.52
C THR E 98 18.39 39.69 41.03
N THR E 99 18.71 40.81 41.65
CA THR E 99 18.51 40.99 43.08
C THR E 99 17.17 41.67 43.32
N HIS E 100 16.56 41.34 44.46
CA HIS E 100 15.33 41.96 44.92
C HIS E 100 15.55 42.56 46.29
N ARG E 101 15.03 43.76 46.48
CA ARG E 101 15.13 44.49 47.74
C ARG E 101 13.81 44.37 48.48
N GLN E 102 13.89 44.10 49.77
CA GLN E 102 12.70 43.96 50.60
C GLN E 102 13.08 44.31 52.02
N ASP E 103 12.42 45.34 52.58
CA ASP E 103 12.64 45.70 53.98
C ASP E 103 11.93 44.67 54.83
N ILE E 104 12.51 43.48 54.95
CA ILE E 104 11.97 42.44 55.82
C ILE E 104 12.00 42.94 57.26
N ASN E 105 10.81 43.01 57.88
CA ASN E 105 10.54 43.35 59.29
C ASN E 105 11.55 44.34 59.86
N GLY E 106 11.76 45.43 59.13
CA GLY E 106 12.70 46.46 59.54
C GLY E 106 14.13 46.24 59.12
N LYS E 107 14.37 45.42 58.10
CA LYS E 107 15.73 45.14 57.62
C LYS E 107 15.69 45.06 56.11
N GLU E 108 16.40 45.96 55.43
CA GLU E 108 16.59 45.82 54.00
C GLU E 108 17.58 44.70 53.73
N MET E 109 17.18 43.75 52.90
CA MET E 109 18.01 42.59 52.57
C MET E 109 17.98 42.37 51.07
N LYS E 110 19.08 41.80 50.57
CA LYS E 110 19.20 41.42 49.17
C LYS E 110 18.68 40.01 48.99
N PHE E 111 18.04 39.78 47.86
CA PHE E 111 17.38 38.50 47.60
C PHE E 111 17.63 38.08 46.16
N GLU E 112 18.29 36.95 46.00
CA GLU E 112 18.55 36.41 44.68
C GLU E 112 17.26 35.86 44.09
N VAL E 113 16.85 36.40 42.94
CA VAL E 113 15.63 36.00 42.27
C VAL E 113 15.82 36.04 40.77
N LEU E 114 14.92 35.36 40.07
CA LEU E 114 14.93 35.26 38.62
C LEU E 114 13.61 35.75 38.07
N THR E 115 13.68 36.60 37.06
CA THR E 115 12.46 37.08 36.41
C THR E 115 11.82 35.94 35.63
N LEU E 116 10.52 35.73 35.85
CA LEU E 116 9.80 34.66 35.18
C LEU E 116 8.34 35.04 35.06
N ALA E 117 7.69 34.46 34.06
CA ALA E 117 6.26 34.65 33.85
C ALA E 117 5.41 33.67 34.65
N SER E 118 6.02 32.84 35.48
CA SER E 118 5.33 31.88 36.33
C SER E 118 5.65 32.03 37.80
N LEU E 119 6.81 32.56 38.14
CA LEU E 119 7.29 32.64 39.51
C LEU E 119 7.01 34.03 40.10
N THR E 120 7.21 34.12 41.41
CA THR E 120 7.06 35.38 42.13
C THR E 120 8.16 35.51 43.17
N THR E 121 8.80 36.68 43.16
CA THR E 121 9.89 36.94 44.09
C THR E 121 9.44 36.80 45.53
N GLU E 122 8.17 37.11 45.80
CA GLU E 122 7.59 36.94 47.12
C GLU E 122 7.74 35.50 47.62
N ILE E 123 7.22 34.55 46.84
CA ILE E 123 7.30 33.16 47.29
C ILE E 123 8.73 32.68 47.26
N GLN E 124 9.56 33.22 46.36
CA GLN E 124 10.98 32.87 46.37
C GLN E 124 11.62 33.23 47.70
N ILE E 125 11.42 34.47 48.17
CA ILE E 125 12.04 34.88 49.41
C ILE E 125 11.40 34.17 50.59
N ASN E 126 10.11 33.83 50.49
CA ASN E 126 9.48 33.03 51.53
C ASN E 126 10.19 31.69 51.69
N ILE E 127 10.44 31.03 50.56
CA ILE E 127 11.14 29.76 50.56
C ILE E 127 12.51 29.92 51.19
N GLU E 128 13.23 30.96 50.77
CA GLU E 128 14.58 31.17 51.27
C GLU E 128 14.58 31.42 52.77
N ILE E 129 13.59 32.18 53.25
CA ILE E 129 13.50 32.50 54.67
C ILE E 129 13.23 31.24 55.47
N GLU E 130 12.28 30.43 55.01
CA GLU E 130 11.95 29.21 55.74
C GLU E 130 13.15 28.26 55.76
N SER E 131 13.86 28.17 54.64
CA SER E 131 15.05 27.33 54.58
C SER E 131 16.09 27.83 55.56
N ARG E 132 16.31 29.14 55.61
CA ARG E 132 17.31 29.70 56.52
C ARG E 132 16.92 29.42 57.96
N LYS E 133 15.65 29.59 58.30
CA LYS E 133 15.19 29.40 59.66
C LYS E 133 15.40 27.96 60.12
N SER E 134 14.87 27.00 59.36
CA SER E 134 15.04 25.62 59.78
C SER E 134 16.48 25.16 59.64
N TYR E 135 17.29 25.83 58.81
CA TYR E 135 18.68 25.47 58.69
C TYR E 135 19.47 25.89 59.92
N LYS E 136 19.23 27.10 60.41
CA LYS E 136 19.86 27.49 61.66
C LYS E 136 19.33 26.67 62.82
N LYS E 137 18.05 26.28 62.77
CA LYS E 137 17.53 25.36 63.78
C LYS E 137 18.27 24.03 63.73
N MET E 138 18.55 23.53 62.53
CA MET E 138 19.32 22.31 62.40
C MET E 138 20.73 22.49 62.92
N LEU E 139 21.29 23.68 62.72
CA LEU E 139 22.60 23.98 63.28
C LEU E 139 22.55 23.93 64.80
N LYS E 140 21.43 24.34 65.38
CA LYS E 140 21.23 24.12 66.81
C LYS E 140 21.18 22.62 67.08
N GLU E 141 21.39 22.28 68.35
CA GLU E 141 21.32 20.92 68.89
C GLU E 141 22.34 19.95 68.30
N MET E 142 23.22 20.41 67.40
CA MET E 142 24.39 19.65 66.98
C MET E 142 25.65 20.48 66.83
N GLY E 143 25.56 21.80 66.67
CA GLY E 143 26.69 22.66 66.51
C GLY E 143 27.10 22.89 65.07
N GLU E 144 26.93 21.89 64.21
CA GLU E 144 27.30 22.04 62.81
C GLU E 144 26.63 20.95 62.00
N VAL E 145 26.33 21.27 60.75
CA VAL E 145 25.77 20.33 59.79
C VAL E 145 26.86 19.94 58.81
N ALA E 146 26.76 18.74 58.27
CA ALA E 146 27.70 18.29 57.27
C ALA E 146 27.44 18.97 55.93
N PRO E 147 28.39 18.93 55.00
CA PRO E 147 28.12 19.47 53.66
C PRO E 147 27.03 18.72 52.93
N GLU E 148 26.78 17.46 53.28
CA GLU E 148 25.73 16.66 52.67
C GLU E 148 24.39 16.85 53.37
N TYR E 149 24.22 17.93 54.12
CA TYR E 149 22.96 18.27 54.75
C TYR E 149 22.48 19.67 54.40
N ARG E 150 23.24 20.43 53.62
CA ARG E 150 22.93 21.81 53.29
C ARG E 150 22.48 21.93 51.85
N HIS E 151 21.87 23.07 51.54
CA HIS E 151 21.35 23.32 50.20
C HIS E 151 22.44 23.40 49.15
N ASP E 152 23.68 23.59 49.54
CA ASP E 152 24.75 23.83 48.58
C ASP E 152 25.13 22.58 47.78
N SER E 153 24.71 21.40 48.22
CA SER E 153 25.14 20.19 47.53
C SER E 153 24.39 20.02 46.21
N PRO E 154 24.94 19.26 45.28
CA PRO E 154 24.50 19.36 43.87
C PRO E 154 23.49 18.31 43.39
N ASP E 155 22.94 17.47 44.26
CA ASP E 155 22.15 16.32 43.81
C ASP E 155 20.64 16.54 43.91
N CYS E 156 20.21 17.76 44.18
CA CYS E 156 18.82 17.99 44.53
C CYS E 156 17.90 17.77 43.32
N GLY E 157 18.22 18.40 42.19
CA GLY E 157 17.39 18.27 41.01
C GLY E 157 17.28 16.83 40.56
N MET E 158 18.37 16.08 40.69
CA MET E 158 18.33 14.67 40.31
C MET E 158 17.45 13.90 41.28
N ILE E 159 17.48 14.28 42.56
CA ILE E 159 16.62 13.62 43.53
C ILE E 159 15.15 13.82 43.15
N ILE E 160 14.79 15.02 42.71
CA ILE E 160 13.40 15.26 42.33
C ILE E 160 13.08 14.48 41.06
N LEU E 161 13.99 14.49 40.11
CA LEU E 161 13.71 13.86 38.84
C LEU E 161 13.61 12.34 38.96
N CYS E 162 14.18 11.77 40.02
CA CYS E 162 13.95 10.35 40.27
C CYS E 162 12.47 10.07 40.50
N ILE E 163 11.84 10.90 41.35
CA ILE E 163 10.41 10.77 41.58
C ILE E 163 9.65 11.03 40.28
N ALA E 164 10.15 11.97 39.49
CA ALA E 164 9.51 12.24 38.21
C ALA E 164 9.50 11.00 37.34
N ALA E 165 10.60 10.26 37.34
CA ALA E 165 10.64 9.01 36.58
C ALA E 165 9.69 7.98 37.15
N LEU E 166 9.60 7.93 38.47
CA LEU E 166 8.65 7.01 39.08
C LEU E 166 7.23 7.33 38.67
N VAL E 167 6.94 8.59 38.40
CA VAL E 167 5.59 8.98 38.02
C VAL E 167 5.34 8.70 36.56
N ILE E 168 6.31 9.04 35.69
CA ILE E 168 6.13 8.80 34.28
C ILE E 168 6.07 7.31 33.99
N THR E 169 6.57 6.49 34.91
CA THR E 169 6.33 5.05 34.83
C THR E 169 4.84 4.74 34.69
N LYS E 170 4.04 5.21 35.64
CA LYS E 170 2.63 4.87 35.72
C LYS E 170 1.72 5.87 35.01
N LEU E 171 2.29 6.91 34.40
CA LEU E 171 1.43 7.85 33.68
C LEU E 171 0.70 7.22 32.50
N ALA E 172 1.10 6.02 32.06
CA ALA E 172 0.40 5.35 30.98
C ALA E 172 -1.08 5.18 31.32
N ALA E 173 -1.37 4.52 32.44
CA ALA E 173 -2.71 4.60 33.00
C ALA E 173 -3.05 6.04 33.35
N GLY E 174 -2.16 6.71 34.09
CA GLY E 174 -2.26 8.13 34.32
C GLY E 174 -3.58 8.61 34.90
N ASP E 175 -4.09 7.91 35.91
CA ASP E 175 -5.34 8.28 36.58
C ASP E 175 -5.14 8.32 38.09
N ARG E 176 -3.91 8.61 38.53
CA ARG E 176 -3.57 8.69 39.95
C ARG E 176 -3.86 7.37 40.67
N SER E 177 -3.70 6.26 39.95
CA SER E 177 -3.90 4.94 40.54
C SER E 177 -2.62 4.36 41.11
N GLY E 178 -1.50 4.50 40.40
CA GLY E 178 -0.25 3.91 40.81
C GLY E 178 0.51 4.67 41.88
N LEU E 179 -0.12 5.69 42.47
CA LEU E 179 0.55 6.49 43.48
C LEU E 179 1.02 5.65 44.67
N THR E 180 0.23 4.64 45.03
CA THR E 180 0.59 3.81 46.17
C THR E 180 1.85 3.03 45.90
N ALA E 181 1.91 2.36 44.75
CA ALA E 181 3.10 1.61 44.39
C ALA E 181 4.29 2.54 44.21
N VAL E 182 4.03 3.76 43.73
CA VAL E 182 5.10 4.74 43.59
C VAL E 182 5.70 5.06 44.94
N ILE E 183 4.86 5.33 45.92
CA ILE E 183 5.34 5.64 47.26
C ILE E 183 6.08 4.44 47.82
N ARG E 184 5.56 3.25 47.56
CA ARG E 184 6.16 2.03 48.06
C ARG E 184 7.58 1.88 47.55
N ARG E 185 7.78 2.10 46.25
CA ARG E 185 9.11 1.98 45.68
C ARG E 185 10.01 3.11 46.15
N ALA E 186 9.45 4.31 46.25
CA ALA E 186 10.24 5.46 46.67
C ALA E 186 10.72 5.34 48.10
N ASN E 187 10.02 4.55 48.90
CA ASN E 187 10.50 4.23 50.24
C ASN E 187 11.39 3.00 50.24
N ASN E 188 11.17 2.07 49.31
CA ASN E 188 12.03 0.91 49.20
C ASN E 188 13.45 1.32 48.83
N VAL E 189 13.58 2.38 48.03
CA VAL E 189 14.88 2.97 47.73
C VAL E 189 14.92 4.37 48.35
N LEU E 190 16.03 5.07 48.18
CA LEU E 190 16.20 6.43 48.67
C LEU E 190 16.11 6.53 50.17
N LYS E 191 16.35 5.43 50.89
CA LYS E 191 16.32 5.49 52.33
C LYS E 191 17.45 6.36 52.86
N ASN E 192 18.62 6.24 52.23
CA ASN E 192 19.75 7.10 52.57
C ASN E 192 19.36 8.57 52.42
N GLU E 193 18.67 8.89 51.33
CA GLU E 193 18.31 10.27 51.10
C GLU E 193 17.22 10.73 52.05
N MET E 194 16.28 9.84 52.35
CA MET E 194 15.21 10.18 53.28
C MET E 194 15.73 10.44 54.67
N LYS E 195 16.84 9.80 55.05
CA LYS E 195 17.45 10.12 56.34
C LYS E 195 18.37 11.33 56.25
N ARG E 196 18.96 11.57 55.08
CA ARG E 196 19.90 12.69 54.95
C ARG E 196 19.19 14.03 54.82
N TYR E 197 17.95 14.02 54.33
CA TYR E 197 17.16 15.24 54.21
C TYR E 197 15.76 14.96 54.71
N LYS E 198 14.95 16.01 54.79
CA LYS E 198 13.66 15.96 55.48
C LYS E 198 12.52 16.55 54.69
N GLY E 199 12.76 17.46 53.76
CA GLY E 199 11.68 18.02 52.97
C GLY E 199 11.27 17.08 51.86
N LEU E 200 10.84 15.88 52.22
CA LEU E 200 10.47 14.83 51.27
C LEU E 200 9.02 14.45 51.52
N LEU E 201 8.15 14.94 50.65
CA LEU E 201 6.72 14.62 50.66
C LEU E 201 6.44 13.92 49.33
N PRO E 202 6.65 12.60 49.25
CA PRO E 202 6.50 11.93 47.95
C PRO E 202 5.10 12.07 47.36
N LYS E 203 4.07 11.92 48.18
CA LYS E 203 2.71 12.07 47.68
C LYS E 203 2.47 13.47 47.14
N ASP E 204 2.99 14.48 47.82
CA ASP E 204 2.74 15.86 47.40
C ASP E 204 3.49 16.16 46.13
N ILE E 205 4.73 15.71 46.04
CA ILE E 205 5.52 15.89 44.83
C ILE E 205 4.83 15.21 43.66
N ALA E 206 4.30 14.00 43.89
CA ALA E 206 3.65 13.27 42.82
C ALA E 206 2.37 13.96 42.37
N ASN E 207 1.61 14.50 43.31
CA ASN E 207 0.41 15.24 42.93
C ASN E 207 0.76 16.48 42.14
N SER E 208 1.81 17.18 42.55
CA SER E 208 2.28 18.35 41.81
C SER E 208 2.65 17.96 40.39
N PHE E 209 3.40 16.87 40.25
CA PHE E 209 3.80 16.41 38.92
C PHE E 209 2.59 16.02 38.09
N TYR E 210 1.60 15.37 38.72
CA TYR E 210 0.40 15.00 38.00
C TYR E 210 -0.31 16.23 37.46
N GLU E 211 -0.43 17.27 38.28
CA GLU E 211 -1.04 18.51 37.82
C GLU E 211 -0.27 19.08 36.64
N VAL E 212 1.06 19.11 36.76
CA VAL E 212 1.88 19.71 35.72
C VAL E 212 1.70 18.97 34.42
N PHE E 213 1.75 17.65 34.46
CA PHE E 213 1.65 16.87 33.23
C PHE E 213 0.24 16.89 32.67
N GLU E 214 -0.76 17.02 33.54
CA GLU E 214 -2.13 17.07 33.06
C GLU E 214 -2.39 18.37 32.32
N LYS E 215 -1.81 19.47 32.81
CA LYS E 215 -2.03 20.75 32.15
C LYS E 215 -1.10 20.94 30.96
N HIS E 216 0.18 21.14 31.23
CA HIS E 216 1.16 21.42 30.14
C HIS E 216 1.79 20.09 29.69
N PRO E 217 1.51 19.60 28.48
CA PRO E 217 2.01 18.28 28.05
C PRO E 217 3.41 18.29 27.47
N HIS E 218 3.79 19.40 26.85
CA HIS E 218 5.09 19.49 26.16
C HIS E 218 6.25 19.15 27.09
N PHE E 219 6.10 19.45 28.37
CA PHE E 219 7.09 19.05 29.37
C PHE E 219 7.31 17.55 29.37
N ILE E 220 6.33 16.76 28.92
CA ILE E 220 6.50 15.32 28.82
C ILE E 220 7.63 14.99 27.87
N ASP E 221 7.53 15.50 26.64
CA ASP E 221 8.56 15.25 25.64
C ASP E 221 9.90 15.80 26.12
N VAL E 222 9.86 16.96 26.78
CA VAL E 222 11.08 17.54 27.33
C VAL E 222 11.76 16.55 28.26
N PHE E 223 11.03 16.11 29.28
CA PHE E 223 11.58 15.22 30.29
C PHE E 223 12.05 13.91 29.66
N VAL E 224 11.33 13.44 28.65
CA VAL E 224 11.68 12.20 27.99
C VAL E 224 13.05 12.32 27.35
N HIS E 225 13.20 13.30 26.47
CA HIS E 225 14.47 13.46 25.77
C HIS E 225 15.59 13.77 26.76
N PHE E 226 15.26 14.45 27.85
CA PHE E 226 16.28 14.73 28.86
C PHE E 226 16.78 13.45 29.48
N GLY E 227 15.86 12.58 29.88
CA GLY E 227 16.26 11.32 30.49
C GLY E 227 17.06 10.47 29.52
N ILE E 228 16.66 10.48 28.25
CA ILE E 228 17.37 9.71 27.25
C ILE E 228 18.79 10.19 27.12
N ALA E 229 18.97 11.51 27.05
CA ALA E 229 20.31 12.06 26.90
C ALA E 229 21.15 11.78 28.14
N GLN E 230 20.54 11.87 29.32
CA GLN E 230 21.29 11.64 30.54
C GLN E 230 21.73 10.18 30.62
N SER E 231 20.88 9.28 30.15
CA SER E 231 21.22 7.86 30.21
C SER E 231 22.39 7.54 29.29
N SER E 232 22.41 8.16 28.11
CA SER E 232 23.47 7.87 27.14
C SER E 232 24.82 8.30 27.66
N THR E 233 24.87 9.38 28.42
CA THR E 233 26.11 9.76 29.07
C THR E 233 26.50 8.72 30.09
N ARG E 234 27.71 8.82 30.56
CA ARG E 234 28.28 7.93 31.57
C ARG E 234 28.82 8.70 32.76
N GLY E 235 29.24 9.95 32.54
CA GLY E 235 29.76 10.78 33.64
C GLY E 235 28.63 11.29 34.52
N GLY E 236 28.46 10.68 35.71
CA GLY E 236 27.40 11.10 36.64
C GLY E 236 27.68 10.64 38.06
N SER E 237 26.82 11.02 39.01
CA SER E 237 27.01 10.62 40.43
C SER E 237 26.19 9.35 40.72
N ARG E 238 26.12 8.94 41.99
CA ARG E 238 25.30 7.76 42.36
C ARG E 238 23.84 8.04 42.02
N VAL E 239 23.32 9.21 42.40
CA VAL E 239 21.90 9.56 42.14
C VAL E 239 21.64 9.49 40.63
N GLU E 240 22.53 10.06 39.81
CA GLU E 240 22.39 9.99 38.34
C GLU E 240 22.33 8.51 37.92
N GLY E 241 23.15 7.66 38.55
CA GLY E 241 23.09 6.21 38.26
C GLY E 241 21.70 5.65 38.52
N ILE E 242 21.17 5.86 39.72
CA ILE E 242 19.83 5.31 40.09
C ILE E 242 18.80 5.84 39.10
N PHE E 243 18.88 7.11 38.74
CA PHE E 243 17.91 7.77 37.89
C PHE E 243 17.79 7.06 36.55
N ALA E 244 18.92 6.66 35.99
CA ALA E 244 18.90 6.02 34.68
C ALA E 244 18.21 4.68 34.75
N GLY E 245 18.52 3.89 35.77
CA GLY E 245 17.83 2.62 35.92
C GLY E 245 16.34 2.80 36.08
N LEU E 246 15.93 3.81 36.84
CA LEU E 246 14.52 4.05 37.05
C LEU E 246 13.84 4.45 35.75
N PHE E 247 14.47 5.35 35.02
CA PHE E 247 13.90 5.84 33.77
C PHE E 247 13.74 4.70 32.77
N MET E 248 14.79 3.91 32.62
CA MET E 248 14.73 2.81 31.67
C MET E 248 13.77 1.73 32.12
N ASN E 249 13.47 1.64 33.42
CA ASN E 249 12.50 0.65 33.86
C ASN E 249 11.12 0.94 33.29
N ALA E 250 10.83 2.18 32.93
CA ALA E 250 9.55 2.56 32.36
C ALA E 250 9.53 2.44 30.85
N TYR E 251 10.47 1.72 30.26
CA TYR E 251 10.42 1.45 28.83
C TYR E 251 9.34 0.44 28.53
N GLY E 252 8.65 0.66 27.42
CA GLY E 252 7.64 -0.28 26.98
C GLY E 252 6.45 -0.37 27.90
N ALA E 253 5.68 0.71 27.98
CA ALA E 253 4.41 0.74 28.69
C ALA E 253 3.27 0.59 27.70
N GLY E 254 2.17 0.02 28.18
CA GLY E 254 1.06 -0.26 27.29
C GLY E 254 1.40 -1.25 26.21
N GLN E 255 2.36 -2.13 26.47
CA GLN E 255 2.78 -3.14 25.52
C GLN E 255 3.01 -4.48 26.21
N VAL E 256 2.55 -4.63 27.44
CA VAL E 256 2.87 -5.80 28.25
C VAL E 256 2.33 -7.08 27.63
N MET E 257 1.24 -6.97 26.88
CA MET E 257 0.59 -8.16 26.35
C MET E 257 1.46 -8.88 25.36
N LEU E 258 2.29 -8.14 24.62
CA LEU E 258 3.19 -8.76 23.67
C LEU E 258 4.17 -9.66 24.39
N ARG E 259 4.76 -9.15 25.46
CA ARG E 259 5.77 -9.91 26.18
C ARG E 259 5.14 -11.10 26.87
N TRP E 260 3.93 -10.92 27.39
CA TRP E 260 3.25 -12.06 28.00
C TRP E 260 2.90 -13.11 26.96
N GLY E 261 2.62 -12.69 25.73
CA GLY E 261 2.37 -13.65 24.68
C GLY E 261 3.63 -14.43 24.33
N VAL E 262 4.76 -13.73 24.28
CA VAL E 262 6.04 -14.40 24.08
C VAL E 262 6.28 -15.40 25.19
N LEU E 263 5.88 -15.03 26.41
CA LEU E 263 6.03 -15.92 27.54
C LEU E 263 5.25 -17.21 27.34
N ALA E 264 3.96 -17.06 27.03
CA ALA E 264 3.12 -18.23 26.84
C ALA E 264 3.60 -19.07 25.67
N LYS E 265 4.23 -18.43 24.68
CA LYS E 265 4.84 -19.18 23.60
C LYS E 265 5.99 -20.02 24.12
N SER E 266 6.90 -19.39 24.88
CA SER E 266 8.08 -20.09 25.38
C SER E 266 7.71 -21.21 26.33
N VAL E 267 6.53 -21.15 26.94
CA VAL E 267 6.05 -22.24 27.79
C VAL E 267 5.42 -23.36 26.99
N LYS E 268 5.11 -23.13 25.71
CA LYS E 268 4.45 -24.11 24.85
C LYS E 268 3.08 -24.50 25.42
N ASN E 269 2.21 -23.50 25.47
CA ASN E 269 0.83 -23.76 25.85
C ASN E 269 0.11 -24.48 24.73
N ILE E 270 -0.50 -25.61 25.08
CA ILE E 270 -1.09 -26.52 24.10
C ILE E 270 -2.21 -25.84 23.32
N MET E 271 -2.89 -24.87 23.93
CA MET E 271 -4.13 -24.35 23.37
C MET E 271 -3.93 -23.59 22.06
N LEU E 272 -2.69 -23.24 21.71
CA LEU E 272 -2.45 -22.49 20.49
C LEU E 272 -2.59 -23.33 19.24
N GLY E 273 -2.76 -24.65 19.37
CA GLY E 273 -3.13 -25.45 18.22
C GLY E 273 -4.55 -25.22 17.74
N HIS E 274 -5.35 -24.49 18.51
CA HIS E 274 -6.71 -24.21 18.12
C HIS E 274 -6.76 -23.41 16.83
N ALA E 275 -7.67 -23.80 15.94
CA ALA E 275 -7.81 -23.13 14.66
C ALA E 275 -8.16 -21.67 14.82
N SER E 276 -8.93 -21.34 15.86
CA SER E 276 -9.40 -19.98 16.06
C SER E 276 -8.28 -18.98 16.34
N VAL E 277 -7.05 -19.45 16.56
CA VAL E 277 -5.90 -18.59 16.76
C VAL E 277 -4.87 -18.88 15.68
N GLN E 278 -4.86 -20.12 15.18
CA GLN E 278 -4.03 -20.42 14.01
C GLN E 278 -4.41 -19.55 12.83
N ALA E 279 -5.68 -19.14 12.76
CA ALA E 279 -6.10 -18.19 11.75
C ALA E 279 -5.39 -16.85 11.92
N GLU E 280 -5.56 -16.22 13.09
CA GLU E 280 -5.05 -14.88 13.35
C GLU E 280 -3.53 -14.81 13.43
N MET E 281 -2.87 -15.97 13.46
CA MET E 281 -1.41 -16.09 13.41
C MET E 281 -0.75 -15.13 12.43
N GLU E 282 -1.33 -15.02 11.23
CA GLU E 282 -0.71 -14.21 10.20
C GLU E 282 -0.63 -12.74 10.60
N GLN E 283 -1.76 -12.16 10.99
CA GLN E 283 -1.79 -10.75 11.33
C GLN E 283 -0.94 -10.47 12.56
N VAL E 284 -0.98 -11.38 13.55
CA VAL E 284 -0.18 -11.11 14.74
C VAL E 284 1.31 -11.16 14.41
N VAL E 285 1.69 -12.06 13.50
CA VAL E 285 3.06 -12.09 13.02
C VAL E 285 3.41 -10.77 12.35
N GLU E 286 2.49 -10.23 11.57
CA GLU E 286 2.79 -9.03 10.81
C GLU E 286 3.02 -7.85 11.74
N VAL E 287 2.18 -7.73 12.77
CA VAL E 287 2.38 -6.62 13.71
C VAL E 287 3.68 -6.81 14.49
N TYR E 288 4.03 -8.05 14.81
CA TYR E 288 5.29 -8.28 15.49
C TYR E 288 6.46 -7.85 14.61
N GLU E 289 6.37 -8.14 13.32
CA GLU E 289 7.41 -7.71 12.40
C GLU E 289 7.47 -6.19 12.32
N TYR E 290 6.32 -5.54 12.36
CA TYR E 290 6.29 -4.08 12.33
C TYR E 290 7.00 -3.52 13.54
N ALA E 291 6.74 -4.09 14.71
CA ALA E 291 7.40 -3.62 15.92
C ALA E 291 8.89 -3.87 15.86
N GLN E 292 9.30 -5.03 15.35
CA GLN E 292 10.72 -5.31 15.22
C GLN E 292 11.37 -4.33 14.26
N LYS E 293 10.66 -3.90 13.23
CA LYS E 293 11.20 -2.95 12.28
C LYS E 293 11.38 -1.59 12.93
N LEU E 294 10.37 -1.14 13.67
CA LEU E 294 10.50 0.14 14.35
C LEU E 294 11.60 0.11 15.38
N GLY E 295 11.79 -1.03 16.03
CA GLY E 295 12.89 -1.21 16.95
C GLY E 295 12.85 -0.31 18.16
N GLY E 296 13.78 0.65 18.20
CA GLY E 296 14.02 1.43 19.39
C GLY E 296 12.83 2.26 19.83
N GLU E 297 12.47 3.25 19.04
CA GLU E 297 11.40 4.18 19.40
C GLU E 297 10.06 3.48 19.22
N ALA E 298 9.78 2.58 20.17
CA ALA E 298 8.55 1.81 20.15
C ALA E 298 7.87 1.80 21.52
N GLY E 299 8.66 1.87 22.59
CA GLY E 299 8.11 1.73 23.91
C GLY E 299 7.51 2.98 24.48
N PHE E 300 7.91 4.13 23.96
CA PHE E 300 7.49 5.41 24.48
C PHE E 300 6.26 5.97 23.78
N TYR E 301 5.64 5.21 22.90
CA TYR E 301 4.49 5.72 22.16
C TYR E 301 3.30 5.93 23.07
N HIS E 302 2.91 4.89 23.81
CA HIS E 302 1.74 4.99 24.68
C HIS E 302 1.94 6.02 25.77
N ILE E 303 3.19 6.39 26.06
CA ILE E 303 3.42 7.49 26.99
C ILE E 303 2.78 8.75 26.46
N LEU E 304 2.85 8.94 25.15
CA LEU E 304 2.35 10.12 24.48
C LEU E 304 0.98 9.83 23.90
N ASN E 305 0.40 10.85 23.27
CA ASN E 305 -0.81 10.72 22.48
C ASN E 305 -0.48 10.42 21.02
N ASN E 306 0.65 9.79 20.77
CA ASN E 306 1.04 9.48 19.42
C ASN E 306 0.01 8.53 18.81
N PRO E 307 -0.55 8.85 17.64
CA PRO E 307 -1.72 8.11 17.17
C PRO E 307 -1.41 6.73 16.67
N LYS E 308 -0.14 6.41 16.44
CA LYS E 308 0.24 5.16 15.83
C LYS E 308 0.31 4.02 16.82
N ALA E 309 -0.01 4.27 18.09
CA ALA E 309 0.10 3.23 19.09
C ALA E 309 -1.05 2.26 19.05
N SER E 310 -2.20 2.70 18.54
CA SER E 310 -3.38 1.85 18.51
C SER E 310 -3.17 0.59 17.68
N LEU E 311 -2.20 0.61 16.76
CA LEU E 311 -1.89 -0.58 15.99
C LEU E 311 -1.43 -1.71 16.90
N LEU E 312 -0.63 -1.38 17.90
CA LEU E 312 0.04 -2.37 18.73
C LEU E 312 -0.82 -2.77 19.91
N SER E 313 -2.05 -3.18 19.63
CA SER E 313 -2.96 -3.70 20.63
C SER E 313 -3.61 -4.95 20.07
N LEU E 314 -3.39 -6.07 20.75
CA LEU E 314 -3.96 -7.34 20.37
C LEU E 314 -5.36 -7.55 20.95
N THR E 315 -5.97 -6.50 21.49
CA THR E 315 -7.35 -6.61 21.92
C THR E 315 -8.27 -6.95 20.76
N GLN E 316 -7.92 -6.51 19.56
CA GLN E 316 -8.71 -6.85 18.38
C GLN E 316 -8.58 -8.31 17.99
N PHE E 317 -7.63 -9.04 18.56
CA PHE E 317 -7.49 -10.48 18.35
C PHE E 317 -7.97 -11.20 19.60
N PRO E 318 -9.28 -11.42 19.73
CA PRO E 318 -9.81 -11.80 21.03
C PRO E 318 -9.34 -13.16 21.50
N HIS E 319 -9.27 -14.13 20.61
CA HIS E 319 -8.87 -15.48 21.02
C HIS E 319 -7.45 -15.49 21.55
N PHE E 320 -6.53 -14.86 20.80
CA PHE E 320 -5.15 -14.78 21.22
C PHE E 320 -5.02 -14.06 22.55
N SER E 321 -5.72 -12.93 22.68
CA SER E 321 -5.64 -12.16 23.91
C SER E 321 -6.13 -12.98 25.09
N SER E 322 -7.23 -13.70 24.90
CA SER E 322 -7.82 -14.44 26.01
C SER E 322 -6.93 -15.61 26.42
N VAL E 323 -6.35 -16.30 25.45
CA VAL E 323 -5.51 -17.44 25.81
C VAL E 323 -4.25 -16.95 26.52
N VAL E 324 -3.68 -15.82 26.08
CA VAL E 324 -2.49 -15.32 26.75
C VAL E 324 -2.84 -14.90 28.18
N LEU E 325 -3.98 -14.25 28.36
CA LEU E 325 -4.39 -13.85 29.68
C LEU E 325 -4.56 -15.04 30.59
N GLY E 326 -5.22 -16.08 30.09
CA GLY E 326 -5.44 -17.27 30.90
C GLY E 326 -4.14 -17.93 31.27
N ASN E 327 -3.19 -17.95 30.34
CA ASN E 327 -1.89 -18.55 30.63
C ASN E 327 -1.17 -17.78 31.72
N ALA E 328 -1.09 -16.46 31.56
CA ALA E 328 -0.37 -15.65 32.54
C ALA E 328 -1.03 -15.72 33.91
N ALA E 329 -2.36 -15.81 33.95
CA ALA E 329 -3.03 -15.91 35.23
C ALA E 329 -2.81 -17.27 35.86
N GLY E 330 -2.76 -18.32 35.03
CA GLY E 330 -2.43 -19.63 35.55
C GLY E 330 -1.02 -19.69 36.11
N LEU E 331 -0.13 -18.86 35.57
CA LEU E 331 1.20 -18.74 36.16
C LEU E 331 1.21 -17.95 37.45
N GLY E 332 0.10 -17.30 37.80
CA GLY E 332 0.04 -16.57 39.05
C GLY E 332 0.97 -15.39 39.11
N ILE E 333 0.95 -14.57 38.06
CA ILE E 333 1.72 -13.34 38.02
C ILE E 333 0.90 -12.12 37.65
N MET E 334 -0.23 -12.30 36.98
CA MET E 334 -1.13 -11.19 36.67
C MET E 334 -1.80 -10.75 37.96
N GLY E 335 -1.09 -9.89 38.69
CA GLY E 335 -1.53 -9.49 40.00
C GLY E 335 -2.88 -8.80 40.01
N GLU E 336 -2.94 -7.61 39.44
CA GLU E 336 -4.16 -6.80 39.46
C GLU E 336 -4.39 -6.11 38.13
N TYR E 337 -3.89 -6.70 37.05
CA TYR E 337 -4.06 -6.12 35.73
C TYR E 337 -5.54 -6.13 35.37
N ARG E 338 -6.17 -4.96 35.39
CA ARG E 338 -7.60 -4.84 35.14
C ARG E 338 -7.87 -4.96 33.64
N GLY E 339 -7.66 -6.18 33.15
CA GLY E 339 -8.00 -6.54 31.79
C GLY E 339 -9.21 -7.45 31.77
N THR E 340 -9.51 -7.94 30.56
CA THR E 340 -10.62 -8.84 30.38
C THR E 340 -10.36 -9.69 29.14
N PRO E 341 -10.72 -10.99 29.15
CA PRO E 341 -10.67 -11.76 27.91
C PRO E 341 -11.98 -11.69 27.16
N ARG E 342 -12.06 -12.41 26.04
CA ARG E 342 -13.30 -12.56 25.29
C ARG E 342 -13.82 -13.99 25.34
N ASN E 343 -12.99 -14.95 24.93
CA ASN E 343 -13.35 -16.36 25.00
C ASN E 343 -13.03 -16.85 26.40
N GLN E 344 -14.01 -16.72 27.29
CA GLN E 344 -13.84 -17.15 28.68
C GLN E 344 -13.50 -18.63 28.75
N ASP E 345 -14.01 -19.43 27.83
CA ASP E 345 -13.71 -20.86 27.83
C ASP E 345 -12.24 -21.10 27.59
N LEU E 346 -11.69 -20.46 26.56
CA LEU E 346 -10.26 -20.61 26.28
C LEU E 346 -9.43 -20.08 27.43
N TYR E 347 -9.86 -18.97 28.02
CA TYR E 347 -9.14 -18.40 29.16
C TYR E 347 -9.05 -19.42 30.30
N ASP E 348 -10.19 -19.96 30.70
CA ASP E 348 -10.22 -20.91 31.80
C ASP E 348 -9.44 -22.17 31.45
N ALA E 349 -9.52 -22.60 30.20
CA ALA E 349 -8.83 -23.82 29.78
C ALA E 349 -7.33 -23.64 29.89
N ALA E 350 -6.81 -22.53 29.38
CA ALA E 350 -5.39 -22.29 29.46
C ALA E 350 -4.93 -22.14 30.90
N LYS E 351 -5.73 -21.48 31.72
CA LYS E 351 -5.37 -21.33 33.13
C LYS E 351 -5.28 -22.69 33.81
N ALA E 352 -6.27 -23.55 33.56
CA ALA E 352 -6.26 -24.87 34.15
C ALA E 352 -5.06 -25.67 33.69
N TYR E 353 -4.73 -25.56 32.39
CA TYR E 353 -3.58 -26.27 31.87
C TYR E 353 -2.30 -25.81 32.56
N ALA E 354 -2.15 -24.50 32.72
CA ALA E 354 -0.91 -23.97 33.30
C ALA E 354 -0.77 -24.40 34.76
N GLU E 355 -1.83 -24.22 35.55
CA GLU E 355 -1.74 -24.58 36.95
C GLU E 355 -1.55 -26.08 37.11
N GLN E 356 -2.11 -26.88 36.21
CA GLN E 356 -1.84 -28.30 36.22
C GLN E 356 -0.38 -28.57 35.91
N LEU E 357 0.19 -27.79 35.00
CA LEU E 357 1.54 -28.03 34.54
C LEU E 357 2.59 -27.56 35.53
N LYS E 358 2.26 -26.62 36.40
CA LYS E 358 3.26 -26.11 37.34
C LYS E 358 3.42 -27.03 38.54
N GLU E 359 2.31 -27.49 39.11
CA GLU E 359 2.37 -28.26 40.34
C GLU E 359 3.15 -29.55 40.15
N ASN E 360 2.99 -30.19 38.99
CA ASN E 360 3.72 -31.39 38.65
C ASN E 360 5.07 -31.08 38.01
N GLY E 361 5.55 -29.85 38.13
CA GLY E 361 6.82 -29.48 37.53
C GLY E 361 7.97 -30.20 38.22
N VAL E 362 8.75 -30.95 37.46
CA VAL E 362 9.89 -31.67 38.02
C VAL E 362 10.93 -30.66 38.50
N MET F 1 35.29 -11.45 -32.07
CA MET F 1 36.60 -10.82 -32.36
C MET F 1 36.59 -10.30 -33.81
N ALA F 2 37.76 -10.26 -34.47
CA ALA F 2 37.84 -9.69 -35.81
C ALA F 2 36.98 -10.42 -36.82
N LEU F 3 36.65 -11.69 -36.57
CA LEU F 3 35.92 -12.48 -37.55
C LEU F 3 34.50 -11.98 -37.75
N SER F 4 33.94 -11.26 -36.79
CA SER F 4 32.52 -10.94 -36.83
C SER F 4 32.16 -10.05 -38.00
N LYS F 5 33.10 -9.24 -38.49
CA LYS F 5 32.84 -8.31 -39.57
C LYS F 5 33.11 -8.89 -40.96
N VAL F 6 33.54 -10.15 -41.04
CA VAL F 6 33.67 -10.81 -42.33
C VAL F 6 32.29 -11.17 -42.81
N LYS F 7 31.73 -10.38 -43.72
CA LYS F 7 30.35 -10.52 -44.13
C LYS F 7 30.19 -10.12 -45.58
N LEU F 8 29.03 -10.44 -46.13
CA LEU F 8 28.71 -10.10 -47.51
C LEU F 8 27.21 -10.15 -47.67
N ASN F 9 26.58 -8.98 -47.82
CA ASN F 9 25.12 -8.87 -47.90
C ASN F 9 24.70 -8.73 -49.35
N ASP F 10 24.76 -9.86 -50.05
CA ASP F 10 24.41 -9.91 -51.46
C ASP F 10 22.96 -9.52 -51.68
N THR F 11 22.08 -9.86 -50.74
CA THR F 11 20.67 -9.53 -50.89
C THR F 11 20.46 -8.03 -50.89
N LEU F 12 21.00 -7.35 -49.89
CA LEU F 12 20.88 -5.90 -49.83
C LEU F 12 21.51 -5.26 -51.05
N ASN F 13 22.62 -5.82 -51.52
CA ASN F 13 23.28 -5.21 -52.66
C ASN F 13 22.44 -5.37 -53.92
N LYS F 14 21.82 -6.53 -54.09
CA LYS F 14 20.90 -6.73 -55.21
C LYS F 14 19.72 -5.78 -55.11
N ASP F 15 19.22 -5.57 -53.89
CA ASP F 15 18.10 -4.67 -53.68
C ASP F 15 18.47 -3.26 -54.13
N GLN F 16 19.61 -2.77 -53.65
CA GLN F 16 20.09 -1.45 -54.03
C GLN F 16 20.25 -1.35 -55.54
N LEU F 17 20.81 -2.40 -56.14
CA LEU F 17 21.04 -2.40 -57.57
C LEU F 17 19.74 -2.25 -58.33
N LEU F 18 18.77 -3.12 -58.05
CA LEU F 18 17.52 -3.08 -58.77
C LEU F 18 16.74 -1.83 -58.48
N SER F 19 16.93 -1.24 -57.30
CA SER F 19 16.24 0.00 -56.99
C SER F 19 16.78 1.14 -57.84
N SER F 20 18.09 1.16 -58.07
CA SER F 20 18.75 2.21 -58.85
C SER F 20 19.47 1.57 -60.03
N SER F 21 18.85 1.64 -61.19
CA SER F 21 19.36 1.03 -62.41
C SER F 21 19.59 2.02 -63.54
N LYS F 22 19.04 3.23 -63.46
CA LYS F 22 19.30 4.36 -64.34
C LYS F 22 18.58 4.25 -65.69
N TYR F 23 17.99 3.10 -66.02
CA TYR F 23 17.43 2.89 -67.36
C TYR F 23 16.07 2.24 -67.23
N THR F 24 15.35 2.21 -68.35
CA THR F 24 13.99 1.71 -68.36
C THR F 24 13.66 1.22 -69.76
N ILE F 25 12.81 0.19 -69.81
CA ILE F 25 12.23 -0.31 -71.05
C ILE F 25 10.77 0.07 -71.02
N GLN F 26 10.19 0.31 -72.21
CA GLN F 26 8.83 0.79 -72.32
C GLN F 26 8.09 0.06 -73.43
N ARG F 27 6.82 -0.19 -73.19
CA ARG F 27 5.86 -0.62 -74.20
C ARG F 27 4.99 0.54 -74.67
N SER F 28 4.34 1.20 -73.72
CA SER F 28 3.55 2.42 -73.94
C SER F 28 2.53 2.24 -75.07
N THR F 29 1.59 1.32 -74.86
CA THR F 29 0.63 1.00 -75.91
C THR F 29 -0.24 2.21 -76.24
N GLY F 30 -0.68 2.96 -75.23
CA GLY F 30 -1.56 4.09 -75.45
C GLY F 30 -3.03 3.77 -75.40
N ASP F 31 -3.43 2.82 -74.57
CA ASP F 31 -4.84 2.42 -74.50
C ASP F 31 -5.66 3.52 -73.86
N SER F 32 -6.98 3.40 -74.01
CA SER F 32 -7.95 4.39 -73.57
C SER F 32 -8.99 3.71 -72.66
N ILE F 33 -8.49 2.93 -71.70
CA ILE F 33 -9.36 2.16 -70.83
C ILE F 33 -10.27 3.10 -70.02
N ASP F 34 -11.47 2.62 -69.75
CA ASP F 34 -12.50 3.44 -69.15
C ASP F 34 -12.23 3.67 -67.66
N THR F 35 -12.94 4.65 -67.11
CA THR F 35 -12.94 4.90 -65.68
C THR F 35 -14.22 5.63 -65.29
N PRO F 36 -15.10 5.03 -64.46
CA PRO F 36 -16.27 5.76 -63.99
C PRO F 36 -15.99 6.54 -62.72
N ASN F 37 -17.03 7.16 -62.17
CA ASN F 37 -16.95 7.88 -60.91
C ASN F 37 -18.06 7.44 -59.98
N TYR F 38 -18.25 8.17 -58.87
CA TYR F 38 -19.15 7.73 -57.82
C TYR F 38 -20.61 7.66 -58.26
N ASP F 39 -20.96 8.29 -59.39
CA ASP F 39 -22.37 8.51 -59.69
C ASP F 39 -23.05 7.21 -60.12
N VAL F 40 -22.40 6.44 -60.99
CA VAL F 40 -23.08 5.34 -61.68
C VAL F 40 -23.06 4.05 -60.85
N GLN F 41 -22.60 4.15 -59.60
CA GLN F 41 -22.54 2.97 -58.74
C GLN F 41 -23.91 2.36 -58.55
N LYS F 42 -24.94 3.19 -58.47
CA LYS F 42 -26.29 2.67 -58.22
C LYS F 42 -26.79 1.88 -59.42
N HIS F 43 -26.61 2.44 -60.62
CA HIS F 43 -27.00 1.74 -61.82
C HIS F 43 -26.23 0.43 -61.94
N ILE F 44 -24.95 0.44 -61.61
CA ILE F 44 -24.14 -0.76 -61.76
C ILE F 44 -24.57 -1.81 -60.76
N ASN F 45 -24.90 -1.39 -59.54
CA ASN F 45 -25.37 -2.32 -58.54
C ASN F 45 -26.69 -2.94 -58.94
N LYS F 46 -27.58 -2.13 -59.50
CA LYS F 46 -28.85 -2.66 -60.00
C LYS F 46 -28.59 -3.67 -61.11
N LEU F 47 -27.61 -3.38 -61.97
CA LEU F 47 -27.30 -4.30 -63.06
C LEU F 47 -26.79 -5.63 -62.52
N CYS F 48 -25.87 -5.57 -61.56
CA CYS F 48 -25.36 -6.79 -60.96
C CYS F 48 -26.48 -7.56 -60.26
N GLY F 49 -27.42 -6.84 -59.65
CA GLY F 49 -28.54 -7.51 -59.01
C GLY F 49 -29.43 -8.21 -60.00
N MET F 50 -29.65 -7.59 -61.16
CA MET F 50 -30.38 -8.25 -62.22
C MET F 50 -29.66 -9.51 -62.66
N LEU F 51 -28.35 -9.39 -62.87
CA LEU F 51 -27.57 -10.53 -63.34
C LEU F 51 -27.44 -11.60 -62.28
N LEU F 52 -27.71 -11.28 -61.02
CA LEU F 52 -27.72 -12.28 -59.97
C LEU F 52 -29.08 -12.97 -59.86
N ILE F 53 -30.16 -12.20 -59.87
CA ILE F 53 -31.48 -12.81 -59.73
C ILE F 53 -31.81 -13.66 -60.93
N THR F 54 -31.32 -13.28 -62.11
CA THR F 54 -31.59 -14.08 -63.29
C THR F 54 -30.88 -15.43 -63.18
N GLU F 55 -31.53 -16.46 -63.71
CA GLU F 55 -31.02 -17.82 -63.62
C GLU F 55 -30.18 -18.18 -64.83
N ASP F 56 -29.15 -18.99 -64.59
CA ASP F 56 -28.30 -19.61 -65.61
C ASP F 56 -27.81 -18.62 -66.66
N ALA F 57 -27.61 -17.37 -66.26
CA ALA F 57 -27.09 -16.38 -67.19
C ALA F 57 -25.62 -16.65 -67.48
N ASN F 58 -25.21 -16.29 -68.69
CA ASN F 58 -23.82 -16.51 -69.09
C ASN F 58 -22.93 -15.52 -68.38
N HIS F 59 -22.39 -15.93 -67.24
CA HIS F 59 -21.51 -15.07 -66.44
C HIS F 59 -20.17 -14.99 -67.14
N LYS F 60 -20.14 -14.19 -68.21
CA LYS F 60 -18.96 -14.02 -69.04
C LYS F 60 -18.18 -12.75 -68.67
N PHE F 61 -18.85 -11.61 -68.73
CA PHE F 61 -18.23 -10.32 -68.47
C PHE F 61 -18.37 -9.90 -67.00
N THR F 62 -18.69 -10.85 -66.13
CA THR F 62 -18.98 -10.53 -64.74
C THR F 62 -17.75 -9.97 -64.04
N GLY F 63 -16.57 -10.53 -64.35
CA GLY F 63 -15.36 -10.01 -63.72
C GLY F 63 -15.07 -8.59 -64.15
N LEU F 64 -15.27 -8.31 -65.43
CA LEU F 64 -15.14 -6.94 -65.93
C LEU F 64 -16.09 -6.02 -65.19
N ILE F 65 -17.35 -6.44 -65.05
CA ILE F 65 -18.36 -5.62 -64.42
C ILE F 65 -17.98 -5.33 -62.98
N GLY F 66 -17.44 -6.34 -62.29
CA GLY F 66 -17.02 -6.13 -60.93
C GLY F 66 -15.85 -5.17 -60.83
N MET F 67 -14.93 -5.25 -61.78
CA MET F 67 -13.83 -4.31 -61.79
C MET F 67 -14.33 -2.89 -62.03
N LEU F 68 -15.37 -2.75 -62.83
CA LEU F 68 -15.94 -1.43 -63.05
C LEU F 68 -16.61 -0.92 -61.79
N TYR F 69 -17.28 -1.81 -61.08
CA TYR F 69 -17.82 -1.45 -59.77
C TYR F 69 -16.71 -0.96 -58.85
N ALA F 70 -15.57 -1.64 -58.89
CA ALA F 70 -14.47 -1.27 -58.02
C ALA F 70 -13.94 0.11 -58.36
N MET F 71 -13.75 0.36 -59.65
CA MET F 71 -13.23 1.66 -60.07
C MET F 71 -14.20 2.77 -59.73
N SER F 72 -15.50 2.50 -59.84
CA SER F 72 -16.50 3.48 -59.48
C SER F 72 -16.49 3.75 -57.98
N ARG F 73 -16.30 2.70 -57.19
CA ARG F 73 -16.23 2.87 -55.75
C ARG F 73 -14.96 3.62 -55.36
N LEU F 74 -13.91 3.50 -56.17
CA LEU F 74 -12.65 4.14 -55.84
C LEU F 74 -12.66 5.62 -56.20
N GLY F 75 -12.76 5.91 -57.49
CA GLY F 75 -12.60 7.27 -57.99
C GLY F 75 -11.66 7.37 -59.16
N ARG F 76 -12.04 8.23 -60.10
CA ARG F 76 -11.29 8.42 -61.34
C ARG F 76 -9.84 8.81 -61.04
N GLU F 77 -9.66 9.89 -60.27
CA GLU F 77 -8.33 10.41 -60.02
C GLU F 77 -7.47 9.41 -59.27
N ASP F 78 -8.07 8.66 -58.34
CA ASP F 78 -7.30 7.71 -57.56
C ASP F 78 -6.83 6.54 -58.42
N THR F 79 -7.73 6.03 -59.26
CA THR F 79 -7.35 4.97 -60.19
C THR F 79 -6.21 5.43 -61.09
N ILE F 80 -6.35 6.63 -61.64
CA ILE F 80 -5.31 7.14 -62.53
C ILE F 80 -4.01 7.29 -61.77
N LYS F 81 -4.08 7.73 -60.52
CA LYS F 81 -2.89 7.92 -59.73
C LYS F 81 -2.14 6.62 -59.52
N ILE F 82 -2.87 5.57 -59.12
CA ILE F 82 -2.19 4.31 -58.86
C ILE F 82 -1.67 3.72 -60.15
N LEU F 83 -2.35 3.95 -61.27
CA LEU F 83 -1.84 3.47 -62.54
C LEU F 83 -0.56 4.16 -62.93
N ARG F 84 -0.50 5.48 -62.73
CA ARG F 84 0.73 6.19 -63.05
C ARG F 84 1.86 5.79 -62.11
N ASP F 85 1.54 5.49 -60.85
CA ASP F 85 2.56 4.98 -59.95
C ASP F 85 3.05 3.62 -60.43
N ALA F 86 2.14 2.82 -60.97
CA ALA F 86 2.51 1.55 -61.58
C ALA F 86 3.28 1.73 -62.87
N GLY F 87 3.20 2.91 -63.48
CA GLY F 87 4.00 3.21 -64.65
C GLY F 87 3.32 2.83 -65.95
N TYR F 88 2.15 3.38 -66.20
CA TYR F 88 1.38 3.14 -67.41
C TYR F 88 1.30 4.39 -68.27
N HIS F 89 0.84 4.18 -69.49
CA HIS F 89 0.75 5.20 -70.54
C HIS F 89 -0.62 5.14 -71.19
N VAL F 90 -1.66 5.11 -70.37
CA VAL F 90 -3.03 4.89 -70.83
C VAL F 90 -3.85 6.17 -70.65
N LYS F 91 -5.09 6.14 -71.13
CA LYS F 91 -5.99 7.30 -71.09
C LYS F 91 -7.28 6.92 -70.39
N ALA F 92 -8.11 7.93 -70.17
CA ALA F 92 -9.33 7.82 -69.40
C ALA F 92 -10.52 8.05 -70.32
N ASN F 93 -11.09 6.97 -70.84
CA ASN F 93 -12.32 7.04 -71.61
C ASN F 93 -13.46 7.23 -70.63
N GLY F 94 -13.89 8.46 -70.44
CA GLY F 94 -14.92 8.75 -69.45
C GLY F 94 -16.23 8.08 -69.79
N VAL F 95 -16.92 7.64 -68.74
CA VAL F 95 -18.18 6.94 -68.87
C VAL F 95 -19.31 7.93 -68.75
N ASP F 96 -20.42 7.64 -69.42
CA ASP F 96 -21.57 8.53 -69.45
C ASP F 96 -22.83 7.71 -69.54
N VAL F 97 -23.80 8.02 -68.68
CA VAL F 97 -25.09 7.35 -68.69
C VAL F 97 -25.94 7.93 -69.81
N THR F 98 -26.84 7.09 -70.34
CA THR F 98 -27.74 7.54 -71.39
C THR F 98 -28.86 6.53 -71.56
N THR F 99 -29.91 6.97 -72.23
CA THR F 99 -31.03 6.12 -72.60
C THR F 99 -30.81 5.58 -74.00
N HIS F 100 -31.32 4.37 -74.23
CA HIS F 100 -31.31 3.75 -75.55
C HIS F 100 -32.74 3.41 -75.95
N ARG F 101 -33.05 3.68 -77.21
CA ARG F 101 -34.37 3.40 -77.77
C ARG F 101 -34.29 2.13 -78.60
N GLN F 102 -35.27 1.27 -78.44
CA GLN F 102 -35.32 0.02 -79.19
C GLN F 102 -36.77 -0.41 -79.30
N ASP F 103 -37.26 -0.55 -80.52
CA ASP F 103 -38.61 -1.03 -80.76
C ASP F 103 -38.60 -2.53 -80.53
N ILE F 104 -38.56 -2.93 -79.25
CA ILE F 104 -38.64 -4.35 -78.89
C ILE F 104 -39.99 -4.90 -79.35
N ASN F 105 -39.94 -5.91 -80.23
CA ASN F 105 -41.06 -6.71 -80.75
C ASN F 105 -42.35 -5.90 -80.87
N GLY F 106 -42.24 -4.73 -81.49
CA GLY F 106 -43.38 -3.85 -81.67
C GLY F 106 -43.66 -2.90 -80.53
N LYS F 107 -42.66 -2.62 -79.69
CA LYS F 107 -42.83 -1.71 -78.55
C LYS F 107 -41.56 -0.89 -78.41
N GLU F 108 -41.68 0.43 -78.57
CA GLU F 108 -40.57 1.30 -78.23
C GLU F 108 -40.44 1.40 -76.72
N MET F 109 -39.24 1.12 -76.22
CA MET F 109 -38.96 1.14 -74.79
C MET F 109 -37.67 1.88 -74.52
N LYS F 110 -37.61 2.49 -73.34
CA LYS F 110 -36.41 3.17 -72.89
C LYS F 110 -35.52 2.17 -72.17
N PHE F 111 -34.21 2.34 -72.32
CA PHE F 111 -33.25 1.39 -71.80
C PHE F 111 -32.06 2.15 -71.22
N GLU F 112 -31.85 1.98 -69.92
CA GLU F 112 -30.72 2.60 -69.25
C GLU F 112 -29.44 1.91 -69.66
N VAL F 113 -28.51 2.65 -70.25
CA VAL F 113 -27.24 2.10 -70.72
C VAL F 113 -26.14 3.13 -70.50
N LEU F 114 -24.90 2.63 -70.55
CA LEU F 114 -23.71 3.44 -70.36
C LEU F 114 -22.80 3.27 -71.57
N THR F 115 -22.32 4.40 -72.10
CA THR F 115 -21.38 4.35 -73.21
C THR F 115 -20.05 3.80 -72.72
N LEU F 116 -19.53 2.80 -73.44
CA LEU F 116 -18.27 2.17 -73.07
C LEU F 116 -17.60 1.61 -74.32
N ALA F 117 -16.28 1.50 -74.25
CA ALA F 117 -15.49 0.91 -75.31
C ALA F 117 -15.38 -0.60 -75.20
N SER F 118 -16.07 -1.22 -74.22
CA SER F 118 -16.07 -2.65 -74.03
C SER F 118 -17.47 -3.26 -74.03
N LEU F 119 -18.49 -2.48 -73.69
CA LEU F 119 -19.84 -2.97 -73.52
C LEU F 119 -20.67 -2.70 -74.78
N THR F 120 -21.85 -3.31 -74.82
CA THR F 120 -22.79 -3.10 -75.90
C THR F 120 -24.21 -3.00 -75.35
N THR F 121 -24.92 -1.97 -75.80
CA THR F 121 -26.28 -1.75 -75.33
C THR F 121 -27.17 -2.94 -75.63
N GLU F 122 -26.90 -3.65 -76.72
CA GLU F 122 -27.62 -4.86 -77.07
C GLU F 122 -27.58 -5.88 -75.93
N ILE F 123 -26.38 -6.26 -75.50
CA ILE F 123 -26.29 -7.26 -74.45
C ILE F 123 -26.79 -6.68 -73.13
N GLN F 124 -26.65 -5.38 -72.93
CA GLN F 124 -27.22 -4.75 -71.74
C GLN F 124 -28.72 -4.97 -71.67
N ILE F 125 -29.42 -4.66 -72.76
CA ILE F 125 -30.88 -4.81 -72.75
C ILE F 125 -31.26 -6.27 -72.71
N ASN F 126 -30.45 -7.15 -73.31
CA ASN F 126 -30.70 -8.58 -73.21
C ASN F 126 -30.70 -9.02 -71.75
N ILE F 127 -29.68 -8.57 -71.01
CA ILE F 127 -29.57 -8.90 -69.59
C ILE F 127 -30.80 -8.38 -68.85
N GLU F 128 -31.16 -7.13 -69.13
CA GLU F 128 -32.29 -6.53 -68.42
C GLU F 128 -33.58 -7.27 -68.73
N ILE F 129 -33.76 -7.69 -69.98
CA ILE F 129 -34.97 -8.40 -70.37
C ILE F 129 -35.06 -9.74 -69.66
N GLU F 130 -33.95 -10.49 -69.66
CA GLU F 130 -33.94 -11.79 -69.00
C GLU F 130 -34.20 -11.64 -67.51
N SER F 131 -33.60 -10.63 -66.89
CA SER F 131 -33.84 -10.38 -65.48
C SER F 131 -35.30 -10.09 -65.23
N ARG F 132 -35.90 -9.24 -66.06
CA ARG F 132 -37.31 -8.88 -65.89
C ARG F 132 -38.19 -10.12 -66.03
N LYS F 133 -37.90 -10.95 -67.03
CA LYS F 133 -38.72 -12.13 -67.28
C LYS F 133 -38.69 -13.09 -66.11
N SER F 134 -37.49 -13.49 -65.68
CA SER F 134 -37.43 -14.42 -64.57
C SER F 134 -37.84 -13.76 -63.26
N TYR F 135 -37.79 -12.44 -63.18
CA TYR F 135 -38.24 -11.76 -61.97
C TYR F 135 -39.75 -11.80 -61.85
N LYS F 136 -40.46 -11.54 -62.95
CA LYS F 136 -41.90 -11.69 -62.91
C LYS F 136 -42.29 -13.15 -62.73
N LYS F 137 -41.51 -14.08 -63.29
CA LYS F 137 -41.74 -15.49 -63.01
C LYS F 137 -41.60 -15.78 -61.52
N MET F 138 -40.59 -15.20 -60.88
CA MET F 138 -40.42 -15.37 -59.44
C MET F 138 -41.58 -14.76 -58.70
N LEU F 139 -42.11 -13.65 -59.20
CA LEU F 139 -43.29 -13.06 -58.59
C LEU F 139 -44.47 -14.02 -58.69
N LYS F 140 -44.55 -14.77 -59.79
CA LYS F 140 -45.53 -15.84 -59.85
C LYS F 140 -45.20 -16.88 -58.79
N GLU F 141 -46.19 -17.71 -58.48
CA GLU F 141 -46.13 -18.83 -57.54
C GLU F 141 -45.81 -18.44 -56.09
N MET F 142 -45.66 -17.14 -55.80
CA MET F 142 -45.61 -16.65 -54.43
C MET F 142 -46.39 -15.37 -54.20
N GLY F 143 -46.68 -14.58 -55.25
CA GLY F 143 -47.40 -13.34 -55.12
C GLY F 143 -46.51 -12.13 -54.94
N GLU F 144 -45.39 -12.28 -54.24
CA GLU F 144 -44.50 -11.16 -54.01
C GLU F 144 -43.14 -11.69 -53.57
N VAL F 145 -42.10 -10.94 -53.93
CA VAL F 145 -40.72 -11.23 -53.53
C VAL F 145 -40.33 -10.24 -52.45
N ALA F 146 -39.43 -10.67 -51.58
CA ALA F 146 -38.92 -9.78 -50.55
C ALA F 146 -37.95 -8.77 -51.14
N PRO F 147 -37.65 -7.69 -50.42
CA PRO F 147 -36.63 -6.75 -50.91
C PRO F 147 -35.25 -7.36 -51.01
N GLU F 148 -34.97 -8.43 -50.26
CA GLU F 148 -33.70 -9.13 -50.32
C GLU F 148 -33.67 -10.21 -51.39
N TYR F 149 -34.59 -10.14 -52.36
CA TYR F 149 -34.61 -11.05 -53.50
C TYR F 149 -34.59 -10.32 -54.83
N ARG F 150 -34.58 -8.99 -54.84
CA ARG F 150 -34.66 -8.20 -56.06
C ARG F 150 -33.32 -7.54 -56.33
N HIS F 151 -33.18 -7.07 -57.57
CA HIS F 151 -31.94 -6.44 -58.01
C HIS F 151 -31.63 -5.15 -57.27
N ASP F 152 -32.62 -4.54 -56.62
CA ASP F 152 -32.44 -3.23 -56.02
C ASP F 152 -31.54 -3.25 -54.79
N SER F 153 -31.28 -4.41 -54.21
CA SER F 153 -30.52 -4.44 -52.98
C SER F 153 -29.03 -4.20 -53.26
N PRO F 154 -28.28 -3.76 -52.26
CA PRO F 154 -26.97 -3.12 -52.53
C PRO F 154 -25.74 -4.02 -52.38
N ASP F 155 -25.88 -5.32 -52.17
CA ASP F 155 -24.73 -6.16 -51.80
C ASP F 155 -24.16 -6.97 -52.96
N CYS F 156 -24.61 -6.69 -54.19
CA CYS F 156 -24.29 -7.56 -55.31
C CYS F 156 -22.81 -7.50 -55.66
N GLY F 157 -22.28 -6.29 -55.84
CA GLY F 157 -20.88 -6.16 -56.21
C GLY F 157 -19.96 -6.77 -55.18
N MET F 158 -20.32 -6.64 -53.90
CA MET F 158 -19.50 -7.24 -52.85
C MET F 158 -19.59 -8.75 -52.92
N ILE F 159 -20.76 -9.27 -53.28
CA ILE F 159 -20.91 -10.72 -53.43
C ILE F 159 -19.97 -11.22 -54.52
N ILE F 160 -19.87 -10.50 -55.62
CA ILE F 160 -18.97 -10.94 -56.69
C ILE F 160 -17.53 -10.82 -56.24
N LEU F 161 -17.20 -9.72 -55.57
CA LEU F 161 -15.82 -9.50 -55.19
C LEU F 161 -15.34 -10.49 -54.14
N CYS F 162 -16.26 -11.09 -53.40
CA CYS F 162 -15.86 -12.17 -52.52
C CYS F 162 -15.25 -13.33 -53.31
N ILE F 163 -15.91 -13.72 -54.39
CA ILE F 163 -15.35 -14.76 -55.26
C ILE F 163 -14.05 -14.28 -55.87
N ALA F 164 -13.98 -13.00 -56.18
CA ALA F 164 -12.74 -12.46 -56.72
C ALA F 164 -11.59 -12.64 -55.74
N ALA F 165 -11.86 -12.45 -54.46
CA ALA F 165 -10.84 -12.67 -53.45
C ALA F 165 -10.48 -14.14 -53.34
N LEU F 166 -11.48 -15.01 -53.46
CA LEU F 166 -11.19 -16.43 -53.44
C LEU F 166 -10.29 -16.82 -54.59
N VAL F 167 -10.39 -16.11 -55.71
CA VAL F 167 -9.56 -16.45 -56.87
C VAL F 167 -8.17 -15.88 -56.72
N ILE F 168 -8.06 -14.63 -56.27
CA ILE F 168 -6.75 -14.04 -56.11
C ILE F 168 -5.97 -14.73 -55.01
N THR F 169 -6.66 -15.47 -54.14
CA THR F 169 -5.98 -16.37 -53.21
C THR F 169 -5.04 -17.32 -53.95
N LYS F 170 -5.58 -18.07 -54.90
CA LYS F 170 -4.85 -19.13 -55.59
C LYS F 170 -4.20 -18.67 -56.88
N LEU F 171 -4.33 -17.39 -57.25
CA LEU F 171 -3.68 -16.94 -58.46
C LEU F 171 -2.16 -17.01 -58.40
N ALA F 172 -1.57 -17.19 -57.21
CA ALA F 172 -0.12 -17.35 -57.09
C ALA F 172 0.36 -18.50 -57.96
N ALA F 173 -0.17 -19.70 -57.74
CA ALA F 173 -0.01 -20.76 -58.73
C ALA F 173 -0.62 -20.34 -60.05
N GLY F 174 -1.88 -19.89 -60.01
CA GLY F 174 -2.51 -19.29 -61.17
C GLY F 174 -2.51 -20.11 -62.44
N ASP F 175 -2.84 -21.39 -62.32
CA ASP F 175 -2.91 -22.30 -63.46
C ASP F 175 -4.24 -23.05 -63.46
N ARG F 176 -5.28 -22.44 -62.91
CA ARG F 176 -6.61 -23.04 -62.84
C ARG F 176 -6.60 -24.37 -62.09
N SER F 177 -5.71 -24.49 -61.10
CA SER F 177 -5.62 -25.69 -60.28
C SER F 177 -6.50 -25.61 -59.05
N GLY F 178 -6.50 -24.48 -58.37
CA GLY F 178 -7.24 -24.33 -57.14
C GLY F 178 -8.72 -24.10 -57.27
N LEU F 179 -9.26 -24.23 -58.49
CA LEU F 179 -10.67 -23.98 -58.72
C LEU F 179 -11.54 -24.89 -57.87
N THR F 180 -11.12 -26.13 -57.66
CA THR F 180 -11.91 -27.07 -56.88
C THR F 180 -12.03 -26.61 -55.43
N ALA F 181 -10.90 -26.29 -54.82
CA ALA F 181 -10.92 -25.80 -53.44
C ALA F 181 -11.67 -24.49 -53.35
N VAL F 182 -11.59 -23.67 -54.39
CA VAL F 182 -12.32 -22.41 -54.41
C VAL F 182 -13.81 -22.68 -54.34
N ILE F 183 -14.30 -23.59 -55.18
CA ILE F 183 -15.71 -23.93 -55.18
C ILE F 183 -16.10 -24.52 -53.83
N ARG F 184 -15.22 -25.33 -53.27
CA ARG F 184 -15.49 -25.97 -51.99
C ARG F 184 -15.70 -24.93 -50.90
N ARG F 185 -14.83 -23.93 -50.86
CA ARG F 185 -14.98 -22.89 -49.84
C ARG F 185 -16.17 -22.01 -50.13
N ALA F 186 -16.41 -21.71 -51.40
CA ALA F 186 -17.51 -20.85 -51.76
C ALA F 186 -18.85 -21.50 -51.46
N ASN F 187 -18.90 -22.82 -51.39
CA ASN F 187 -20.09 -23.51 -50.92
C ASN F 187 -20.09 -23.70 -49.41
N ASN F 188 -18.91 -23.80 -48.81
CA ASN F 188 -18.83 -23.89 -47.35
C ASN F 188 -19.36 -22.62 -46.71
N VAL F 189 -19.15 -21.48 -47.35
CA VAL F 189 -19.73 -20.22 -46.92
C VAL F 189 -20.74 -19.77 -47.98
N LEU F 190 -21.38 -18.63 -47.74
CA LEU F 190 -22.33 -18.06 -48.69
C LEU F 190 -23.53 -18.94 -48.92
N LYS F 191 -23.84 -19.84 -48.00
CA LYS F 191 -25.01 -20.67 -48.17
C LYS F 191 -26.28 -19.84 -48.11
N ASN F 192 -26.29 -18.86 -47.20
CA ASN F 192 -27.41 -17.93 -47.12
C ASN F 192 -27.62 -17.24 -48.46
N GLU F 193 -26.52 -16.81 -49.08
CA GLU F 193 -26.63 -16.09 -50.34
C GLU F 193 -27.05 -17.03 -51.46
N MET F 194 -26.53 -18.25 -51.44
CA MET F 194 -26.87 -19.22 -52.47
C MET F 194 -28.34 -19.59 -52.41
N LYS F 195 -28.95 -19.54 -51.23
CA LYS F 195 -30.39 -19.77 -51.15
C LYS F 195 -31.19 -18.50 -51.44
N ARG F 196 -30.61 -17.33 -51.15
CA ARG F 196 -31.35 -16.08 -51.36
C ARG F 196 -31.37 -15.66 -52.82
N TYR F 197 -30.38 -16.08 -53.60
CA TYR F 197 -30.33 -15.78 -55.02
C TYR F 197 -29.95 -17.06 -55.77
N LYS F 198 -30.01 -16.96 -57.11
CA LYS F 198 -29.92 -18.15 -57.95
C LYS F 198 -28.94 -18.00 -59.11
N GLY F 199 -28.63 -16.80 -59.55
CA GLY F 199 -27.67 -16.64 -60.63
C GLY F 199 -26.25 -16.75 -60.14
N LEU F 200 -25.91 -17.90 -59.54
CA LEU F 200 -24.61 -18.14 -58.94
C LEU F 200 -23.98 -19.33 -59.62
N LEU F 201 -23.03 -19.06 -60.51
CA LEU F 201 -22.24 -20.06 -61.21
C LEU F 201 -20.80 -19.83 -60.78
N PRO F 202 -20.36 -20.41 -59.65
CA PRO F 202 -19.01 -20.12 -59.16
C PRO F 202 -17.93 -20.50 -60.14
N LYS F 203 -18.03 -21.66 -60.78
CA LYS F 203 -17.03 -22.06 -61.75
C LYS F 203 -16.97 -21.08 -62.92
N ASP F 204 -18.12 -20.62 -63.39
CA ASP F 204 -18.14 -19.74 -64.54
C ASP F 204 -17.58 -18.38 -64.19
N ILE F 205 -17.95 -17.88 -63.02
CA ILE F 205 -17.42 -16.61 -62.54
C ILE F 205 -15.91 -16.70 -62.42
N ALA F 206 -15.43 -17.82 -61.88
CA ALA F 206 -13.99 -17.98 -61.69
C ALA F 206 -13.27 -18.05 -63.01
N ASN F 207 -13.84 -18.74 -63.99
CA ASN F 207 -13.21 -18.80 -65.30
C ASN F 207 -13.17 -17.42 -65.95
N SER F 208 -14.26 -16.67 -65.80
CA SER F 208 -14.29 -15.30 -66.32
C SER F 208 -13.19 -14.47 -65.68
N PHE F 209 -13.06 -14.57 -64.37
CA PHE F 209 -12.02 -13.82 -63.66
C PHE F 209 -10.64 -14.24 -64.11
N TYR F 210 -10.45 -15.54 -64.33
CA TYR F 210 -9.15 -16.02 -64.80
C TYR F 210 -8.81 -15.42 -66.14
N GLU F 211 -9.77 -15.39 -67.06
CA GLU F 211 -9.55 -14.77 -68.35
C GLU F 211 -9.16 -13.31 -68.19
N VAL F 212 -9.91 -12.60 -67.34
CA VAL F 212 -9.68 -11.17 -67.17
C VAL F 212 -8.28 -10.91 -66.64
N PHE F 213 -7.88 -11.67 -65.62
CA PHE F 213 -6.57 -11.44 -65.03
C PHE F 213 -5.46 -11.92 -65.94
N GLU F 214 -5.72 -12.93 -66.76
CA GLU F 214 -4.69 -13.40 -67.67
C GLU F 214 -4.43 -12.39 -68.76
N LYS F 215 -5.48 -11.72 -69.23
CA LYS F 215 -5.29 -10.73 -70.29
C LYS F 215 -4.85 -9.39 -69.74
N HIS F 216 -5.75 -8.69 -69.05
CA HIS F 216 -5.43 -7.33 -68.53
C HIS F 216 -4.92 -7.45 -67.09
N PRO F 217 -3.64 -7.16 -66.82
CA PRO F 217 -3.06 -7.38 -65.48
C PRO F 217 -3.28 -6.22 -64.52
N HIS F 218 -3.35 -5.01 -65.06
CA HIS F 218 -3.44 -3.81 -64.21
C HIS F 218 -4.64 -3.87 -63.26
N PHE F 219 -5.71 -4.55 -63.67
CA PHE F 219 -6.83 -4.78 -62.79
C PHE F 219 -6.41 -5.52 -61.51
N ILE F 220 -5.31 -6.26 -61.55
CA ILE F 220 -4.81 -6.92 -60.36
C ILE F 220 -4.48 -5.89 -59.30
N ASP F 221 -3.61 -4.94 -59.66
CA ASP F 221 -3.22 -3.89 -58.72
C ASP F 221 -4.43 -3.09 -58.28
N VAL F 222 -5.35 -2.85 -59.21
CA VAL F 222 -6.58 -2.14 -58.88
C VAL F 222 -7.32 -2.86 -57.76
N PHE F 223 -7.63 -4.13 -57.98
CA PHE F 223 -8.39 -4.92 -57.02
C PHE F 223 -7.66 -5.02 -55.69
N VAL F 224 -6.33 -5.10 -55.75
CA VAL F 224 -5.54 -5.21 -54.53
C VAL F 224 -5.72 -3.97 -53.68
N HIS F 225 -5.42 -2.81 -54.25
CA HIS F 225 -5.53 -1.58 -53.48
C HIS F 225 -6.96 -1.34 -53.04
N PHE F 226 -7.93 -1.79 -53.85
CA PHE F 226 -9.33 -1.63 -53.46
C PHE F 226 -9.63 -2.44 -52.21
N GLY F 227 -9.20 -3.70 -52.19
CA GLY F 227 -9.44 -4.53 -51.03
C GLY F 227 -8.74 -3.98 -49.80
N ILE F 228 -7.54 -3.45 -49.98
CA ILE F 228 -6.80 -2.90 -48.86
C ILE F 228 -7.55 -1.72 -48.28
N ALA F 229 -8.03 -0.84 -49.14
CA ALA F 229 -8.75 0.33 -48.66
C ALA F 229 -10.05 -0.07 -47.98
N GLN F 230 -10.75 -1.06 -48.53
CA GLN F 230 -12.01 -1.48 -47.94
C GLN F 230 -11.77 -2.10 -46.58
N SER F 231 -10.67 -2.82 -46.43
CA SER F 231 -10.39 -3.46 -45.15
C SER F 231 -10.10 -2.43 -44.08
N SER F 232 -9.37 -1.37 -44.44
CA SER F 232 -9.00 -0.36 -43.46
C SER F 232 -10.21 0.36 -42.92
N THR F 233 -11.23 0.56 -43.75
CA THR F 233 -12.47 1.10 -43.25
C THR F 233 -13.13 0.13 -42.29
N ARG F 234 -14.13 0.62 -41.60
CA ARG F 234 -14.89 -0.15 -40.64
C ARG F 234 -16.38 -0.10 -40.93
N GLY F 235 -16.87 0.99 -41.48
CA GLY F 235 -18.29 1.11 -41.76
C GLY F 235 -18.72 0.12 -42.81
N GLY F 236 -19.42 -0.94 -42.41
CA GLY F 236 -19.77 -1.98 -43.40
C GLY F 236 -20.90 -2.89 -42.95
N SER F 237 -21.07 -4.03 -43.62
CA SER F 237 -22.14 -4.99 -43.27
C SER F 237 -21.53 -6.37 -43.04
N ARG F 238 -22.36 -7.42 -43.03
CA ARG F 238 -21.84 -8.81 -42.89
C ARG F 238 -20.97 -9.12 -44.10
N VAL F 239 -21.48 -8.87 -45.32
CA VAL F 239 -20.72 -9.19 -46.57
C VAL F 239 -19.36 -8.48 -46.56
N GLU F 240 -19.30 -7.27 -46.00
CA GLU F 240 -18.03 -6.49 -45.98
C GLU F 240 -17.03 -7.17 -45.04
N GLY F 241 -17.46 -7.56 -43.83
CA GLY F 241 -16.57 -8.30 -42.92
C GLY F 241 -16.12 -9.60 -43.56
N ILE F 242 -17.05 -10.34 -44.16
CA ILE F 242 -16.72 -11.57 -44.88
C ILE F 242 -15.65 -11.28 -45.91
N PHE F 243 -15.87 -10.26 -46.74
CA PHE F 243 -14.94 -9.95 -47.81
C PHE F 243 -13.56 -9.62 -47.26
N ALA F 244 -13.51 -8.88 -46.17
CA ALA F 244 -12.23 -8.48 -45.63
C ALA F 244 -11.47 -9.67 -45.08
N GLY F 245 -12.18 -10.55 -44.36
CA GLY F 245 -11.54 -11.75 -43.86
C GLY F 245 -11.00 -12.60 -45.00
N LEU F 246 -11.77 -12.72 -46.07
CA LEU F 246 -11.35 -13.52 -47.22
C LEU F 246 -10.12 -12.92 -47.87
N PHE F 247 -10.14 -11.61 -48.07
CA PHE F 247 -9.03 -10.93 -48.73
C PHE F 247 -7.76 -11.07 -47.92
N MET F 248 -7.86 -10.82 -46.61
CA MET F 248 -6.69 -10.92 -45.76
C MET F 248 -6.20 -12.36 -45.63
N ASN F 249 -7.08 -13.34 -45.84
CA ASN F 249 -6.61 -14.72 -45.78
C ASN F 249 -5.60 -15.03 -46.88
N ALA F 250 -5.60 -14.26 -47.96
CA ALA F 250 -4.66 -14.46 -49.05
C ALA F 250 -3.39 -13.65 -48.87
N TYR F 251 -3.12 -13.18 -47.67
CA TYR F 251 -1.86 -12.51 -47.40
C TYR F 251 -0.74 -13.52 -47.35
N GLY F 252 0.41 -13.14 -47.89
CA GLY F 252 1.57 -14.00 -47.82
C GLY F 252 1.43 -15.28 -48.61
N ALA F 253 1.36 -15.15 -49.92
CA ALA F 253 1.39 -16.29 -50.83
C ALA F 253 2.79 -16.45 -51.40
N GLY F 254 3.13 -17.69 -51.75
CA GLY F 254 4.48 -17.98 -52.21
C GLY F 254 5.52 -17.69 -51.16
N GLN F 255 5.17 -17.78 -49.89
CA GLN F 255 6.08 -17.56 -48.79
C GLN F 255 5.89 -18.59 -47.68
N VAL F 256 5.17 -19.67 -47.96
CA VAL F 256 4.77 -20.62 -46.93
C VAL F 256 5.98 -21.28 -46.29
N MET F 257 7.06 -21.41 -47.05
CA MET F 257 8.22 -22.15 -46.55
C MET F 257 8.85 -21.46 -45.36
N LEU F 258 8.79 -20.13 -45.33
CA LEU F 258 9.34 -19.40 -44.19
C LEU F 258 8.60 -19.77 -42.91
N ARG F 259 7.29 -19.77 -42.99
CA ARG F 259 6.49 -20.04 -41.81
C ARG F 259 6.63 -21.49 -41.38
N TRP F 260 6.74 -22.40 -42.34
CA TRP F 260 6.98 -23.79 -41.99
C TRP F 260 8.35 -23.98 -41.36
N GLY F 261 9.33 -23.17 -41.78
CA GLY F 261 10.62 -23.24 -41.15
C GLY F 261 10.57 -22.75 -39.72
N VAL F 262 9.83 -21.67 -39.49
CA VAL F 262 9.61 -21.19 -38.13
C VAL F 262 8.95 -22.28 -37.30
N LEU F 263 8.03 -23.02 -37.92
CA LEU F 263 7.36 -24.10 -37.23
C LEU F 263 8.35 -25.16 -36.78
N ALA F 264 9.16 -25.64 -37.71
CA ALA F 264 10.13 -26.68 -37.38
C ALA F 264 11.14 -26.17 -36.36
N LYS F 265 11.40 -24.87 -36.35
CA LYS F 265 12.24 -24.30 -35.31
C LYS F 265 11.56 -24.43 -33.96
N SER F 266 10.30 -23.98 -33.88
CA SER F 266 9.58 -24.00 -32.62
C SER F 266 9.38 -25.41 -32.09
N VAL F 267 9.44 -26.42 -32.97
CA VAL F 267 9.36 -27.80 -32.52
C VAL F 267 10.70 -28.34 -32.04
N LYS F 268 11.80 -27.62 -32.33
CA LYS F 268 13.14 -28.06 -31.97
C LYS F 268 13.48 -29.40 -32.63
N ASN F 269 13.52 -29.37 -33.96
CA ASN F 269 13.95 -30.54 -34.70
C ASN F 269 15.46 -30.69 -34.55
N ILE F 270 15.85 -31.90 -34.13
CA ILE F 270 17.25 -32.17 -33.80
C ILE F 270 18.17 -31.98 -34.98
N MET F 271 17.67 -32.17 -36.20
CA MET F 271 18.54 -32.26 -37.36
C MET F 271 19.23 -30.95 -37.70
N LEU F 272 18.79 -29.83 -37.12
CA LEU F 272 19.40 -28.55 -37.44
C LEU F 272 20.78 -28.37 -36.81
N GLY F 273 21.21 -29.29 -35.96
CA GLY F 273 22.59 -29.27 -35.52
C GLY F 273 23.57 -29.68 -36.59
N HIS F 274 23.09 -30.17 -37.72
CA HIS F 274 23.96 -30.58 -38.81
C HIS F 274 24.74 -29.39 -39.35
N ALA F 275 26.03 -29.62 -39.60
CA ALA F 275 26.90 -28.56 -40.09
C ALA F 275 26.42 -28.03 -41.43
N SER F 276 25.84 -28.90 -42.26
CA SER F 276 25.42 -28.53 -43.60
C SER F 276 24.31 -27.49 -43.63
N VAL F 277 23.71 -27.17 -42.48
CA VAL F 277 22.69 -26.12 -42.38
C VAL F 277 23.17 -25.07 -41.39
N GLN F 278 24.01 -25.46 -40.43
CA GLN F 278 24.65 -24.47 -39.58
C GLN F 278 25.48 -23.51 -40.40
N ALA F 279 26.00 -23.96 -41.53
CA ALA F 279 26.68 -23.07 -42.46
C ALA F 279 25.73 -22.01 -43.00
N GLU F 280 24.66 -22.43 -43.67
CA GLU F 280 23.74 -21.53 -44.35
C GLU F 280 22.93 -20.67 -43.39
N MET F 281 22.98 -20.95 -42.09
CA MET F 281 22.36 -20.16 -41.04
C MET F 281 22.50 -18.66 -41.25
N GLU F 282 23.70 -18.21 -41.63
CA GLU F 282 23.96 -16.79 -41.76
C GLU F 282 23.08 -16.15 -42.83
N GLN F 283 23.11 -16.71 -44.03
CA GLN F 283 22.36 -16.13 -45.13
C GLN F 283 20.85 -16.22 -44.87
N VAL F 284 20.39 -17.31 -44.28
CA VAL F 284 18.96 -17.41 -44.04
C VAL F 284 18.54 -16.38 -43.00
N VAL F 285 19.39 -16.14 -42.01
CA VAL F 285 19.14 -15.08 -41.04
C VAL F 285 19.04 -13.74 -41.75
N GLU F 286 19.93 -13.51 -42.71
CA GLU F 286 19.97 -12.22 -43.36
C GLU F 286 18.70 -11.96 -44.15
N VAL F 287 18.23 -12.98 -44.87
CA VAL F 287 17.00 -12.78 -45.63
C VAL F 287 15.81 -12.62 -44.69
N TYR F 288 15.82 -13.30 -43.55
CA TYR F 288 14.74 -13.10 -42.58
C TYR F 288 14.74 -11.67 -42.08
N GLU F 289 15.92 -11.12 -41.84
CA GLU F 289 16.01 -9.73 -41.40
C GLU F 289 15.51 -8.80 -42.48
N TYR F 290 15.81 -9.12 -43.74
CA TYR F 290 15.34 -8.29 -44.85
C TYR F 290 13.82 -8.27 -44.88
N ALA F 291 13.21 -9.44 -44.71
CA ALA F 291 11.76 -9.51 -44.71
C ALA F 291 11.18 -8.74 -43.54
N GLN F 292 11.79 -8.87 -42.37
CA GLN F 292 11.32 -8.12 -41.21
C GLN F 292 11.42 -6.63 -41.43
N LYS F 293 12.46 -6.20 -42.16
CA LYS F 293 12.62 -4.79 -42.44
C LYS F 293 11.54 -4.30 -43.38
N LEU F 294 11.27 -5.06 -44.44
CA LEU F 294 10.22 -4.66 -45.37
C LEU F 294 8.87 -4.65 -44.68
N GLY F 295 8.66 -5.57 -43.75
CA GLY F 295 7.45 -5.58 -42.96
C GLY F 295 6.18 -5.80 -43.74
N GLY F 296 5.37 -4.75 -43.83
CA GLY F 296 4.02 -4.88 -44.35
C GLY F 296 3.94 -5.35 -45.79
N GLU F 297 4.41 -4.53 -46.71
CA GLU F 297 4.31 -4.83 -48.13
C GLU F 297 5.34 -5.90 -48.48
N ALA F 298 5.04 -7.12 -48.07
CA ALA F 298 5.91 -8.27 -48.30
C ALA F 298 5.14 -9.46 -48.84
N GLY F 299 3.87 -9.60 -48.44
CA GLY F 299 3.13 -10.78 -48.79
C GLY F 299 2.51 -10.75 -50.16
N PHE F 300 2.33 -9.56 -50.73
CA PHE F 300 1.67 -9.39 -52.00
C PHE F 300 2.63 -9.38 -53.18
N TYR F 301 3.91 -9.64 -52.95
CA TYR F 301 4.87 -9.57 -54.05
C TYR F 301 4.63 -10.68 -55.06
N HIS F 302 4.59 -11.93 -54.58
CA HIS F 302 4.42 -13.06 -55.49
C HIS F 302 3.08 -13.01 -56.21
N ILE F 303 2.12 -12.26 -55.68
CA ILE F 303 0.87 -12.05 -56.41
C ILE F 303 1.17 -11.38 -57.74
N LEU F 304 2.12 -10.47 -57.75
CA LEU F 304 2.49 -9.70 -58.92
C LEU F 304 3.73 -10.31 -59.56
N ASN F 305 4.14 -9.69 -60.66
CA ASN F 305 5.41 -9.99 -61.31
C ASN F 305 6.52 -9.12 -60.76
N ASN F 306 6.40 -8.67 -59.52
CA ASN F 306 7.43 -7.82 -58.94
C ASN F 306 8.75 -8.59 -58.87
N PRO F 307 9.83 -8.05 -59.40
CA PRO F 307 11.03 -8.87 -59.60
C PRO F 307 11.77 -9.17 -58.32
N LYS F 308 11.46 -8.49 -57.23
CA LYS F 308 12.21 -8.61 -55.99
C LYS F 308 11.76 -9.80 -55.16
N ALA F 309 10.81 -10.59 -55.65
CA ALA F 309 10.31 -11.71 -54.86
C ALA F 309 11.25 -12.90 -54.90
N SER F 310 12.05 -13.01 -55.96
CA SER F 310 12.94 -14.15 -56.10
C SER F 310 13.94 -14.25 -54.96
N LEU F 311 14.21 -13.14 -54.28
CA LEU F 311 15.09 -13.18 -53.12
C LEU F 311 14.54 -14.09 -52.05
N LEU F 312 13.24 -14.03 -51.82
CA LEU F 312 12.59 -14.70 -50.71
C LEU F 312 12.19 -16.12 -51.06
N SER F 313 13.17 -16.89 -51.54
CA SER F 313 12.97 -18.30 -51.83
C SER F 313 14.16 -19.05 -51.28
N LEU F 314 13.91 -19.96 -50.35
CA LEU F 314 14.94 -20.78 -49.75
C LEU F 314 15.21 -22.05 -50.55
N THR F 315 14.71 -22.12 -51.78
CA THR F 315 15.05 -23.24 -52.64
C THR F 315 16.54 -23.28 -52.92
N GLN F 316 17.19 -22.12 -52.93
CA GLN F 316 18.64 -22.08 -53.11
C GLN F 316 19.41 -22.59 -51.91
N PHE F 317 18.74 -22.79 -50.77
CA PHE F 317 19.35 -23.39 -49.59
C PHE F 317 18.82 -24.82 -49.46
N PRO F 318 19.42 -25.77 -50.17
CA PRO F 318 18.77 -27.07 -50.33
C PRO F 318 18.63 -27.85 -49.03
N HIS F 319 19.65 -27.83 -48.19
CA HIS F 319 19.61 -28.60 -46.97
C HIS F 319 18.51 -28.09 -46.05
N PHE F 320 18.45 -26.77 -45.86
CA PHE F 320 17.41 -26.18 -45.03
C PHE F 320 16.03 -26.47 -45.59
N SER F 321 15.86 -26.31 -46.89
CA SER F 321 14.57 -26.56 -47.50
C SER F 321 14.14 -28.01 -47.29
N SER F 322 15.07 -28.94 -47.48
CA SER F 322 14.73 -30.34 -47.39
C SER F 322 14.38 -30.73 -45.97
N VAL F 323 15.11 -30.22 -44.98
CA VAL F 323 14.81 -30.59 -43.61
C VAL F 323 13.47 -30.02 -43.19
N VAL F 324 13.17 -28.79 -43.62
CA VAL F 324 11.88 -28.21 -43.26
C VAL F 324 10.75 -29.00 -43.90
N LEU F 325 10.93 -29.41 -45.15
CA LEU F 325 9.91 -30.20 -45.83
C LEU F 325 9.68 -31.52 -45.11
N GLY F 326 10.77 -32.19 -44.74
CA GLY F 326 10.63 -33.46 -44.05
C GLY F 326 9.94 -33.30 -42.71
N ASN F 327 10.24 -32.22 -42.00
CA ASN F 327 9.60 -31.97 -40.72
C ASN F 327 8.11 -31.76 -40.90
N ALA F 328 7.73 -30.88 -41.82
CA ALA F 328 6.32 -30.60 -42.01
C ALA F 328 5.56 -31.81 -42.49
N ALA F 329 6.19 -32.65 -43.31
CA ALA F 329 5.51 -33.85 -43.77
C ALA F 329 5.38 -34.87 -42.66
N GLY F 330 6.39 -34.93 -41.78
CA GLY F 330 6.27 -35.79 -40.62
C GLY F 330 5.17 -35.34 -39.68
N LEU F 331 4.88 -34.04 -39.67
CA LEU F 331 3.73 -33.56 -38.92
C LEU F 331 2.41 -33.86 -39.60
N GLY F 332 2.42 -34.35 -40.84
CA GLY F 332 1.20 -34.72 -41.51
C GLY F 332 0.30 -33.54 -41.78
N ILE F 333 0.87 -32.47 -42.34
CA ILE F 333 0.09 -31.30 -42.75
C ILE F 333 0.37 -30.88 -44.17
N MET F 334 1.51 -31.23 -44.75
CA MET F 334 1.81 -30.93 -46.14
C MET F 334 0.93 -31.83 -47.00
N GLY F 335 -0.30 -31.38 -47.22
CA GLY F 335 -1.29 -32.18 -47.91
C GLY F 335 -0.89 -32.56 -49.32
N GLU F 336 -0.81 -31.59 -50.21
CA GLU F 336 -0.53 -31.84 -51.62
C GLU F 336 0.42 -30.81 -52.18
N TYR F 337 1.25 -30.21 -51.35
CA TYR F 337 2.19 -29.20 -51.81
C TYR F 337 3.19 -29.85 -52.74
N ARG F 338 3.07 -29.56 -54.04
CA ARG F 338 3.92 -30.17 -55.05
C ARG F 338 5.30 -29.51 -55.04
N GLY F 339 6.02 -29.79 -53.95
CA GLY F 339 7.40 -29.40 -53.82
C GLY F 339 8.32 -30.60 -53.93
N THR F 340 9.60 -30.33 -53.68
CA THR F 340 10.60 -31.38 -53.72
C THR F 340 11.76 -30.97 -52.84
N PRO F 341 12.38 -31.91 -52.10
CA PRO F 341 13.62 -31.58 -51.40
C PRO F 341 14.84 -31.86 -52.28
N ARG F 342 16.02 -31.66 -51.71
CA ARG F 342 17.28 -32.02 -52.37
C ARG F 342 17.99 -33.15 -51.64
N ASN F 343 18.25 -32.99 -50.36
CA ASN F 343 18.86 -34.04 -49.54
C ASN F 343 17.75 -34.95 -49.06
N GLN F 344 17.46 -35.96 -49.86
CA GLN F 344 16.42 -36.92 -49.53
C GLN F 344 16.70 -37.61 -48.20
N ASP F 345 17.97 -37.81 -47.88
CA ASP F 345 18.33 -38.45 -46.62
C ASP F 345 17.90 -37.60 -45.44
N LEU F 346 18.24 -36.31 -45.49
CA LEU F 346 17.84 -35.40 -44.42
C LEU F 346 16.32 -35.30 -44.33
N TYR F 347 15.66 -35.26 -45.50
CA TYR F 347 14.20 -35.21 -45.52
C TYR F 347 13.60 -36.39 -44.78
N ASP F 348 14.02 -37.60 -45.16
CA ASP F 348 13.48 -38.81 -44.54
C ASP F 348 13.83 -38.86 -43.07
N ALA F 349 15.03 -38.41 -42.70
CA ALA F 349 15.45 -38.46 -41.32
C ALA F 349 14.58 -37.56 -40.46
N ALA F 350 14.35 -36.33 -40.92
CA ALA F 350 13.53 -35.42 -40.15
C ALA F 350 12.09 -35.92 -40.06
N LYS F 351 11.58 -36.49 -41.15
CA LYS F 351 10.23 -37.02 -41.11
C LYS F 351 10.11 -38.15 -40.09
N ALA F 352 11.08 -39.05 -40.09
CA ALA F 352 11.07 -40.15 -39.14
C ALA F 352 11.15 -39.62 -37.71
N TYR F 353 11.99 -38.61 -37.48
CA TYR F 353 12.11 -38.04 -36.15
C TYR F 353 10.78 -37.46 -35.70
N ALA F 354 10.12 -36.72 -36.59
CA ALA F 354 8.88 -36.06 -36.22
C ALA F 354 7.79 -37.07 -35.91
N GLU F 355 7.59 -38.04 -36.80
CA GLU F 355 6.54 -39.02 -36.56
C GLU F 355 6.85 -39.86 -35.33
N GLN F 356 8.13 -40.11 -35.04
CA GLN F 356 8.48 -40.76 -33.79
C GLN F 356 8.12 -39.89 -32.61
N LEU F 357 8.31 -38.59 -32.75
CA LEU F 357 8.12 -37.66 -31.64
C LEU F 357 6.65 -37.37 -31.37
N LYS F 358 5.78 -37.55 -32.36
CA LYS F 358 4.38 -37.24 -32.14
C LYS F 358 3.65 -38.37 -31.43
N GLU F 359 3.88 -39.61 -31.87
CA GLU F 359 3.13 -40.74 -31.33
C GLU F 359 3.36 -40.91 -29.84
N ASN F 360 4.59 -40.67 -29.39
CA ASN F 360 4.94 -40.72 -27.98
C ASN F 360 4.71 -39.39 -27.27
N GLY F 361 3.93 -38.49 -27.88
CA GLY F 361 3.68 -37.20 -27.28
C GLY F 361 2.83 -37.36 -26.03
N VAL F 362 3.32 -36.88 -24.90
CA VAL F 362 2.58 -36.95 -23.66
C VAL F 362 1.34 -36.07 -23.75
#